data_8ESK
#
_entry.id   8ESK
#
_cell.length_a   1.00
_cell.length_b   1.00
_cell.length_c   1.00
_cell.angle_alpha   90.00
_cell.angle_beta   90.00
_cell.angle_gamma   90.00
#
_symmetry.space_group_name_H-M   'P 1'
#
loop_
_entity.id
_entity.type
_entity.pdbx_description
1 polymer 'Acetylcholine receptor subunit alpha'
2 polymer 'Acetylcholine receptor subunit delta'
3 polymer 'Acetylcholine receptor subunit beta'
4 polymer 'Acetylcholine receptor subunit gamma'
5 branched alpha-D-mannopyranose-(1-3)-[alpha-D-mannopyranose-(1-6)]alpha-D-mannopyranose-(1-6)-[alpha-D-mannopyranose-(1-3)]beta-D-mannopyranose-(1-4)-2-acetamido-2-deoxy-beta-D-glucopyranose-(1-4)-2-acetamido-2-deoxy-beta-D-glucopyranose
6 branched beta-D-mannopyranose-(1-4)-2-acetamido-2-deoxy-beta-D-glucopyranose-(1-4)-2-acetamido-2-deoxy-beta-D-glucopyranose
7 branched 2-acetamido-2-deoxy-beta-D-glucopyranose-(1-4)-2-acetamido-2-deoxy-beta-D-glucopyranose
8 branched alpha-D-mannopyranose-(1-6)-alpha-D-mannopyranose-(1-6)-beta-D-mannopyranose-(1-4)-2-acetamido-2-deoxy-beta-D-glucopyranose-(1-4)-2-acetamido-2-deoxy-beta-D-glucopyranose
9 non-polymer rocuronium
10 non-polymer '(2S)-3-(hexadecanoyloxy)-2-[(9Z)-octadec-9-enoyloxy]propyl 2-(trimethylammonio)ethyl phosphate'
11 non-polymer CHOLESTEROL
12 non-polymer 2-acetamido-2-deoxy-beta-D-glucopyranose
#
loop_
_entity_poly.entity_id
_entity_poly.type
_entity_poly.pdbx_seq_one_letter_code
_entity_poly.pdbx_strand_id
1 'polypeptide(L)'
;SEHETRLVANLLENYNKVIRPVEHHTHFVDITVGLQLIQLISVDEVNQIVETNVRLRQQWIDVRLRWNPADYGGIKKIRL
PSDDVWLPDLVLYNNADGDFAIVHMTKLLLDYTGKIMWTPPAIFKSYCEIIVTHFPFDQQNCTMKLGIWTYDGTKVSISP
ESDRPDLSTFMESGEWVMKDYRGWKHWVYYTCCPDTPYLDITYHFIMQRIPLYFVVNVIIPCLLFSFLTGLVFYLPTDSG
EKMTLSISVLLSLTVFLLVIVELIPSTSSAVPLIGKYMLFTMIFVISSIIITVVVINTHHRSPSTHTMPQWVRKIFIDTI
PNVMFFSTMKRASKEKQENKIFADDIDISDISGKQVTGEVIFQTPLIKNPDVKSAIEGVKYIAEHMKSDEESSNAAEEWK
YVAMVIDHILLCVFMLICIIGTVSVFAGRLIELSQEG
;
A,D
2 'polypeptide(L)'
;VNEEERLINDLLIVNKYNKHVRPVKHNNEVVNIALSLTLSNLISLKETDETLTSNVWMDHAWYDHRLTWNASEYSDISIL
RLPPELVWIPDIVLQNNNDGQYHVAYFCNVLVRPNGYVTWLPPAIFRSSCPINVLYFPFDWQNCSLKFTALNYDANEITM
DLMTDTIDGKDYPIEWIIIDPEAFTENGEWEIIHKPAKKNIYPDKFPNGTNYQDVTFYLIIRRKPLFYVINFITPCVLIS
FLASLAFYLPAESGEKMSTAISVLLAQAVFLLLTSQRLPETALAVPLIGKYLMFIMSLVTGVIVNCGIVLNFHFRTPSTH
VLSTRVKQIFLEKLPRILHMSRADESEQPDWQNDLKLRRSSSVGYISKAQEYFNIKSRSELMFEKQSERHGLVPRVTPRI
GFGNNNENIAASDQLHDEIKSGIDSTNYIVKQIKEKNAYDEEVGNWNLVGQTIDRLSMFIITPVMVLGTIFIFVMGNFNH
PPAKPFEGDPFDYSSDHPRCA
;
B
3 'polypeptide(L)'
;SVMEDTLLSVLFETYNPKVRPAQTVGDKVTVRVGLTLTNLLILNEKIEEMTTNVFLNLAWTDYRLQWDPAAYEGIKDLRI
PSSDVWQPDIVLMNNNDGSFEITLHVNVLVQHTGAVSWQPSAIYRSSCTIKVMYFPFDWQNCTMVFKSYTYDTSEVTLQH
ALDAKGEREVKEIVINKDAFTENGQWSIEHKPSRKNWRSDDPSYEDVTFYLIIQRKPLFYIVYTIIPCILISILAILVFY
LPPDAGEKMSLSISALLAVTVFLLLLADKVPETSLSVPIIIRYLMFIMILVAFSVILSVVVLNLHHRSPNTHTMPNWIRQ
IFIETLPPFLWIQRPVTTPSPDSKPTIISRANDEYFIRKPAGDFVCPVDNARVAVQPERLFSEMKWHLNGLTQPVTLPQD
LKEAVEAIKYIAEQLESASEFDDLKKDWQYVAMVADRLFLYVFFVICSIGTFSIFLDASHNVPPDNPFA
;
C
4 'polypeptide(L)'
;ENEEGRLIEKLLGDYDKRIIPAKTLDHIIDVTLKLTLTNLISLNEKEEALTTNVWIEIQWNDYRLSWNTSEYEGIDLVRI
PSELLWLPDVVLENNVDGQFEVAYYANVLVYNDGSMYWLPPAIYRSTCPIAVTYFPFDWQNCSLVFRSQTYNAHEVNLQL
SAEEGEAVEWIHIDPEDFTENGEWTIRHRPAKKNYNWQLTKDDTDFQEIIFFLIIQRKPLFYIINIIAPCVLISSLVVLV
YFLPAQAGGQKCTLSISVLLAQTIFLFLIAQKVPETSLNVPLIGKYLIFVMFVSMLIVMNCVIVLNVSLRTPNTHSLSEK
IKHLFLGFLPKYLGMQLEPSEETPEKPQPRRRSSFGIMIKAEEYILKKPRSELMFEEQKDRHGLKRVNKMTSDIDIGTTV
DLYKDLANFAPEIKSCVEACNFIAKSTKEQNDSGSENENWVLIGKVIDKACFWIALLLFSIGTLAIFLTGHFNQVPEFPF
PGDPRKYVP
;
E
#
# COMPACT_ATOMS: atom_id res chain seq x y z
N SER A 1 -45.35 -32.20 2.57
CA SER A 1 -46.35 -33.07 1.90
C SER A 1 -46.04 -34.54 2.18
N GLU A 2 -47.06 -35.28 2.61
CA GLU A 2 -46.86 -36.71 2.87
C GLU A 2 -46.52 -37.46 1.58
N HIS A 3 -47.15 -37.08 0.47
CA HIS A 3 -46.84 -37.72 -0.79
C HIS A 3 -45.37 -37.53 -1.16
N GLU A 4 -44.88 -36.31 -1.05
CA GLU A 4 -43.50 -36.02 -1.43
C GLU A 4 -42.53 -36.65 -0.44
N THR A 5 -42.88 -36.69 0.85
CA THR A 5 -42.04 -37.35 1.82
C THR A 5 -41.89 -38.83 1.49
N ARG A 6 -43.00 -39.50 1.16
CA ARG A 6 -42.92 -40.90 0.78
C ARG A 6 -42.10 -41.08 -0.48
N LEU A 7 -42.29 -40.19 -1.46
CA LEU A 7 -41.54 -40.31 -2.71
C LEU A 7 -40.04 -40.20 -2.45
N VAL A 8 -39.63 -39.21 -1.66
CA VAL A 8 -38.21 -39.01 -1.40
C VAL A 8 -37.65 -40.18 -0.61
N ALA A 9 -38.43 -40.71 0.33
CA ALA A 9 -37.98 -41.88 1.07
C ALA A 9 -37.76 -43.06 0.15
N ASN A 10 -38.67 -43.28 -0.80
CA ASN A 10 -38.54 -44.43 -1.70
C ASN A 10 -37.41 -44.25 -2.71
N LEU A 11 -37.17 -43.03 -3.18
CA LEU A 11 -36.18 -42.83 -4.22
C LEU A 11 -34.77 -43.16 -3.74
N LEU A 12 -34.43 -42.80 -2.51
CA LEU A 12 -33.06 -42.91 -2.01
C LEU A 12 -32.85 -44.10 -1.09
N GLU A 13 -33.80 -45.02 -1.01
CA GLU A 13 -33.64 -46.15 -0.10
C GLU A 13 -32.49 -47.06 -0.51
N ASN A 14 -32.39 -47.38 -1.80
CA ASN A 14 -31.34 -48.25 -2.33
C ASN A 14 -30.48 -47.52 -3.35
N TYR A 15 -30.25 -46.24 -3.13
CA TYR A 15 -29.53 -45.40 -4.07
C TYR A 15 -28.09 -45.24 -3.60
N ASN A 16 -27.14 -45.63 -4.44
CA ASN A 16 -25.72 -45.46 -4.16
C ASN A 16 -25.23 -44.28 -4.98
N LYS A 17 -24.75 -43.24 -4.30
CA LYS A 17 -24.38 -42.00 -4.98
C LYS A 17 -22.98 -42.03 -5.56
N VAL A 18 -22.24 -43.12 -5.40
CA VAL A 18 -20.91 -43.23 -6.01
C VAL A 18 -20.95 -43.92 -7.35
N ILE A 19 -22.05 -44.58 -7.70
CA ILE A 19 -22.17 -45.27 -8.97
C ILE A 19 -22.70 -44.31 -10.03
N ARG A 20 -22.17 -44.42 -11.23
CA ARG A 20 -22.66 -43.62 -12.35
C ARG A 20 -24.10 -44.00 -12.68
N PRO A 21 -24.91 -43.04 -13.16
CA PRO A 21 -26.29 -43.35 -13.55
C PRO A 21 -26.41 -43.92 -14.95
N VAL A 22 -25.99 -45.16 -15.13
CA VAL A 22 -26.07 -45.85 -16.42
C VAL A 22 -26.70 -47.22 -16.19
N GLU A 23 -27.52 -47.67 -17.14
CA GLU A 23 -28.12 -48.98 -17.03
C GLU A 23 -27.08 -50.09 -17.17
N HIS A 24 -26.11 -49.91 -18.06
CA HIS A 24 -25.03 -50.86 -18.25
C HIS A 24 -23.73 -50.08 -18.20
N HIS A 25 -22.70 -50.66 -17.58
CA HIS A 25 -21.47 -49.91 -17.33
C HIS A 25 -20.73 -49.52 -18.60
N THR A 26 -21.06 -50.08 -19.77
CA THR A 26 -20.40 -49.64 -21.00
C THR A 26 -21.02 -48.38 -21.58
N HIS A 27 -22.21 -47.98 -21.14
CA HIS A 27 -22.81 -46.75 -21.61
C HIS A 27 -22.14 -45.54 -20.93
N PHE A 28 -22.49 -44.37 -21.42
CA PHE A 28 -21.99 -43.11 -20.87
C PHE A 28 -23.14 -42.19 -20.51
N VAL A 29 -22.92 -41.38 -19.49
CA VAL A 29 -23.86 -40.34 -19.09
C VAL A 29 -23.61 -39.11 -19.94
N ASP A 30 -24.66 -38.57 -20.54
CA ASP A 30 -24.57 -37.38 -21.36
C ASP A 30 -24.97 -36.17 -20.52
N ILE A 31 -24.06 -35.21 -20.39
CA ILE A 31 -24.27 -34.02 -19.57
C ILE A 31 -24.22 -32.81 -20.48
N THR A 32 -25.24 -31.96 -20.37
CA THR A 32 -25.31 -30.71 -21.12
C THR A 32 -24.83 -29.60 -20.21
N VAL A 33 -23.70 -28.98 -20.56
CA VAL A 33 -23.07 -27.98 -19.73
C VAL A 33 -23.33 -26.61 -20.34
N GLY A 34 -23.76 -25.67 -19.53
CA GLY A 34 -23.94 -24.30 -19.96
C GLY A 34 -23.36 -23.36 -18.94
N LEU A 35 -22.78 -22.27 -19.42
CA LEU A 35 -22.16 -21.26 -18.57
C LEU A 35 -22.95 -19.97 -18.66
N GLN A 36 -23.33 -19.42 -17.51
CA GLN A 36 -24.06 -18.17 -17.41
C GLN A 36 -23.17 -17.15 -16.70
N LEU A 37 -22.64 -16.19 -17.44
CA LEU A 37 -21.80 -15.15 -16.86
C LEU A 37 -22.68 -14.09 -16.22
N ILE A 38 -22.47 -13.83 -14.93
CA ILE A 38 -23.28 -12.88 -14.19
C ILE A 38 -22.53 -11.58 -13.97
N GLN A 39 -21.22 -11.65 -13.72
CA GLN A 39 -20.45 -10.44 -13.50
C GLN A 39 -18.98 -10.72 -13.74
N LEU A 40 -18.28 -9.74 -14.31
CA LEU A 40 -16.82 -9.78 -14.46
C LEU A 40 -16.24 -8.98 -13.31
N ILE A 41 -15.84 -9.67 -12.24
CA ILE A 41 -15.48 -8.98 -11.00
C ILE A 41 -14.22 -8.14 -11.21
N SER A 42 -13.19 -8.70 -11.83
CA SER A 42 -11.93 -7.98 -11.97
C SER A 42 -11.02 -8.74 -12.91
N VAL A 43 -10.05 -8.00 -13.45
CA VAL A 43 -8.96 -8.57 -14.25
C VAL A 43 -7.65 -8.10 -13.63
N ASP A 44 -6.74 -9.03 -13.40
CA ASP A 44 -5.44 -8.76 -12.78
C ASP A 44 -4.38 -9.00 -13.84
N GLU A 45 -3.84 -7.91 -14.40
CA GLU A 45 -2.89 -8.03 -15.50
C GLU A 45 -1.54 -8.56 -15.00
N VAL A 46 -1.13 -8.18 -13.79
CA VAL A 46 0.17 -8.59 -13.31
C VAL A 46 0.21 -10.10 -13.08
N ASN A 47 -0.80 -10.64 -12.39
CA ASN A 47 -0.85 -12.07 -12.11
C ASN A 47 -1.60 -12.86 -13.16
N GLN A 48 -2.20 -12.19 -14.14
CA GLN A 48 -2.86 -12.87 -15.25
C GLN A 48 -4.08 -13.67 -14.78
N ILE A 49 -4.85 -13.10 -13.87
CA ILE A 49 -5.99 -13.78 -13.26
C ILE A 49 -7.25 -12.97 -13.56
N VAL A 50 -8.27 -13.65 -14.08
CA VAL A 50 -9.57 -13.06 -14.36
C VAL A 50 -10.58 -13.69 -13.42
N GLU A 51 -11.24 -12.87 -12.61
CA GLU A 51 -12.21 -13.34 -11.63
C GLU A 51 -13.62 -13.04 -12.12
N THR A 52 -14.47 -14.06 -12.11
CA THR A 52 -15.82 -13.94 -12.64
C THR A 52 -16.82 -14.59 -11.68
N ASN A 53 -18.03 -14.05 -11.66
CA ASN A 53 -19.15 -14.61 -10.93
C ASN A 53 -20.08 -15.26 -11.94
N VAL A 54 -20.22 -16.58 -11.88
CA VAL A 54 -20.91 -17.34 -12.91
C VAL A 54 -21.88 -18.32 -12.28
N ARG A 55 -22.73 -18.90 -13.13
CA ARG A 55 -23.55 -20.06 -12.79
C ARG A 55 -23.24 -21.16 -13.80
N LEU A 56 -23.03 -22.37 -13.29
CA LEU A 56 -22.65 -23.52 -14.11
C LEU A 56 -23.87 -24.43 -14.26
N ARG A 57 -24.60 -24.30 -15.37
CA ARG A 57 -25.81 -25.06 -15.58
C ARG A 57 -25.46 -26.45 -16.11
N GLN A 58 -25.87 -27.49 -15.37
CA GLN A 58 -25.59 -28.87 -15.73
C GLN A 58 -26.89 -29.65 -15.78
N GLN A 59 -27.08 -30.42 -16.85
CA GLN A 59 -28.28 -31.24 -17.01
C GLN A 59 -27.89 -32.64 -17.45
N TRP A 60 -28.52 -33.64 -16.85
CA TRP A 60 -28.31 -35.03 -17.24
C TRP A 60 -29.52 -35.83 -16.76
N ILE A 61 -29.51 -37.13 -17.07
CA ILE A 61 -30.62 -38.02 -16.73
C ILE A 61 -30.08 -39.10 -15.82
N ASP A 62 -30.74 -39.30 -14.68
CA ASP A 62 -30.44 -40.37 -13.75
C ASP A 62 -31.58 -41.37 -13.82
N VAL A 63 -31.32 -42.52 -14.44
CA VAL A 63 -32.38 -43.51 -14.66
C VAL A 63 -32.91 -44.05 -13.34
N ARG A 64 -32.09 -44.04 -12.29
CA ARG A 64 -32.50 -44.61 -11.02
C ARG A 64 -33.49 -43.73 -10.26
N LEU A 65 -33.74 -42.51 -10.71
CA LEU A 65 -34.60 -41.57 -10.02
C LEU A 65 -35.90 -41.32 -10.77
N ARG A 66 -36.47 -42.37 -11.37
CA ARG A 66 -37.77 -42.27 -11.99
C ARG A 66 -38.86 -42.57 -10.98
N TRP A 67 -40.08 -42.15 -11.32
CA TRP A 67 -41.26 -42.51 -10.53
C TRP A 67 -42.49 -42.19 -11.37
N ASN A 68 -43.61 -42.80 -10.97
CA ASN A 68 -44.87 -42.60 -11.65
C ASN A 68 -45.69 -41.56 -10.90
N PRO A 69 -45.98 -40.40 -11.49
CA PRO A 69 -46.69 -39.37 -10.73
C PRO A 69 -48.03 -39.84 -10.18
N ALA A 70 -48.71 -40.74 -10.88
CA ALA A 70 -50.01 -41.21 -10.42
C ALA A 70 -49.92 -41.87 -9.05
N ASP A 71 -48.78 -42.45 -8.72
CA ASP A 71 -48.62 -43.12 -7.43
C ASP A 71 -48.25 -42.16 -6.30
N TYR A 72 -48.02 -40.89 -6.61
CA TYR A 72 -47.58 -39.92 -5.62
C TYR A 72 -48.38 -38.64 -5.74
N GLY A 73 -49.70 -38.77 -5.88
CA GLY A 73 -50.57 -37.60 -5.89
C GLY A 73 -50.28 -36.61 -6.98
N GLY A 74 -49.72 -37.06 -8.10
CA GLY A 74 -49.50 -36.17 -9.22
C GLY A 74 -48.23 -35.36 -9.18
N ILE A 75 -47.33 -35.63 -8.23
CA ILE A 75 -46.08 -34.88 -8.17
C ILE A 75 -45.26 -35.15 -9.41
N LYS A 76 -44.79 -34.08 -10.05
CA LYS A 76 -43.98 -34.19 -11.25
C LYS A 76 -42.57 -33.66 -11.10
N LYS A 77 -42.30 -32.79 -10.13
CA LYS A 77 -40.96 -32.30 -9.89
C LYS A 77 -40.72 -32.19 -8.39
N ILE A 78 -39.46 -32.33 -7.99
CA ILE A 78 -39.05 -32.12 -6.61
C ILE A 78 -37.68 -31.48 -6.60
N ARG A 79 -37.33 -30.88 -5.47
CA ARG A 79 -36.01 -30.31 -5.25
C ARG A 79 -35.25 -31.18 -4.26
N LEU A 80 -34.04 -31.57 -4.62
CA LEU A 80 -33.25 -32.44 -3.76
C LEU A 80 -31.89 -31.80 -3.48
N PRO A 81 -31.33 -32.02 -2.30
CA PRO A 81 -29.95 -31.58 -2.06
C PRO A 81 -29.00 -32.27 -3.03
N SER A 82 -28.09 -31.48 -3.62
CA SER A 82 -27.15 -32.03 -4.58
C SER A 82 -26.23 -33.06 -3.95
N ASP A 83 -26.05 -33.05 -2.63
CA ASP A 83 -25.21 -34.05 -1.99
C ASP A 83 -25.86 -35.42 -1.92
N ASP A 84 -27.15 -35.52 -2.22
CA ASP A 84 -27.87 -36.77 -2.09
C ASP A 84 -27.77 -37.66 -3.32
N VAL A 85 -27.31 -37.13 -4.45
CA VAL A 85 -27.34 -37.85 -5.72
C VAL A 85 -25.95 -37.77 -6.35
N TRP A 86 -25.73 -38.64 -7.34
CA TRP A 86 -24.50 -38.59 -8.12
C TRP A 86 -24.40 -37.26 -8.85
N LEU A 87 -23.23 -36.65 -8.80
CA LEU A 87 -22.96 -35.41 -9.52
C LEU A 87 -21.74 -35.58 -10.39
N PRO A 88 -21.68 -34.88 -11.52
CA PRO A 88 -20.43 -34.87 -12.30
C PRO A 88 -19.42 -33.90 -11.71
N ASP A 89 -18.18 -34.35 -11.62
CA ASP A 89 -17.09 -33.54 -11.09
C ASP A 89 -16.47 -32.70 -12.20
N LEU A 90 -17.17 -31.61 -12.54
CA LEU A 90 -16.64 -30.64 -13.47
C LEU A 90 -15.60 -29.77 -12.78
N VAL A 91 -14.45 -29.61 -13.41
CA VAL A 91 -13.31 -28.91 -12.83
C VAL A 91 -12.85 -27.83 -13.80
N LEU A 92 -12.56 -26.65 -13.27
CA LEU A 92 -11.97 -25.57 -14.05
C LEU A 92 -10.51 -25.87 -14.27
N TYR A 93 -10.18 -26.36 -15.47
CA TYR A 93 -8.83 -26.84 -15.73
C TYR A 93 -7.79 -25.73 -15.57
N ASN A 94 -8.08 -24.53 -16.08
CA ASN A 94 -7.14 -23.42 -16.00
C ASN A 94 -7.38 -22.53 -14.78
N ASN A 95 -7.87 -23.11 -13.68
CA ASN A 95 -8.01 -22.35 -12.45
C ASN A 95 -6.67 -21.77 -12.04
N ALA A 96 -6.69 -20.52 -11.56
CA ALA A 96 -5.44 -19.86 -11.14
C ALA A 96 -5.20 -20.06 -9.64
N ASP A 97 -6.07 -19.48 -8.81
CA ASP A 97 -5.94 -19.68 -7.37
C ASP A 97 -7.30 -19.77 -6.67
N GLY A 98 -8.35 -20.10 -7.39
CA GLY A 98 -9.67 -20.27 -6.82
C GLY A 98 -9.95 -21.72 -6.49
N ASP A 99 -11.23 -22.06 -6.50
CA ASP A 99 -11.66 -23.43 -6.26
C ASP A 99 -11.74 -24.19 -7.57
N PHE A 100 -11.28 -25.44 -7.55
CA PHE A 100 -11.24 -26.22 -8.78
C PHE A 100 -12.63 -26.68 -9.19
N ALA A 101 -13.44 -27.10 -8.24
CA ALA A 101 -14.78 -27.62 -8.51
C ALA A 101 -15.83 -26.75 -7.82
N ILE A 102 -17.08 -27.18 -7.95
CA ILE A 102 -18.18 -26.48 -7.31
C ILE A 102 -18.12 -26.72 -5.81
N VAL A 103 -18.23 -25.64 -5.03
CA VAL A 103 -18.26 -25.74 -3.59
C VAL A 103 -19.64 -25.45 -3.01
N HIS A 104 -20.46 -24.66 -3.70
CA HIS A 104 -21.81 -24.34 -3.23
C HIS A 104 -22.73 -25.47 -3.65
N MET A 105 -23.03 -26.37 -2.72
CA MET A 105 -23.86 -27.54 -3.03
C MET A 105 -25.33 -27.16 -2.87
N THR A 106 -25.81 -26.39 -3.84
CA THR A 106 -27.19 -25.96 -3.87
C THR A 106 -28.10 -27.12 -4.26
N LYS A 107 -29.40 -26.90 -4.10
CA LYS A 107 -30.38 -27.92 -4.45
C LYS A 107 -30.55 -27.99 -5.97
N LEU A 108 -30.99 -29.16 -6.43
CA LEU A 108 -31.18 -29.42 -7.84
C LEU A 108 -32.62 -29.84 -8.11
N LEU A 109 -33.04 -29.68 -9.36
CA LEU A 109 -34.39 -29.98 -9.79
C LEU A 109 -34.42 -31.33 -10.49
N LEU A 110 -35.38 -32.17 -10.12
CA LEU A 110 -35.47 -33.52 -10.64
C LEU A 110 -36.88 -33.76 -11.17
N ASP A 111 -36.98 -34.09 -12.46
CA ASP A 111 -38.26 -34.46 -13.05
C ASP A 111 -38.59 -35.92 -12.76
N TYR A 112 -39.86 -36.27 -12.98
CA TYR A 112 -40.28 -37.65 -12.76
C TYR A 112 -39.71 -38.60 -13.80
N THR A 113 -39.12 -38.08 -14.87
CA THR A 113 -38.44 -38.91 -15.86
C THR A 113 -36.96 -39.09 -15.56
N GLY A 114 -36.48 -38.54 -14.45
CA GLY A 114 -35.08 -38.62 -14.10
C GLY A 114 -34.24 -37.46 -14.59
N LYS A 115 -34.80 -36.58 -15.43
CA LYS A 115 -34.04 -35.43 -15.91
C LYS A 115 -33.68 -34.53 -14.74
N ILE A 116 -32.42 -34.12 -14.68
CA ILE A 116 -31.89 -33.33 -13.58
C ILE A 116 -31.38 -32.01 -14.12
N MET A 117 -31.64 -30.93 -13.39
CA MET A 117 -31.14 -29.60 -13.73
C MET A 117 -30.45 -29.04 -12.50
N TRP A 118 -29.19 -28.65 -12.65
CA TRP A 118 -28.39 -28.16 -11.53
C TRP A 118 -27.62 -26.93 -11.98
N THR A 119 -27.79 -25.82 -11.28
CA THR A 119 -27.16 -24.55 -11.64
C THR A 119 -26.50 -23.92 -10.42
N PRO A 120 -25.45 -24.55 -9.90
CA PRO A 120 -24.78 -23.98 -8.74
C PRO A 120 -24.04 -22.71 -9.10
N PRO A 121 -23.96 -21.75 -8.18
CA PRO A 121 -23.12 -20.58 -8.41
C PRO A 121 -21.65 -20.90 -8.16
N ALA A 122 -20.78 -20.05 -8.70
CA ALA A 122 -19.35 -20.23 -8.52
C ALA A 122 -18.63 -18.93 -8.77
N ILE A 123 -17.42 -18.84 -8.24
CA ILE A 123 -16.48 -17.76 -8.53
C ILE A 123 -15.28 -18.40 -9.21
N PHE A 124 -15.15 -18.16 -10.50
CA PHE A 124 -14.05 -18.74 -11.28
C PHE A 124 -12.90 -17.74 -11.33
N LYS A 125 -11.74 -18.14 -10.86
CA LYS A 125 -10.49 -17.41 -11.03
C LYS A 125 -9.66 -18.18 -12.05
N SER A 126 -9.59 -17.66 -13.26
CA SER A 126 -8.99 -18.35 -14.39
C SER A 126 -7.65 -17.71 -14.75
N TYR A 127 -6.77 -18.52 -15.32
CA TYR A 127 -5.49 -18.01 -15.81
C TYR A 127 -5.70 -17.40 -17.19
N CYS A 128 -5.34 -16.12 -17.31
CA CYS A 128 -5.68 -15.30 -18.48
C CYS A 128 -4.38 -14.76 -19.05
N GLU A 129 -3.97 -15.27 -20.21
CA GLU A 129 -2.77 -14.73 -20.84
C GLU A 129 -3.02 -13.28 -21.24
N ILE A 130 -2.41 -12.36 -20.51
CA ILE A 130 -2.65 -10.93 -20.71
C ILE A 130 -1.60 -10.39 -21.65
N ILE A 131 -2.02 -9.59 -22.63
CA ILE A 131 -1.14 -8.90 -23.56
C ILE A 131 -1.19 -7.42 -23.23
N VAL A 132 -0.05 -6.84 -22.91
CA VAL A 132 0.03 -5.44 -22.51
C VAL A 132 0.68 -4.59 -23.60
N THR A 133 0.74 -5.10 -24.83
CA THR A 133 1.41 -4.37 -25.89
C THR A 133 0.72 -3.03 -26.17
N HIS A 134 -0.61 -3.02 -26.14
CA HIS A 134 -1.38 -1.84 -26.49
C HIS A 134 -2.05 -1.19 -25.28
N PHE A 135 -1.58 -1.48 -24.09
CA PHE A 135 -2.20 -0.91 -22.91
C PHE A 135 -2.14 0.61 -22.97
N PRO A 136 -3.20 1.33 -22.57
CA PRO A 136 -4.49 0.86 -22.05
C PRO A 136 -5.55 0.64 -23.12
N PHE A 137 -5.16 0.71 -24.39
CA PHE A 137 -6.08 0.40 -25.48
C PHE A 137 -5.95 -1.05 -25.90
N ASP A 138 -6.08 -1.96 -24.94
CA ASP A 138 -5.76 -3.37 -25.14
C ASP A 138 -7.03 -4.20 -25.15
N GLN A 139 -7.05 -5.22 -25.99
CA GLN A 139 -8.13 -6.19 -26.06
C GLN A 139 -7.64 -7.53 -25.54
N GLN A 140 -8.34 -8.08 -24.56
CA GLN A 140 -7.93 -9.31 -23.89
C GLN A 140 -8.85 -10.45 -24.27
N ASN A 141 -8.25 -11.57 -24.65
CA ASN A 141 -8.96 -12.80 -24.97
C ASN A 141 -8.48 -13.88 -24.01
N CYS A 142 -9.33 -14.28 -23.07
CA CYS A 142 -8.96 -15.40 -22.22
C CYS A 142 -10.21 -16.15 -21.76
N THR A 143 -9.97 -17.40 -21.37
CA THR A 143 -10.95 -18.47 -21.44
C THR A 143 -11.23 -19.08 -20.08
N MET A 144 -12.22 -19.98 -20.08
CA MET A 144 -12.51 -20.88 -18.96
C MET A 144 -12.59 -22.28 -19.52
N LYS A 145 -11.62 -23.13 -19.18
CA LYS A 145 -11.61 -24.50 -19.67
C LYS A 145 -12.28 -25.40 -18.63
N LEU A 146 -13.27 -26.16 -19.08
CA LEU A 146 -14.03 -27.05 -18.20
C LEU A 146 -13.96 -28.48 -18.73
N GLY A 147 -13.92 -29.42 -17.80
CA GLY A 147 -13.92 -30.83 -18.16
C GLY A 147 -14.17 -31.69 -16.95
N ILE A 148 -14.52 -32.94 -17.22
CA ILE A 148 -14.73 -33.92 -16.16
C ILE A 148 -13.37 -34.47 -15.76
N TRP A 149 -13.03 -34.32 -14.48
CA TRP A 149 -11.66 -34.58 -14.04
C TRP A 149 -11.30 -36.05 -14.13
N THR A 150 -12.16 -36.93 -13.61
CA THR A 150 -11.79 -38.32 -13.39
C THR A 150 -12.43 -39.29 -14.36
N TYR A 151 -13.26 -38.83 -15.28
CA TYR A 151 -13.92 -39.70 -16.24
C TYR A 151 -13.51 -39.30 -17.66
N ASP A 152 -13.26 -40.29 -18.50
CA ASP A 152 -12.95 -40.04 -19.90
C ASP A 152 -14.24 -39.94 -20.70
N GLY A 153 -14.10 -39.76 -22.02
CA GLY A 153 -15.25 -39.55 -22.86
C GLY A 153 -16.13 -40.76 -23.05
N THR A 154 -15.64 -41.95 -22.73
CA THR A 154 -16.43 -43.16 -22.87
C THR A 154 -17.25 -43.47 -21.64
N LYS A 155 -17.05 -42.74 -20.55
CA LYS A 155 -17.83 -42.90 -19.33
C LYS A 155 -18.76 -41.72 -19.09
N VAL A 156 -18.26 -40.50 -19.23
CA VAL A 156 -19.07 -39.29 -19.09
C VAL A 156 -18.71 -38.35 -20.22
N SER A 157 -19.69 -38.01 -21.06
CA SER A 157 -19.49 -37.08 -22.15
C SER A 157 -20.21 -35.78 -21.85
N ILE A 158 -19.58 -34.67 -22.19
CA ILE A 158 -20.13 -33.34 -21.93
C ILE A 158 -20.30 -32.64 -23.27
N SER A 159 -21.47 -32.02 -23.47
CA SER A 159 -21.76 -31.28 -24.67
C SER A 159 -22.20 -29.87 -24.30
N PRO A 160 -21.78 -28.86 -25.03
CA PRO A 160 -22.22 -27.50 -24.70
C PRO A 160 -23.72 -27.35 -24.91
N GLU A 161 -24.33 -26.54 -24.05
CA GLU A 161 -25.77 -26.30 -24.16
C GLU A 161 -26.08 -25.44 -25.37
N SER A 162 -25.31 -24.37 -25.57
CA SER A 162 -25.51 -23.48 -26.70
C SER A 162 -24.18 -23.22 -27.40
N ASP A 163 -24.17 -22.33 -28.37
CA ASP A 163 -22.94 -22.00 -29.08
C ASP A 163 -22.08 -21.01 -28.32
N ARG A 164 -22.62 -20.35 -27.30
CA ARG A 164 -21.89 -19.29 -26.61
C ARG A 164 -22.44 -19.17 -25.20
N PRO A 165 -21.67 -18.60 -24.27
CA PRO A 165 -22.17 -18.41 -22.91
C PRO A 165 -23.39 -17.51 -22.89
N ASP A 166 -24.24 -17.72 -21.89
CA ASP A 166 -25.45 -16.95 -21.71
C ASP A 166 -25.13 -15.71 -20.89
N LEU A 167 -25.15 -14.54 -21.55
CA LEU A 167 -24.94 -13.26 -20.89
C LEU A 167 -26.25 -12.48 -20.78
N SER A 168 -27.35 -13.19 -20.55
CA SER A 168 -28.65 -12.53 -20.44
C SER A 168 -28.70 -11.57 -19.27
N THR A 169 -28.14 -11.97 -18.13
CA THR A 169 -28.21 -11.22 -16.89
C THR A 169 -26.84 -10.70 -16.47
N PHE A 170 -26.04 -10.27 -17.43
CA PHE A 170 -24.67 -9.83 -17.17
C PHE A 170 -24.67 -8.38 -16.72
N MET A 171 -24.13 -8.13 -15.53
CA MET A 171 -23.94 -6.77 -15.07
C MET A 171 -22.86 -6.07 -15.87
N GLU A 172 -23.11 -4.81 -16.24
CA GLU A 172 -22.12 -4.06 -17.00
C GLU A 172 -20.90 -3.77 -16.15
N SER A 173 -19.72 -3.91 -16.76
CA SER A 173 -18.49 -3.91 -15.98
C SER A 173 -18.14 -2.51 -15.49
N GLY A 174 -18.22 -1.52 -16.36
CA GLY A 174 -17.69 -0.21 -16.05
C GLY A 174 -16.21 -0.06 -16.31
N GLU A 175 -15.53 -1.15 -16.68
CA GLU A 175 -14.13 -1.08 -17.10
C GLU A 175 -13.83 -1.90 -18.35
N TRP A 176 -14.74 -2.74 -18.82
CA TRP A 176 -14.51 -3.62 -19.95
C TRP A 176 -15.78 -3.73 -20.77
N VAL A 177 -15.61 -4.09 -22.04
CA VAL A 177 -16.72 -4.28 -22.97
C VAL A 177 -16.61 -5.69 -23.55
N MET A 178 -17.70 -6.44 -23.48
CA MET A 178 -17.76 -7.79 -24.04
C MET A 178 -17.88 -7.67 -25.55
N LYS A 179 -16.76 -7.78 -26.25
CA LYS A 179 -16.84 -7.69 -27.71
C LYS A 179 -17.43 -8.96 -28.32
N ASP A 180 -17.03 -10.12 -27.81
CA ASP A 180 -17.52 -11.38 -28.35
C ASP A 180 -17.30 -12.48 -27.32
N TYR A 181 -18.03 -13.57 -27.48
CA TYR A 181 -17.88 -14.71 -26.59
C TYR A 181 -18.44 -15.95 -27.28
N ARG A 182 -17.78 -17.09 -27.05
CA ARG A 182 -18.18 -18.34 -27.69
C ARG A 182 -17.65 -19.50 -26.85
N GLY A 183 -18.12 -20.69 -27.19
CA GLY A 183 -17.66 -21.90 -26.53
C GLY A 183 -17.45 -23.04 -27.49
N TRP A 184 -16.34 -23.77 -27.35
CA TRP A 184 -15.98 -24.85 -28.25
C TRP A 184 -15.70 -26.11 -27.47
N LYS A 185 -16.09 -27.25 -28.03
CA LYS A 185 -15.80 -28.55 -27.46
C LYS A 185 -14.63 -29.20 -28.19
N HIS A 186 -13.72 -29.80 -27.43
CA HIS A 186 -12.50 -30.39 -27.97
C HIS A 186 -12.42 -31.86 -27.60
N TRP A 187 -12.02 -32.68 -28.56
CA TRP A 187 -11.69 -34.09 -28.32
C TRP A 187 -10.17 -34.20 -28.32
N VAL A 188 -9.60 -34.71 -27.23
CA VAL A 188 -8.16 -34.88 -27.10
C VAL A 188 -7.88 -36.37 -26.97
N TYR A 189 -6.97 -36.88 -27.79
CA TYR A 189 -6.54 -38.26 -27.75
C TYR A 189 -5.07 -38.34 -27.35
N TYR A 190 -4.64 -39.52 -26.91
CA TYR A 190 -3.27 -39.74 -26.50
C TYR A 190 -2.69 -40.92 -27.26
N THR A 191 -1.35 -40.97 -27.29
CA THR A 191 -0.65 -42.03 -28.01
C THR A 191 -0.98 -43.40 -27.49
N CYS A 192 -1.43 -43.51 -26.22
CA CYS A 192 -1.90 -44.77 -25.67
C CYS A 192 -2.76 -45.51 -26.67
N CYS A 193 -3.86 -44.90 -27.01
CA CYS A 193 -5.04 -45.61 -27.47
C CYS A 193 -6.05 -44.61 -28.02
N PRO A 194 -6.55 -44.82 -29.23
CA PRO A 194 -7.50 -43.88 -29.84
C PRO A 194 -8.97 -44.11 -29.48
N ASP A 195 -9.26 -45.00 -28.53
CA ASP A 195 -10.63 -45.31 -28.16
C ASP A 195 -11.06 -44.64 -26.86
N THR A 196 -10.25 -43.74 -26.31
CA THR A 196 -10.53 -43.07 -25.05
C THR A 196 -10.39 -41.57 -25.25
N PRO A 197 -11.38 -40.93 -25.86
CA PRO A 197 -11.32 -39.47 -26.00
C PRO A 197 -11.42 -38.77 -24.66
N TYR A 198 -10.80 -37.60 -24.57
CA TYR A 198 -10.86 -36.76 -23.39
C TYR A 198 -11.45 -35.42 -23.80
N LEU A 199 -12.59 -35.07 -23.22
CA LEU A 199 -13.39 -33.92 -23.65
C LEU A 199 -13.22 -32.75 -22.70
N ASP A 200 -13.34 -31.55 -23.26
CA ASP A 200 -13.40 -30.33 -22.48
C ASP A 200 -14.16 -29.29 -23.28
N ILE A 201 -14.65 -28.27 -22.58
CA ILE A 201 -15.36 -27.16 -23.20
C ILE A 201 -14.66 -25.87 -22.78
N THR A 202 -14.21 -25.11 -23.76
CA THR A 202 -13.51 -23.85 -23.52
C THR A 202 -14.42 -22.69 -23.91
N TYR A 203 -14.71 -21.82 -22.95
CA TYR A 203 -15.45 -20.60 -23.19
C TYR A 203 -14.48 -19.43 -23.16
N HIS A 204 -14.48 -18.62 -24.22
CA HIS A 204 -13.60 -17.47 -24.29
C HIS A 204 -14.40 -16.20 -24.45
N PHE A 205 -13.98 -15.16 -23.74
CA PHE A 205 -14.62 -13.85 -23.79
C PHE A 205 -13.59 -12.83 -24.24
N ILE A 206 -13.93 -12.06 -25.28
CA ILE A 206 -13.04 -11.04 -25.82
C ILE A 206 -13.44 -9.71 -25.22
N MET A 207 -12.54 -9.11 -24.44
CA MET A 207 -12.81 -7.90 -23.69
C MET A 207 -12.02 -6.73 -24.26
N GLN A 208 -12.68 -5.58 -24.35
CA GLN A 208 -12.04 -4.34 -24.77
C GLN A 208 -12.04 -3.38 -23.59
N ARG A 209 -10.86 -2.91 -23.20
CA ARG A 209 -10.75 -2.01 -22.08
C ARG A 209 -11.32 -0.64 -22.44
N ILE A 210 -11.90 0.03 -21.45
CA ILE A 210 -12.40 1.39 -21.60
C ILE A 210 -11.28 2.34 -21.17
N PRO A 211 -10.59 3.00 -22.10
CA PRO A 211 -9.40 3.78 -21.73
C PRO A 211 -9.70 5.24 -21.41
N LEU A 212 -10.44 5.47 -20.33
CA LEU A 212 -10.69 6.82 -19.86
C LEU A 212 -10.00 7.10 -18.53
N TYR A 213 -10.12 6.18 -17.58
CA TYR A 213 -9.44 6.35 -16.30
C TYR A 213 -7.94 6.52 -16.52
N PHE A 214 -7.33 5.60 -17.27
CA PHE A 214 -5.90 5.68 -17.48
C PHE A 214 -5.53 6.90 -18.31
N VAL A 215 -6.33 7.24 -19.32
CA VAL A 215 -6.05 8.43 -20.11
C VAL A 215 -5.90 9.64 -19.20
N VAL A 216 -6.98 10.00 -18.50
CA VAL A 216 -6.96 11.23 -17.72
C VAL A 216 -5.96 11.14 -16.56
N ASN A 217 -5.68 9.95 -16.05
CA ASN A 217 -4.83 9.85 -14.88
C ASN A 217 -3.34 9.71 -15.21
N VAL A 218 -2.99 9.34 -16.45
CA VAL A 218 -1.59 9.10 -16.79
C VAL A 218 -1.19 9.92 -18.01
N ILE A 219 -1.93 9.79 -19.11
CA ILE A 219 -1.44 10.31 -20.38
C ILE A 219 -1.46 11.83 -20.39
N ILE A 220 -2.53 12.44 -19.88
CA ILE A 220 -2.64 13.90 -19.94
C ILE A 220 -1.49 14.59 -19.19
N PRO A 221 -1.17 14.22 -17.95
CA PRO A 221 0.00 14.85 -17.31
C PRO A 221 1.29 14.66 -18.09
N CYS A 222 1.46 13.51 -18.74
CA CYS A 222 2.63 13.32 -19.59
C CYS A 222 2.62 14.31 -20.74
N LEU A 223 1.44 14.58 -21.30
CA LEU A 223 1.35 15.58 -22.37
C LEU A 223 1.70 16.97 -21.87
N LEU A 224 1.23 17.34 -20.69
CA LEU A 224 1.61 18.64 -20.13
C LEU A 224 3.11 18.75 -19.94
N PHE A 225 3.73 17.71 -19.38
CA PHE A 225 5.18 17.77 -19.17
C PHE A 225 5.93 17.83 -20.50
N SER A 226 5.48 17.07 -21.49
CA SER A 226 6.12 17.13 -22.80
C SER A 226 6.01 18.53 -23.39
N PHE A 227 4.82 19.13 -23.30
CA PHE A 227 4.64 20.48 -23.83
C PHE A 227 5.52 21.49 -23.11
N LEU A 228 5.63 21.38 -21.78
CA LEU A 228 6.47 22.30 -21.04
C LEU A 228 7.95 22.09 -21.36
N THR A 229 8.31 20.88 -21.78
CA THR A 229 9.72 20.59 -22.04
C THR A 229 10.33 21.59 -23.02
N GLY A 230 9.69 21.78 -24.17
CA GLY A 230 10.24 22.66 -25.18
C GLY A 230 10.04 24.13 -24.89
N LEU A 231 9.27 24.45 -23.85
CA LEU A 231 9.03 25.84 -23.49
C LEU A 231 10.30 26.53 -22.98
N VAL A 232 11.26 25.76 -22.48
CA VAL A 232 12.47 26.36 -21.91
C VAL A 232 13.29 27.08 -22.97
N PHE A 233 13.12 26.73 -24.25
CA PHE A 233 13.94 27.32 -25.29
C PHE A 233 13.50 28.73 -25.66
N TYR A 234 12.29 29.15 -25.30
CA TYR A 234 11.88 30.52 -25.47
C TYR A 234 12.24 31.40 -24.28
N LEU A 235 12.70 30.80 -23.19
CA LEU A 235 13.09 31.55 -22.00
C LEU A 235 14.50 32.10 -22.19
N PRO A 236 14.71 33.41 -22.04
CA PRO A 236 16.06 33.95 -22.24
C PRO A 236 17.02 33.49 -21.15
N THR A 237 18.30 33.44 -21.51
CA THR A 237 19.31 33.02 -20.55
C THR A 237 19.57 34.06 -19.47
N ASP A 238 19.21 35.32 -19.71
CA ASP A 238 19.47 36.35 -18.72
C ASP A 238 18.72 36.06 -17.42
N SER A 239 17.46 35.61 -17.52
CA SER A 239 16.74 35.15 -16.36
C SER A 239 17.29 33.81 -15.91
N GLY A 240 17.88 33.77 -14.73
CA GLY A 240 18.52 32.57 -14.26
C GLY A 240 17.52 31.49 -13.92
N GLU A 241 16.70 31.09 -14.89
CA GLU A 241 15.62 30.15 -14.62
C GLU A 241 15.48 29.07 -15.69
N LYS A 242 16.40 28.99 -16.65
CA LYS A 242 16.32 27.92 -17.64
C LYS A 242 16.48 26.57 -16.96
N MET A 243 17.55 26.41 -16.19
CA MET A 243 17.77 25.16 -15.48
C MET A 243 16.69 24.94 -14.44
N THR A 244 16.28 25.99 -13.73
CA THR A 244 15.20 25.84 -12.77
C THR A 244 13.97 25.22 -13.42
N LEU A 245 13.54 25.79 -14.55
CA LEU A 245 12.32 25.32 -15.20
C LEU A 245 12.49 23.89 -15.71
N SER A 246 13.57 23.63 -16.46
CA SER A 246 13.72 22.30 -17.06
C SER A 246 13.89 21.23 -15.98
N ILE A 247 14.68 21.53 -14.96
CA ILE A 247 14.90 20.57 -13.89
C ILE A 247 13.63 20.36 -13.08
N SER A 248 12.81 21.39 -12.90
CA SER A 248 11.56 21.20 -12.19
C SER A 248 10.62 20.34 -13.00
N VAL A 249 10.62 20.49 -14.33
CA VAL A 249 9.85 19.57 -15.16
C VAL A 249 10.35 18.14 -14.98
N LEU A 250 11.66 17.95 -14.95
CA LEU A 250 12.20 16.61 -14.75
C LEU A 250 11.80 16.03 -13.40
N LEU A 251 11.85 16.85 -12.35
CA LEU A 251 11.45 16.38 -11.03
C LEU A 251 9.97 16.04 -10.99
N SER A 252 9.13 16.85 -11.64
CA SER A 252 7.72 16.53 -11.71
C SER A 252 7.50 15.20 -12.40
N LEU A 253 8.21 14.96 -13.50
CA LEU A 253 8.08 13.67 -14.19
C LEU A 253 8.55 12.52 -13.30
N THR A 254 9.64 12.73 -12.56
CA THR A 254 10.13 11.68 -11.66
C THR A 254 9.13 11.38 -10.55
N VAL A 255 8.50 12.41 -10.00
CA VAL A 255 7.46 12.19 -8.99
C VAL A 255 6.28 11.46 -9.62
N PHE A 256 5.91 11.84 -10.84
CA PHE A 256 4.83 11.17 -11.55
C PHE A 256 5.14 9.71 -11.80
N LEU A 257 6.44 9.36 -11.86
CA LEU A 257 6.82 7.96 -11.98
C LEU A 257 6.18 7.12 -10.87
N LEU A 258 5.97 7.71 -9.69
CA LEU A 258 5.25 7.01 -8.64
C LEU A 258 3.84 6.65 -9.09
N VAL A 259 3.14 7.61 -9.71
CA VAL A 259 1.78 7.34 -10.17
C VAL A 259 1.78 6.23 -11.20
N ILE A 260 2.69 6.30 -12.18
CA ILE A 260 2.74 5.24 -13.19
C ILE A 260 3.03 3.89 -12.54
N VAL A 261 4.00 3.84 -11.64
CA VAL A 261 4.38 2.56 -11.05
C VAL A 261 3.22 1.97 -10.24
N GLU A 262 2.44 2.83 -9.58
CA GLU A 262 1.33 2.32 -8.78
C GLU A 262 0.07 2.06 -9.61
N LEU A 263 0.01 2.52 -10.86
CA LEU A 263 -1.19 2.36 -11.66
C LEU A 263 -1.05 1.32 -12.77
N ILE A 264 0.02 1.37 -13.56
CA ILE A 264 0.14 0.49 -14.72
C ILE A 264 0.58 -0.91 -14.24
N PRO A 265 0.29 -1.96 -15.00
CA PRO A 265 0.72 -3.30 -14.61
C PRO A 265 2.24 -3.44 -14.61
N SER A 266 2.73 -4.29 -13.73
CA SER A 266 4.16 -4.50 -13.54
C SER A 266 4.64 -5.77 -14.24
N THR A 267 4.10 -6.09 -15.40
CA THR A 267 4.51 -7.26 -16.14
C THR A 267 5.82 -7.00 -16.86
N SER A 268 6.50 -8.08 -17.25
CA SER A 268 7.74 -7.99 -18.01
C SER A 268 7.66 -8.70 -19.36
N SER A 269 6.48 -9.14 -19.76
CA SER A 269 6.35 -9.84 -21.03
C SER A 269 6.67 -8.93 -22.21
N ALA A 270 6.19 -7.69 -22.17
CA ALA A 270 6.43 -6.74 -23.25
C ALA A 270 6.28 -5.34 -22.69
N VAL A 271 6.75 -4.36 -23.46
CA VAL A 271 6.70 -2.96 -23.04
C VAL A 271 5.33 -2.40 -23.40
N PRO A 272 4.58 -1.83 -22.45
CA PRO A 272 3.28 -1.25 -22.80
C PRO A 272 3.45 0.00 -23.64
N LEU A 273 2.36 0.37 -24.31
CA LEU A 273 2.37 1.56 -25.15
C LEU A 273 2.70 2.80 -24.33
N ILE A 274 2.03 2.96 -23.19
CA ILE A 274 2.32 4.11 -22.34
C ILE A 274 3.71 4.00 -21.73
N GLY A 275 4.24 2.78 -21.58
CA GLY A 275 5.63 2.66 -21.17
C GLY A 275 6.58 3.29 -22.18
N LYS A 276 6.37 2.97 -23.46
CA LYS A 276 7.19 3.60 -24.49
C LYS A 276 6.98 5.11 -24.50
N TYR A 277 5.74 5.57 -24.36
CA TYR A 277 5.49 7.01 -24.37
C TYR A 277 6.20 7.71 -23.22
N MET A 278 6.16 7.13 -22.02
CA MET A 278 6.79 7.77 -20.89
C MET A 278 8.31 7.73 -20.98
N LEU A 279 8.86 6.63 -21.51
CA LEU A 279 10.31 6.60 -21.76
C LEU A 279 10.69 7.68 -22.76
N PHE A 280 9.88 7.85 -23.80
CA PHE A 280 10.13 8.92 -24.77
C PHE A 280 10.10 10.29 -24.09
N THR A 281 9.14 10.51 -23.21
CA THR A 281 9.06 11.79 -22.51
C THR A 281 10.29 12.02 -21.64
N MET A 282 10.74 10.97 -20.93
CA MET A 282 11.94 11.09 -20.11
C MET A 282 13.14 11.49 -20.95
N ILE A 283 13.38 10.77 -22.05
CA ILE A 283 14.53 11.06 -22.88
C ILE A 283 14.41 12.45 -23.50
N PHE A 284 13.19 12.84 -23.84
CA PHE A 284 12.96 14.18 -24.38
C PHE A 284 13.37 15.25 -23.39
N VAL A 285 12.93 15.12 -22.14
CA VAL A 285 13.26 16.10 -21.12
C VAL A 285 14.77 16.13 -20.88
N ILE A 286 15.39 14.96 -20.83
CA ILE A 286 16.83 14.91 -20.54
C ILE A 286 17.63 15.55 -21.69
N SER A 287 17.22 15.28 -22.94
CA SER A 287 17.90 15.94 -24.05
C SER A 287 17.72 17.44 -23.99
N SER A 288 16.52 17.90 -23.66
CA SER A 288 16.31 19.33 -23.53
C SER A 288 17.23 19.92 -22.47
N ILE A 289 17.40 19.22 -21.35
CA ILE A 289 18.26 19.73 -20.29
C ILE A 289 19.71 19.80 -20.76
N ILE A 290 20.18 18.76 -21.45
CA ILE A 290 21.56 18.75 -21.93
C ILE A 290 21.80 19.92 -22.88
N ILE A 291 20.89 20.11 -23.83
CA ILE A 291 21.11 21.16 -24.81
C ILE A 291 20.95 22.54 -24.16
N THR A 292 20.09 22.65 -23.15
CA THR A 292 20.00 23.90 -22.41
C THR A 292 21.30 24.22 -21.69
N VAL A 293 21.93 23.22 -21.10
CA VAL A 293 23.23 23.45 -20.46
C VAL A 293 24.23 23.93 -21.50
N VAL A 294 24.23 23.31 -22.68
CA VAL A 294 25.15 23.76 -23.73
C VAL A 294 24.88 25.21 -24.10
N VAL A 295 23.62 25.58 -24.25
CA VAL A 295 23.28 26.94 -24.64
C VAL A 295 23.69 27.93 -23.56
N ILE A 296 23.46 27.59 -22.30
CA ILE A 296 23.84 28.49 -21.22
C ILE A 296 25.35 28.69 -21.22
N ASN A 297 26.10 27.60 -21.41
CA ASN A 297 27.54 27.73 -21.50
C ASN A 297 27.95 28.65 -22.65
N THR A 298 27.27 28.50 -23.79
CA THR A 298 27.60 29.34 -24.95
C THR A 298 27.30 30.81 -24.68
N HIS A 299 26.18 31.10 -24.03
CA HIS A 299 25.76 32.48 -23.82
C HIS A 299 26.78 33.25 -22.98
N HIS A 300 27.37 32.59 -21.99
CA HIS A 300 28.29 33.24 -21.06
C HIS A 300 29.74 33.16 -21.49
N ARG A 301 30.03 32.65 -22.69
CA ARG A 301 31.42 32.58 -23.13
C ARG A 301 32.05 33.96 -23.09
N SER A 302 33.25 34.02 -22.54
CA SER A 302 33.97 35.29 -22.42
C SER A 302 34.91 35.49 -23.59
N PRO A 303 34.99 36.71 -24.14
CA PRO A 303 35.91 36.94 -25.26
C PRO A 303 37.35 36.65 -24.92
N SER A 304 37.75 36.85 -23.66
CA SER A 304 39.16 36.71 -23.29
C SER A 304 39.65 35.29 -23.55
N THR A 305 38.87 34.30 -23.15
CA THR A 305 39.28 32.90 -23.29
C THR A 305 38.89 32.30 -24.64
N HIS A 306 37.62 32.46 -25.04
CA HIS A 306 37.12 31.85 -26.25
C HIS A 306 37.00 32.89 -27.36
N THR A 307 37.46 32.53 -28.55
CA THR A 307 37.28 33.35 -29.74
C THR A 307 36.36 32.62 -30.70
N MET A 308 35.44 33.36 -31.29
CA MET A 308 34.40 32.75 -32.10
C MET A 308 35.00 32.06 -33.32
N PRO A 309 34.78 30.76 -33.53
CA PRO A 309 35.24 30.12 -34.75
C PRO A 309 34.55 30.71 -35.97
N GLN A 310 35.26 30.68 -37.10
CA GLN A 310 34.73 31.31 -38.32
C GLN A 310 33.44 30.64 -38.78
N TRP A 311 33.37 29.31 -38.73
CA TRP A 311 32.18 28.63 -39.21
C TRP A 311 30.96 28.96 -38.34
N VAL A 312 31.17 29.11 -37.04
CA VAL A 312 30.06 29.49 -36.16
C VAL A 312 29.51 30.84 -36.57
N ARG A 313 30.41 31.81 -36.81
CA ARG A 313 29.95 33.12 -37.23
C ARG A 313 29.23 33.05 -38.57
N LYS A 314 29.79 32.29 -39.50
CA LYS A 314 29.22 32.21 -40.85
C LYS A 314 27.83 31.64 -40.81
N ILE A 315 27.62 30.63 -39.96
CA ILE A 315 26.32 29.96 -39.95
C ILE A 315 25.33 30.76 -39.13
N PHE A 316 25.62 30.96 -37.85
CA PHE A 316 24.62 31.45 -36.91
C PHE A 316 24.42 32.96 -36.95
N ILE A 317 25.31 33.72 -37.56
CA ILE A 317 25.14 35.17 -37.63
C ILE A 317 24.69 35.62 -39.00
N ASP A 318 25.01 34.89 -40.06
CA ASP A 318 24.70 35.27 -41.42
C ASP A 318 23.65 34.38 -42.08
N THR A 319 23.78 33.05 -42.00
CA THR A 319 22.91 32.20 -42.80
C THR A 319 21.55 32.00 -42.14
N ILE A 320 21.53 31.36 -40.97
CA ILE A 320 20.26 30.94 -40.37
C ILE A 320 19.37 32.13 -40.05
N PRO A 321 19.85 33.23 -39.46
CA PRO A 321 18.93 34.32 -39.12
C PRO A 321 18.12 34.81 -40.30
N ASN A 322 18.60 34.62 -41.52
CA ASN A 322 17.85 35.03 -42.70
C ASN A 322 16.65 34.13 -42.94
N VAL A 323 16.77 32.84 -42.64
CA VAL A 323 15.75 31.86 -43.00
C VAL A 323 14.82 31.55 -41.83
N MET A 324 14.78 32.43 -40.82
CA MET A 324 13.90 32.27 -39.67
C MET A 324 12.79 33.31 -39.83
N PHE A 325 11.72 32.93 -40.53
CA PHE A 325 10.66 33.87 -40.87
C PHE A 325 9.78 34.19 -39.68
N PHE A 326 9.49 33.18 -38.84
CA PHE A 326 8.58 33.41 -37.71
C PHE A 326 9.13 34.46 -36.75
N SER A 327 10.42 34.39 -36.46
CA SER A 327 11.00 35.24 -35.43
C SER A 327 11.05 36.70 -35.88
N THR A 328 11.01 37.60 -34.89
CA THR A 328 11.16 39.03 -35.11
C THR A 328 12.55 39.52 -34.71
N MET A 329 13.49 38.61 -34.45
CA MET A 329 14.83 39.00 -34.07
C MET A 329 15.52 39.74 -35.21
N LYS A 330 16.40 40.67 -34.84
CA LYS A 330 17.10 41.46 -35.84
C LYS A 330 18.09 40.59 -36.61
N ARG A 331 18.38 41.03 -37.83
CA ARG A 331 19.30 40.31 -38.70
C ARG A 331 20.40 41.22 -39.22
N PRO A 370 54.72 68.62 -14.08
CA PRO A 370 53.68 68.84 -13.06
C PRO A 370 52.57 67.80 -13.13
N ASP A 371 51.45 68.08 -12.46
CA ASP A 371 50.31 67.17 -12.43
C ASP A 371 49.45 67.24 -13.69
N VAL A 372 49.65 68.27 -14.53
CA VAL A 372 48.89 68.35 -15.76
C VAL A 372 49.20 67.17 -16.66
N LYS A 373 50.49 66.81 -16.75
CA LYS A 373 50.87 65.65 -17.55
C LYS A 373 50.23 64.38 -17.02
N SER A 374 50.19 64.22 -15.69
CA SER A 374 49.55 63.06 -15.11
C SER A 374 48.07 63.02 -15.45
N ALA A 375 47.39 64.17 -15.38
CA ALA A 375 45.97 64.21 -15.71
C ALA A 375 45.74 63.83 -17.16
N ILE A 376 46.57 64.34 -18.07
CA ILE A 376 46.40 64.02 -19.49
C ILE A 376 46.64 62.53 -19.73
N GLU A 377 47.69 61.99 -19.12
CA GLU A 377 47.96 60.56 -19.28
C GLU A 377 46.81 59.73 -18.74
N GLY A 378 46.24 60.14 -17.60
CA GLY A 378 45.12 59.40 -17.05
C GLY A 378 43.89 59.45 -17.95
N VAL A 379 43.63 60.60 -18.56
CA VAL A 379 42.50 60.69 -19.48
C VAL A 379 42.72 59.77 -20.68
N LYS A 380 43.93 59.76 -21.22
CA LYS A 380 44.22 58.83 -22.32
C LYS A 380 44.02 57.39 -21.88
N TYR A 381 44.46 57.06 -20.67
CA TYR A 381 44.30 55.70 -20.16
C TYR A 381 42.83 55.33 -20.05
N ILE A 382 42.00 56.26 -19.58
CA ILE A 382 40.57 55.99 -19.49
C ILE A 382 40.00 55.72 -20.88
N ALA A 383 40.39 56.54 -21.86
CA ALA A 383 39.84 56.37 -23.20
C ALA A 383 40.24 55.01 -23.79
N GLU A 384 41.49 54.61 -23.61
CA GLU A 384 41.91 53.32 -24.16
C GLU A 384 41.25 52.16 -23.41
N HIS A 385 41.04 52.30 -22.10
CA HIS A 385 40.33 51.27 -21.37
C HIS A 385 38.91 51.13 -21.90
N MET A 386 38.29 52.24 -22.29
CA MET A 386 36.96 52.14 -22.87
C MET A 386 36.99 51.50 -24.26
N LYS A 387 37.99 51.81 -25.08
CA LYS A 387 38.25 50.99 -26.27
C LYS A 387 38.14 49.50 -25.95
N SER A 388 38.99 49.04 -25.02
CA SER A 388 39.06 47.61 -24.73
C SER A 388 37.72 47.09 -24.23
N ASP A 389 37.07 47.84 -23.35
CA ASP A 389 35.78 47.41 -22.81
C ASP A 389 34.74 47.25 -23.91
N GLU A 390 34.68 48.21 -24.83
CA GLU A 390 33.72 48.12 -25.93
C GLU A 390 34.00 46.91 -26.81
N GLU A 391 35.28 46.65 -27.10
CA GLU A 391 35.60 45.50 -27.92
C GLU A 391 35.14 44.20 -27.25
N SER A 392 35.46 44.06 -25.96
CA SER A 392 35.06 42.85 -25.24
C SER A 392 33.54 42.73 -25.19
N SER A 393 32.84 43.84 -24.97
CA SER A 393 31.39 43.80 -24.93
C SER A 393 30.82 43.35 -26.27
N ASN A 394 31.39 43.83 -27.37
CA ASN A 394 30.89 43.41 -28.68
C ASN A 394 31.09 41.91 -28.89
N ALA A 395 32.25 41.39 -28.51
CA ALA A 395 32.46 39.95 -28.67
C ALA A 395 31.48 39.14 -27.83
N ALA A 396 31.28 39.55 -26.58
CA ALA A 396 30.33 38.84 -25.72
C ALA A 396 28.93 38.93 -26.29
N GLU A 397 28.58 40.07 -26.88
CA GLU A 397 27.28 40.21 -27.51
C GLU A 397 27.11 39.25 -28.67
N GLU A 398 28.15 39.05 -29.47
CA GLU A 398 28.06 38.08 -30.55
C GLU A 398 27.80 36.69 -29.99
N TRP A 399 28.48 36.34 -28.90
CA TRP A 399 28.22 35.03 -28.29
C TRP A 399 26.77 34.91 -27.83
N LYS A 400 26.25 35.95 -27.21
CA LYS A 400 24.86 35.94 -26.76
C LYS A 400 23.90 35.78 -27.93
N TYR A 401 24.18 36.47 -29.04
CA TYR A 401 23.32 36.36 -30.21
C TYR A 401 23.31 34.94 -30.76
N VAL A 402 24.49 34.30 -30.81
CA VAL A 402 24.54 32.92 -31.27
C VAL A 402 23.70 32.03 -30.37
N ALA A 403 23.80 32.24 -29.05
CA ALA A 403 22.97 31.45 -28.13
C ALA A 403 21.49 31.65 -28.41
N MET A 404 21.08 32.89 -28.67
CA MET A 404 19.66 33.16 -28.95
C MET A 404 19.21 32.43 -30.20
N VAL A 405 20.04 32.45 -31.25
CA VAL A 405 19.67 31.77 -32.49
C VAL A 405 19.52 30.28 -32.25
N ILE A 406 20.44 29.69 -31.50
CA ILE A 406 20.34 28.27 -31.18
C ILE A 406 19.05 27.99 -30.43
N ASP A 407 18.68 28.86 -29.48
CA ASP A 407 17.42 28.69 -28.77
C ASP A 407 16.24 28.66 -29.73
N HIS A 408 16.19 29.59 -30.67
CA HIS A 408 15.04 29.63 -31.58
C HIS A 408 14.97 28.35 -32.41
N ILE A 409 16.10 27.92 -32.96
CA ILE A 409 16.10 26.69 -33.75
C ILE A 409 15.62 25.52 -32.90
N LEU A 410 16.12 25.44 -31.67
CA LEU A 410 15.76 24.32 -30.80
C LEU A 410 14.30 24.35 -30.43
N LEU A 411 13.73 25.54 -30.24
CA LEU A 411 12.30 25.62 -29.94
C LEU A 411 11.49 25.03 -31.07
N CYS A 412 11.79 25.43 -32.31
CA CYS A 412 11.08 24.84 -33.44
C CYS A 412 11.25 23.32 -33.46
N VAL A 413 12.50 22.86 -33.36
CA VAL A 413 12.78 21.43 -33.50
C VAL A 413 12.08 20.64 -32.40
N PHE A 414 12.06 21.17 -31.18
CA PHE A 414 11.51 20.40 -30.06
C PHE A 414 10.00 20.39 -30.08
N MET A 415 9.34 21.48 -30.47
CA MET A 415 7.89 21.39 -30.65
C MET A 415 7.55 20.37 -31.73
N LEU A 416 8.28 20.39 -32.84
CA LEU A 416 8.02 19.42 -33.90
C LEU A 416 8.23 17.99 -33.40
N ILE A 417 9.31 17.76 -32.66
CA ILE A 417 9.61 16.41 -32.18
C ILE A 417 8.55 15.95 -31.19
N CYS A 418 8.10 16.84 -30.30
CA CYS A 418 7.04 16.47 -29.37
C CYS A 418 5.81 16.01 -30.13
N ILE A 419 5.35 16.82 -31.09
CA ILE A 419 4.13 16.45 -31.82
C ILE A 419 4.32 15.14 -32.55
N ILE A 420 5.44 15.00 -33.26
CA ILE A 420 5.67 13.81 -34.08
C ILE A 420 5.74 12.58 -33.21
N GLY A 421 6.45 12.65 -32.09
CA GLY A 421 6.57 11.49 -31.23
C GLY A 421 5.25 11.08 -30.61
N THR A 422 4.47 12.05 -30.13
CA THR A 422 3.17 11.70 -29.57
C THR A 422 2.30 11.01 -30.62
N VAL A 423 2.23 11.59 -31.81
CA VAL A 423 1.40 11.00 -32.86
C VAL A 423 1.90 9.61 -33.23
N SER A 424 3.21 9.47 -33.41
CA SER A 424 3.77 8.18 -33.81
C SER A 424 3.49 7.11 -32.77
N VAL A 425 3.55 7.47 -31.49
CA VAL A 425 3.33 6.47 -30.45
C VAL A 425 1.86 6.06 -30.42
N PHE A 426 0.94 7.02 -30.52
CA PHE A 426 -0.46 6.72 -30.22
C PHE A 426 -1.32 6.46 -31.46
N ALA A 427 -1.25 7.32 -32.47
CA ALA A 427 -2.17 7.21 -33.60
C ALA A 427 -2.10 5.84 -34.26
N GLY A 428 -0.92 5.20 -34.24
CA GLY A 428 -0.81 3.90 -34.88
C GLY A 428 -1.79 2.90 -34.35
N ARG A 429 -1.93 2.84 -33.02
CA ARG A 429 -2.93 1.97 -32.41
C ARG A 429 -4.33 2.59 -32.49
N LEU A 430 -4.42 3.91 -32.38
CA LEU A 430 -5.75 4.53 -32.30
C LEU A 430 -6.52 4.38 -33.61
N ILE A 431 -5.83 4.37 -34.75
CA ILE A 431 -6.53 4.23 -36.02
C ILE A 431 -7.17 2.85 -36.13
N GLU A 432 -6.52 1.83 -35.56
CA GLU A 432 -7.03 0.46 -35.66
C GLU A 432 -8.37 0.32 -34.97
N LEU A 433 -8.64 1.12 -33.95
CA LEU A 433 -9.92 1.07 -33.24
C LEU A 433 -11.02 1.71 -34.06
N ASN B 2 -26.32 -52.40 -13.52
CA ASN B 2 -24.93 -51.97 -13.47
C ASN B 2 -24.11 -52.87 -12.54
N GLU B 3 -23.19 -53.63 -13.14
CA GLU B 3 -22.35 -54.53 -12.35
C GLU B 3 -21.40 -53.78 -11.43
N GLU B 4 -21.13 -52.51 -11.71
CA GLU B 4 -20.23 -51.74 -10.85
C GLU B 4 -20.76 -51.66 -9.44
N GLU B 5 -22.08 -51.55 -9.27
CA GLU B 5 -22.65 -51.48 -7.94
C GLU B 5 -22.34 -52.76 -7.15
N ARG B 6 -22.56 -53.91 -7.78
CA ARG B 6 -22.27 -55.18 -7.11
C ARG B 6 -20.78 -55.30 -6.80
N LEU B 7 -19.93 -54.93 -7.76
CA LEU B 7 -18.50 -55.05 -7.53
C LEU B 7 -18.04 -54.18 -6.38
N ILE B 8 -18.51 -52.93 -6.34
CA ILE B 8 -18.11 -52.02 -5.26
C ILE B 8 -18.64 -52.51 -3.93
N ASN B 9 -19.87 -53.03 -3.91
CA ASN B 9 -20.38 -53.57 -2.66
C ASN B 9 -19.54 -54.74 -2.18
N ASP B 10 -19.13 -55.63 -3.09
CA ASP B 10 -18.26 -56.72 -2.69
C ASP B 10 -16.93 -56.21 -2.15
N LEU B 11 -16.36 -55.21 -2.82
CA LEU B 11 -15.05 -54.72 -2.42
C LEU B 11 -15.08 -54.06 -1.06
N LEU B 12 -16.06 -53.20 -0.81
CA LEU B 12 -16.04 -52.37 0.40
C LEU B 12 -16.87 -52.92 1.56
N ILE B 13 -18.05 -53.48 1.31
CA ILE B 13 -18.95 -53.86 2.40
C ILE B 13 -18.77 -55.32 2.77
N VAL B 14 -18.89 -56.23 1.80
CA VAL B 14 -18.82 -57.64 2.11
C VAL B 14 -17.45 -58.01 2.67
N ASN B 15 -16.40 -57.45 2.09
CA ASN B 15 -15.05 -57.77 2.54
C ASN B 15 -14.66 -56.97 3.77
N LYS B 16 -15.49 -56.05 4.23
CA LYS B 16 -15.23 -55.26 5.43
C LYS B 16 -13.92 -54.49 5.29
N TYR B 17 -13.90 -53.58 4.33
CA TYR B 17 -12.74 -52.75 4.03
C TYR B 17 -12.59 -51.68 5.11
N ASN B 18 -11.43 -51.66 5.75
CA ASN B 18 -11.11 -50.67 6.78
C ASN B 18 -10.12 -49.67 6.18
N LYS B 19 -10.59 -48.46 5.93
CA LYS B 19 -9.77 -47.46 5.26
C LYS B 19 -8.67 -46.89 6.13
N HIS B 20 -8.65 -47.21 7.43
CA HIS B 20 -7.64 -46.68 8.33
C HIS B 20 -6.48 -47.65 8.53
N VAL B 21 -6.35 -48.65 7.68
CA VAL B 21 -5.32 -49.67 7.79
C VAL B 21 -4.54 -49.73 6.48
N ARG B 22 -3.23 -49.78 6.58
CA ARG B 22 -2.39 -49.82 5.39
C ARG B 22 -2.71 -51.06 4.55
N PRO B 23 -2.58 -50.96 3.24
CA PRO B 23 -2.78 -52.14 2.37
C PRO B 23 -1.55 -53.04 2.31
N VAL B 24 -1.35 -53.81 3.38
CA VAL B 24 -0.26 -54.77 3.47
C VAL B 24 -0.82 -56.07 4.03
N LYS B 25 -0.38 -57.20 3.47
CA LYS B 25 -0.88 -58.48 3.94
C LYS B 25 -0.30 -58.82 5.31
N HIS B 26 0.95 -58.47 5.54
CA HIS B 26 1.61 -58.67 6.83
C HIS B 26 2.10 -57.33 7.35
N ASN B 27 2.00 -57.12 8.66
CA ASN B 27 2.35 -55.82 9.22
C ASN B 27 3.84 -55.67 9.43
N ASN B 28 4.62 -56.03 8.41
CA ASN B 28 6.03 -55.68 8.34
C ASN B 28 6.46 -55.25 6.95
N GLU B 29 5.61 -55.44 5.93
CA GLU B 29 5.92 -54.99 4.58
C GLU B 29 5.79 -53.47 4.49
N VAL B 30 6.27 -52.93 3.37
CA VAL B 30 6.29 -51.50 3.12
C VAL B 30 5.42 -51.22 1.91
N VAL B 31 4.57 -50.22 2.01
CA VAL B 31 3.76 -49.75 0.89
C VAL B 31 4.58 -48.73 0.12
N ASN B 32 4.76 -48.97 -1.18
CA ASN B 32 5.51 -48.07 -2.03
C ASN B 32 4.53 -47.12 -2.71
N ILE B 33 4.74 -45.82 -2.52
CA ILE B 33 3.92 -44.79 -3.15
C ILE B 33 4.81 -44.02 -4.10
N ALA B 34 4.57 -44.17 -5.39
CA ALA B 34 5.30 -43.43 -6.40
C ALA B 34 4.51 -42.16 -6.72
N LEU B 35 5.16 -41.01 -6.60
CA LEU B 35 4.50 -39.75 -6.84
C LEU B 35 5.26 -38.89 -7.83
N SER B 36 4.51 -38.05 -8.54
CA SER B 36 5.05 -37.15 -9.55
C SER B 36 4.31 -35.82 -9.45
N LEU B 37 4.93 -34.77 -9.96
CA LEU B 37 4.37 -33.43 -9.90
C LEU B 37 4.25 -32.86 -11.32
N THR B 38 3.10 -32.27 -11.61
CA THR B 38 2.87 -31.57 -12.86
C THR B 38 2.54 -30.11 -12.55
N LEU B 39 3.27 -29.20 -13.17
CA LEU B 39 3.10 -27.77 -12.91
C LEU B 39 2.11 -27.22 -13.93
N SER B 40 0.90 -26.91 -13.46
CA SER B 40 -0.12 -26.34 -14.34
C SER B 40 0.23 -24.91 -14.71
N ASN B 41 0.61 -24.09 -13.72
CA ASN B 41 1.06 -22.73 -14.02
C ASN B 41 1.75 -22.17 -12.80
N LEU B 42 2.79 -21.37 -13.03
CA LEU B 42 3.49 -20.64 -11.98
C LEU B 42 2.76 -19.32 -11.77
N ILE B 43 2.11 -19.17 -10.61
CA ILE B 43 1.25 -18.02 -10.41
C ILE B 43 2.07 -16.79 -10.03
N SER B 44 2.90 -16.89 -8.99
CA SER B 44 3.59 -15.72 -8.50
C SER B 44 4.80 -16.13 -7.67
N LEU B 45 5.77 -15.22 -7.58
CA LEU B 45 6.88 -15.33 -6.65
C LEU B 45 7.10 -13.99 -5.96
N LYS B 46 6.03 -13.41 -5.43
CA LYS B 46 6.15 -12.12 -4.77
C LYS B 46 7.24 -12.16 -3.70
N GLU B 47 8.27 -11.35 -3.92
CA GLU B 47 9.49 -11.40 -3.12
C GLU B 47 9.37 -10.72 -1.77
N THR B 48 8.33 -9.90 -1.56
CA THR B 48 8.22 -9.17 -0.30
C THR B 48 8.12 -10.12 0.87
N ASP B 49 7.32 -11.17 0.74
CA ASP B 49 7.16 -12.17 1.79
C ASP B 49 7.68 -13.54 1.37
N GLU B 50 8.43 -13.62 0.27
CA GLU B 50 9.17 -14.82 -0.09
C GLU B 50 8.24 -16.03 -0.18
N THR B 51 7.20 -15.91 -1.00
CA THR B 51 6.20 -16.96 -1.18
C THR B 51 6.12 -17.31 -2.66
N LEU B 52 6.16 -18.59 -2.96
CA LEU B 52 5.96 -19.11 -4.30
C LEU B 52 4.57 -19.74 -4.37
N THR B 53 3.68 -19.13 -5.14
CA THR B 53 2.36 -19.68 -5.39
C THR B 53 2.36 -20.44 -6.71
N SER B 54 1.88 -21.68 -6.69
CA SER B 54 1.92 -22.52 -7.87
C SER B 54 0.68 -23.40 -7.93
N ASN B 55 0.25 -23.69 -9.16
CA ASN B 55 -0.85 -24.61 -9.42
C ASN B 55 -0.24 -25.91 -9.92
N VAL B 56 -0.35 -26.97 -9.13
CA VAL B 56 0.31 -28.24 -9.43
C VAL B 56 -0.70 -29.38 -9.31
N TRP B 57 -0.42 -30.46 -10.03
CA TRP B 57 -1.22 -31.68 -9.97
C TRP B 57 -0.35 -32.79 -9.40
N MET B 58 -0.68 -33.23 -8.19
CA MET B 58 0.03 -34.33 -7.54
C MET B 58 -0.44 -35.66 -8.11
N ASP B 59 0.48 -36.44 -8.65
CA ASP B 59 0.18 -37.77 -9.12
C ASP B 59 0.64 -38.80 -8.10
N HIS B 60 -0.27 -39.67 -7.69
CA HIS B 60 0.01 -40.70 -6.69
C HIS B 60 -0.22 -42.06 -7.33
N ALA B 61 0.55 -43.06 -6.89
CA ALA B 61 0.32 -44.42 -7.36
C ALA B 61 0.81 -45.41 -6.33
N TRP B 62 -0.02 -46.41 -6.03
CA TRP B 62 0.34 -47.46 -5.10
C TRP B 62 -0.51 -48.68 -5.41
N TYR B 63 -0.22 -49.78 -4.73
CA TYR B 63 -0.98 -51.01 -4.87
C TYR B 63 -1.80 -51.25 -3.62
N ASP B 64 -3.01 -51.77 -3.80
CA ASP B 64 -3.90 -52.11 -2.69
C ASP B 64 -4.48 -53.49 -2.97
N HIS B 65 -3.90 -54.52 -2.34
CA HIS B 65 -4.33 -55.88 -2.63
C HIS B 65 -5.79 -56.11 -2.27
N ARG B 66 -6.38 -55.27 -1.42
CA ARG B 66 -7.79 -55.45 -1.09
C ARG B 66 -8.71 -55.01 -2.21
N LEU B 67 -8.28 -54.05 -3.02
CA LEU B 67 -9.09 -53.58 -4.14
C LEU B 67 -8.73 -54.30 -5.44
N THR B 68 -8.73 -55.64 -5.40
CA THR B 68 -8.49 -56.45 -6.56
C THR B 68 -9.71 -57.31 -6.84
N TRP B 69 -9.95 -57.60 -8.12
CA TRP B 69 -11.08 -58.43 -8.50
C TRP B 69 -10.76 -59.11 -9.82
N ASN B 70 -11.47 -60.19 -10.07
CA ASN B 70 -11.38 -60.91 -11.34
C ASN B 70 -12.39 -60.32 -12.30
N ALA B 71 -11.91 -59.66 -13.35
CA ALA B 71 -12.80 -58.93 -14.24
C ALA B 71 -13.81 -59.84 -14.92
N SER B 72 -13.49 -61.12 -15.08
CA SER B 72 -14.43 -62.05 -15.71
C SER B 72 -15.58 -62.42 -14.78
N GLU B 73 -15.31 -62.59 -13.48
CA GLU B 73 -16.38 -62.94 -12.55
C GLU B 73 -17.47 -61.90 -12.55
N TYR B 74 -17.12 -60.65 -12.83
CA TYR B 74 -18.09 -59.61 -13.12
C TYR B 74 -18.09 -59.39 -14.63
N SER B 75 -18.90 -58.44 -15.09
CA SER B 75 -18.73 -58.03 -16.47
C SER B 75 -17.30 -57.53 -16.64
N ASP B 76 -16.89 -57.34 -17.90
CA ASP B 76 -15.50 -57.01 -18.14
C ASP B 76 -15.21 -55.60 -17.66
N ILE B 77 -15.28 -55.39 -16.35
CA ILE B 77 -15.02 -54.09 -15.74
C ILE B 77 -13.52 -54.01 -15.49
N SER B 78 -12.84 -53.12 -16.20
CA SER B 78 -11.40 -52.98 -16.12
C SER B 78 -10.96 -51.75 -15.35
N ILE B 79 -11.88 -51.00 -14.76
CA ILE B 79 -11.49 -49.80 -14.03
C ILE B 79 -12.65 -49.32 -13.17
N LEU B 80 -12.32 -48.70 -12.03
CA LEU B 80 -13.32 -48.17 -11.12
C LEU B 80 -12.92 -46.75 -10.72
N ARG B 81 -13.92 -45.96 -10.30
CA ARG B 81 -13.70 -44.65 -9.72
C ARG B 81 -14.30 -44.65 -8.32
N LEU B 82 -13.46 -44.45 -7.31
CA LEU B 82 -13.92 -44.44 -5.94
C LEU B 82 -13.52 -43.13 -5.26
N PRO B 83 -14.41 -42.53 -4.47
CA PRO B 83 -14.03 -41.32 -3.74
C PRO B 83 -12.95 -41.63 -2.73
N PRO B 84 -12.02 -40.70 -2.49
CA PRO B 84 -10.93 -40.99 -1.55
C PRO B 84 -11.40 -41.18 -0.12
N GLU B 85 -12.59 -40.72 0.24
CA GLU B 85 -13.07 -40.93 1.60
C GLU B 85 -13.47 -42.38 1.88
N LEU B 86 -13.48 -43.23 0.86
CA LEU B 86 -13.87 -44.63 1.04
C LEU B 86 -12.68 -45.58 1.08
N VAL B 87 -11.53 -45.18 0.53
CA VAL B 87 -10.38 -46.05 0.42
C VAL B 87 -9.22 -45.44 1.22
N TRP B 88 -8.24 -46.27 1.51
CA TRP B 88 -7.03 -45.78 2.17
C TRP B 88 -6.27 -44.85 1.23
N ILE B 89 -5.85 -43.71 1.75
CA ILE B 89 -5.16 -42.69 0.96
C ILE B 89 -3.85 -42.34 1.66
N PRO B 90 -2.72 -42.25 0.94
CA PRO B 90 -1.48 -41.81 1.59
C PRO B 90 -1.46 -40.29 1.74
N ASP B 91 -1.44 -39.82 2.99
CA ASP B 91 -1.40 -38.39 3.26
C ASP B 91 0.02 -37.89 3.06
N ILE B 92 0.27 -37.29 1.90
CA ILE B 92 1.55 -36.69 1.57
C ILE B 92 1.32 -35.18 1.55
N VAL B 93 2.06 -34.46 2.40
CA VAL B 93 1.80 -33.06 2.68
C VAL B 93 3.02 -32.24 2.31
N LEU B 94 2.79 -31.07 1.74
CA LEU B 94 3.84 -30.08 1.52
C LEU B 94 4.29 -29.55 2.87
N GLN B 95 5.52 -29.85 3.27
CA GLN B 95 5.97 -29.48 4.60
C GLN B 95 6.34 -28.00 4.69
N ASN B 96 6.95 -27.44 3.67
CA ASN B 96 7.44 -26.06 3.72
C ASN B 96 6.41 -25.08 3.17
N ASN B 97 5.19 -25.15 3.67
CA ASN B 97 4.15 -24.23 3.22
C ASN B 97 4.11 -22.99 4.09
N ASN B 98 3.58 -21.91 3.51
CA ASN B 98 3.48 -20.62 4.18
C ASN B 98 2.18 -20.46 4.96
N ASP B 99 1.06 -20.70 4.31
CA ASP B 99 -0.24 -20.23 4.80
C ASP B 99 -0.96 -21.24 5.68
N GLY B 100 -0.40 -22.42 5.89
CA GLY B 100 -1.09 -23.45 6.66
C GLY B 100 -1.94 -24.38 5.83
N GLN B 101 -1.65 -24.53 4.55
CA GLN B 101 -2.37 -25.44 3.65
C GLN B 101 -1.41 -26.56 3.29
N TYR B 102 -1.55 -27.69 3.98
CA TYR B 102 -0.68 -28.84 3.75
C TYR B 102 -1.20 -29.79 2.69
N HIS B 103 -2.50 -29.78 2.43
CA HIS B 103 -3.15 -30.81 1.62
C HIS B 103 -3.47 -30.29 0.23
N VAL B 104 -3.93 -31.21 -0.63
CA VAL B 104 -4.38 -30.82 -1.96
C VAL B 104 -5.72 -30.09 -1.85
N ALA B 105 -6.01 -29.30 -2.88
CA ALA B 105 -7.22 -28.48 -2.88
C ALA B 105 -8.48 -29.28 -3.12
N TYR B 106 -8.43 -30.25 -4.03
CA TYR B 106 -9.61 -30.95 -4.50
C TYR B 106 -9.38 -32.45 -4.38
N PHE B 107 -10.15 -33.11 -3.53
CA PHE B 107 -10.04 -34.55 -3.33
C PHE B 107 -10.86 -35.26 -4.39
N CYS B 108 -10.24 -35.52 -5.54
CA CYS B 108 -10.91 -36.18 -6.65
C CYS B 108 -10.95 -37.69 -6.44
N ASN B 109 -11.70 -38.37 -7.30
CA ASN B 109 -11.81 -39.82 -7.23
C ASN B 109 -10.46 -40.47 -7.51
N VAL B 110 -10.26 -41.65 -6.94
CA VAL B 110 -9.13 -42.50 -7.29
C VAL B 110 -9.55 -43.39 -8.46
N LEU B 111 -8.55 -43.91 -9.17
CA LEU B 111 -8.78 -44.87 -10.25
C LEU B 111 -8.17 -46.21 -9.85
N VAL B 112 -8.95 -47.27 -9.95
CA VAL B 112 -8.54 -48.60 -9.51
C VAL B 112 -8.66 -49.56 -10.68
N ARG B 113 -7.60 -50.31 -10.93
CA ARG B 113 -7.60 -51.36 -11.93
C ARG B 113 -7.91 -52.70 -11.29
N PRO B 114 -8.21 -53.73 -12.08
CA PRO B 114 -8.51 -55.04 -11.48
C PRO B 114 -7.35 -55.65 -10.72
N ASN B 115 -6.12 -55.22 -10.96
CA ASN B 115 -4.97 -55.77 -10.24
C ASN B 115 -4.66 -55.02 -8.96
N GLY B 116 -5.51 -54.08 -8.55
CA GLY B 116 -5.30 -53.33 -7.34
C GLY B 116 -4.48 -52.07 -7.48
N TYR B 117 -4.02 -51.76 -8.68
CA TYR B 117 -3.23 -50.55 -8.89
C TYR B 117 -4.14 -49.33 -8.76
N VAL B 118 -3.76 -48.40 -7.89
CA VAL B 118 -4.56 -47.21 -7.60
C VAL B 118 -3.75 -45.99 -8.01
N THR B 119 -4.35 -45.11 -8.80
CA THR B 119 -3.75 -43.83 -9.17
C THR B 119 -4.66 -42.70 -8.71
N TRP B 120 -4.07 -41.68 -8.11
CA TRP B 120 -4.79 -40.53 -7.62
C TRP B 120 -4.09 -39.27 -8.11
N LEU B 121 -4.84 -38.37 -8.74
CA LEU B 121 -4.28 -37.16 -9.35
C LEU B 121 -5.07 -35.94 -8.89
N PRO B 122 -4.95 -35.56 -7.63
CA PRO B 122 -5.64 -34.37 -7.15
C PRO B 122 -4.88 -33.11 -7.51
N PRO B 123 -5.58 -32.04 -7.90
CA PRO B 123 -4.90 -30.76 -8.12
C PRO B 123 -4.83 -29.93 -6.85
N ALA B 124 -3.86 -29.02 -6.82
CA ALA B 124 -3.61 -28.24 -5.61
C ALA B 124 -3.07 -26.87 -5.97
N ILE B 125 -3.35 -25.90 -5.10
CA ILE B 125 -2.65 -24.62 -5.09
C ILE B 125 -1.79 -24.60 -3.84
N PHE B 126 -0.48 -24.45 -4.02
CA PHE B 126 0.46 -24.50 -2.92
C PHE B 126 1.17 -23.17 -2.80
N ARG B 127 1.33 -22.70 -1.58
CA ARG B 127 2.04 -21.46 -1.28
C ARG B 127 3.23 -21.83 -0.41
N SER B 128 4.34 -22.21 -1.04
CA SER B 128 5.53 -22.61 -0.34
C SER B 128 6.44 -21.42 -0.10
N SER B 129 7.29 -21.54 0.91
CA SER B 129 8.27 -20.53 1.25
C SER B 129 9.60 -20.87 0.59
N CYS B 130 10.13 -19.96 -0.22
CA CYS B 130 11.49 -20.08 -0.74
C CYS B 130 12.21 -18.75 -0.51
N PRO B 131 13.33 -18.74 0.21
CA PRO B 131 14.04 -17.48 0.43
C PRO B 131 14.57 -16.89 -0.86
N ILE B 132 14.63 -15.56 -0.89
CA ILE B 132 15.01 -14.80 -2.08
C ILE B 132 16.45 -14.36 -1.95
N ASN B 133 17.26 -14.66 -2.96
CA ASN B 133 18.64 -14.18 -3.03
C ASN B 133 18.63 -12.89 -3.84
N VAL B 134 18.82 -11.76 -3.16
CA VAL B 134 18.65 -10.45 -3.77
C VAL B 134 19.98 -9.92 -4.32
N LEU B 135 21.01 -10.77 -4.37
CA LEU B 135 22.35 -10.27 -4.64
C LEU B 135 22.41 -9.54 -5.98
N TYR B 136 21.78 -10.08 -7.02
CA TYR B 136 21.86 -9.51 -8.37
C TYR B 136 20.53 -8.95 -8.84
N PHE B 137 19.66 -8.57 -7.93
CA PHE B 137 18.38 -8.01 -8.33
C PHE B 137 18.62 -6.76 -9.16
N PRO B 138 17.90 -6.57 -10.28
CA PRO B 138 16.84 -7.40 -10.87
C PRO B 138 17.31 -8.41 -11.91
N PHE B 139 18.61 -8.70 -11.94
CA PHE B 139 19.16 -9.70 -12.88
C PHE B 139 19.38 -11.03 -12.18
N ASP B 140 18.50 -11.39 -11.26
CA ASP B 140 18.69 -12.55 -10.39
C ASP B 140 17.87 -13.73 -10.88
N TRP B 141 18.31 -14.91 -10.46
CA TRP B 141 17.56 -16.14 -10.62
C TRP B 141 17.39 -16.77 -9.24
N GLN B 142 16.21 -17.34 -9.00
CA GLN B 142 15.87 -17.91 -7.72
C GLN B 142 15.83 -19.43 -7.81
N ASN B 143 15.95 -20.06 -6.65
CA ASN B 143 16.00 -21.51 -6.52
C ASN B 143 14.98 -21.91 -5.46
N CYS B 144 13.71 -22.05 -5.87
CA CYS B 144 12.64 -22.37 -4.95
C CYS B 144 12.40 -23.87 -4.96
N SER B 145 11.87 -24.38 -3.85
CA SER B 145 11.77 -25.81 -3.62
C SER B 145 10.39 -26.14 -3.07
N LEU B 146 9.91 -27.34 -3.42
CA LEU B 146 8.67 -27.89 -2.87
C LEU B 146 9.00 -29.23 -2.23
N LYS B 147 8.89 -29.30 -0.91
CA LYS B 147 9.33 -30.45 -0.13
C LYS B 147 8.13 -31.21 0.38
N PHE B 148 8.01 -32.47 0.01
CA PHE B 148 6.86 -33.31 0.35
C PHE B 148 7.31 -34.43 1.27
N THR B 149 6.61 -34.60 2.38
CA THR B 149 6.92 -35.61 3.37
C THR B 149 5.67 -36.39 3.72
N ALA B 150 5.85 -37.63 4.17
CA ALA B 150 4.76 -38.46 4.65
C ALA B 150 4.80 -38.49 6.17
N LEU B 151 3.96 -37.69 6.80
CA LEU B 151 3.94 -37.53 8.24
C LEU B 151 3.01 -38.50 8.95
N ASN B 152 2.26 -39.33 8.22
CA ASN B 152 1.34 -40.26 8.85
C ASN B 152 1.97 -41.62 9.13
N TYR B 153 3.04 -41.97 8.43
CA TYR B 153 3.71 -43.25 8.63
C TYR B 153 5.21 -43.03 8.54
N ASP B 154 5.96 -43.88 9.23
CA ASP B 154 7.42 -43.78 9.17
C ASP B 154 7.94 -44.52 7.95
N ALA B 155 9.26 -44.44 7.74
CA ALA B 155 9.87 -45.01 6.55
C ALA B 155 9.80 -46.53 6.55
N ASN B 156 9.71 -47.17 7.71
CA ASN B 156 9.56 -48.62 7.76
C ASN B 156 8.19 -49.08 7.28
N GLU B 157 7.23 -48.18 7.15
CA GLU B 157 5.86 -48.52 6.81
C GLU B 157 5.48 -48.15 5.38
N ILE B 158 5.86 -46.98 4.89
CA ILE B 158 5.63 -46.60 3.50
C ILE B 158 6.88 -45.93 2.96
N THR B 159 7.23 -46.27 1.73
CA THR B 159 8.39 -45.71 1.04
C THR B 159 7.91 -44.81 -0.08
N MET B 160 8.37 -43.55 -0.07
CA MET B 160 8.12 -42.64 -1.17
C MET B 160 9.13 -42.88 -2.28
N ASP B 161 8.68 -42.74 -3.52
CA ASP B 161 9.56 -42.91 -4.67
C ASP B 161 9.11 -41.97 -5.79
N LEU B 162 10.05 -41.65 -6.66
CA LEU B 162 9.71 -40.94 -7.88
C LEU B 162 8.99 -41.89 -8.83
N MET B 163 7.99 -41.38 -9.52
CA MET B 163 7.27 -42.20 -10.48
C MET B 163 8.19 -42.60 -11.64
N THR B 164 7.84 -43.69 -12.30
CA THR B 164 8.63 -44.23 -13.40
C THR B 164 7.79 -44.25 -14.67
N ASP B 165 8.47 -44.21 -15.81
CA ASP B 165 7.81 -44.29 -17.10
C ASP B 165 8.65 -45.13 -18.04
N THR B 166 8.01 -45.64 -19.09
CA THR B 166 8.65 -46.51 -20.06
C THR B 166 8.57 -45.89 -21.45
N ILE B 167 9.62 -46.08 -22.25
CA ILE B 167 9.63 -45.63 -23.63
C ILE B 167 9.75 -46.82 -24.56
N ASP B 168 10.78 -47.64 -24.39
CA ASP B 168 11.07 -48.77 -25.26
C ASP B 168 11.37 -50.02 -24.45
N GLY B 169 10.52 -50.31 -23.47
CA GLY B 169 10.66 -51.50 -22.66
C GLY B 169 11.53 -51.36 -21.43
N LYS B 170 12.16 -50.21 -21.23
CA LYS B 170 12.98 -49.95 -20.04
C LYS B 170 12.38 -48.76 -19.30
N ASP B 171 12.11 -48.95 -18.01
CA ASP B 171 11.50 -47.91 -17.19
C ASP B 171 12.58 -47.07 -16.53
N TYR B 172 12.33 -45.76 -16.45
CA TYR B 172 13.23 -44.82 -15.83
C TYR B 172 12.45 -43.94 -14.86
N PRO B 173 13.09 -43.43 -13.82
CA PRO B 173 12.40 -42.50 -12.93
C PRO B 173 12.15 -41.16 -13.61
N ILE B 174 11.04 -40.52 -13.21
CA ILE B 174 10.71 -39.18 -13.67
C ILE B 174 11.35 -38.23 -12.66
N GLU B 175 12.55 -37.76 -12.98
CA GLU B 175 13.34 -36.93 -12.09
C GLU B 175 13.16 -35.44 -12.34
N TRP B 176 12.00 -35.02 -12.84
CA TRP B 176 11.76 -33.62 -13.12
C TRP B 176 10.29 -33.32 -12.89
N ILE B 177 9.98 -32.02 -12.77
CA ILE B 177 8.60 -31.59 -12.80
C ILE B 177 8.08 -31.74 -14.20
N ILE B 178 6.88 -32.30 -14.34
CA ILE B 178 6.26 -32.49 -15.64
C ILE B 178 5.58 -31.20 -16.05
N ILE B 179 5.89 -30.70 -17.23
CA ILE B 179 5.24 -29.53 -17.79
C ILE B 179 4.66 -29.91 -19.14
N ASP B 180 3.37 -29.66 -19.31
CA ASP B 180 2.73 -29.92 -20.59
C ASP B 180 3.05 -28.77 -21.54
N PRO B 181 3.77 -29.00 -22.63
CA PRO B 181 4.18 -27.87 -23.49
C PRO B 181 3.01 -27.10 -24.07
N GLU B 182 1.87 -27.75 -24.28
CA GLU B 182 0.74 -27.08 -24.91
C GLU B 182 -0.06 -26.26 -23.91
N ALA B 183 -0.46 -26.88 -22.80
CA ALA B 183 -1.32 -26.19 -21.84
C ALA B 183 -0.57 -25.12 -21.07
N PHE B 184 0.71 -25.32 -20.80
CA PHE B 184 1.44 -24.42 -19.91
C PHE B 184 1.61 -23.05 -20.56
N THR B 185 1.27 -22.01 -19.81
CA THR B 185 1.47 -20.62 -20.22
C THR B 185 2.61 -20.04 -19.41
N GLU B 186 3.61 -19.48 -20.09
CA GLU B 186 4.77 -18.98 -19.38
C GLU B 186 4.36 -17.83 -18.45
N ASN B 187 5.05 -17.75 -17.31
CA ASN B 187 4.78 -16.69 -16.37
C ASN B 187 5.20 -15.33 -16.95
N GLY B 188 4.50 -14.28 -16.51
CA GLY B 188 4.81 -12.96 -17.01
C GLY B 188 6.20 -12.48 -16.66
N GLU B 189 6.72 -12.86 -15.50
CA GLU B 189 7.98 -12.33 -15.01
C GLU B 189 9.11 -13.34 -14.93
N TRP B 190 8.81 -14.64 -14.86
CA TRP B 190 9.81 -15.65 -14.56
C TRP B 190 9.89 -16.68 -15.67
N GLU B 191 11.12 -17.11 -15.97
CA GLU B 191 11.39 -18.17 -16.92
C GLU B 191 11.99 -19.36 -16.20
N ILE B 192 11.44 -20.54 -16.47
CA ILE B 192 11.92 -21.78 -15.84
C ILE B 192 13.15 -22.29 -16.59
N ILE B 193 14.24 -22.49 -15.85
CA ILE B 193 15.49 -22.97 -16.43
C ILE B 193 15.70 -24.45 -16.14
N HIS B 194 15.63 -24.84 -14.86
CA HIS B 194 15.75 -26.23 -14.45
C HIS B 194 14.59 -26.60 -13.55
N LYS B 195 14.21 -27.87 -13.57
CA LYS B 195 13.12 -28.37 -12.74
C LYS B 195 13.39 -29.81 -12.32
N PRO B 196 14.41 -30.04 -11.50
CA PRO B 196 14.72 -31.39 -11.04
C PRO B 196 13.78 -31.88 -9.95
N ALA B 197 13.77 -33.19 -9.77
CA ALA B 197 13.07 -33.85 -8.67
C ALA B 197 14.01 -34.85 -8.02
N LYS B 198 13.92 -34.98 -6.69
CA LYS B 198 14.85 -35.81 -5.95
C LYS B 198 14.14 -36.46 -4.78
N LYS B 199 14.53 -37.71 -4.48
CA LYS B 199 14.14 -38.37 -3.24
C LYS B 199 15.31 -38.30 -2.27
N ASN B 200 15.12 -37.58 -1.17
CA ASN B 200 16.18 -37.33 -0.20
C ASN B 200 16.02 -38.24 1.00
N ILE B 201 17.08 -38.96 1.33
CA ILE B 201 17.18 -39.71 2.58
C ILE B 201 18.07 -38.93 3.52
N TYR B 202 17.81 -39.03 4.82
CA TYR B 202 18.59 -38.34 5.84
C TYR B 202 19.17 -39.40 6.78
N PRO B 203 20.39 -39.87 6.52
CA PRO B 203 20.91 -41.01 7.30
C PRO B 203 21.10 -40.72 8.78
N ASP B 204 21.17 -39.45 9.19
CA ASP B 204 21.32 -39.17 10.61
C ASP B 204 20.03 -39.38 11.39
N LYS B 205 18.90 -39.53 10.70
CA LYS B 205 17.64 -39.87 11.34
C LYS B 205 17.49 -41.39 11.33
N PHE B 206 16.31 -41.88 11.67
CA PHE B 206 16.07 -43.32 11.73
C PHE B 206 14.89 -43.69 10.85
N PRO B 207 14.89 -44.90 10.29
CA PRO B 207 13.73 -45.31 9.48
C PRO B 207 12.43 -45.33 10.25
N ASN B 208 12.46 -45.56 11.56
CA ASN B 208 11.24 -45.58 12.34
C ASN B 208 10.86 -44.17 12.77
N GLY B 209 10.86 -43.25 11.80
CA GLY B 209 10.46 -41.88 12.07
C GLY B 209 9.91 -41.26 10.80
N THR B 210 9.21 -40.15 10.96
CA THR B 210 8.57 -39.48 9.83
C THR B 210 9.45 -38.40 9.21
N ASN B 211 10.64 -38.16 9.76
CA ASN B 211 11.55 -37.15 9.24
C ASN B 211 12.75 -37.79 8.55
N TYR B 212 12.57 -39.00 8.04
CA TYR B 212 13.64 -39.75 7.40
C TYR B 212 13.59 -39.70 5.88
N GLN B 213 12.40 -39.66 5.30
CA GLN B 213 12.18 -39.67 3.87
C GLN B 213 11.76 -38.29 3.39
N ASP B 214 11.86 -38.08 2.09
CA ASP B 214 11.52 -36.79 1.52
C ASP B 214 11.57 -36.89 0.00
N VAL B 215 10.69 -36.14 -0.66
CA VAL B 215 10.72 -35.97 -2.11
C VAL B 215 10.61 -34.48 -2.38
N THR B 216 11.61 -33.91 -3.04
CA THR B 216 11.70 -32.48 -3.25
C THR B 216 11.69 -32.18 -4.73
N PHE B 217 10.93 -31.16 -5.11
CA PHE B 217 10.87 -30.67 -6.48
C PHE B 217 11.43 -29.25 -6.50
N TYR B 218 12.44 -29.01 -7.32
CA TYR B 218 13.13 -27.73 -7.38
C TYR B 218 12.75 -26.98 -8.64
N LEU B 219 12.62 -25.66 -8.52
CA LEU B 219 12.32 -24.79 -9.64
C LEU B 219 13.39 -23.70 -9.69
N ILE B 220 14.37 -23.86 -10.57
CA ILE B 220 15.37 -22.82 -10.81
C ILE B 220 14.83 -21.90 -11.90
N ILE B 221 14.37 -20.72 -11.51
CA ILE B 221 13.70 -19.78 -12.39
C ILE B 221 14.52 -18.51 -12.48
N ARG B 222 14.47 -17.86 -13.64
CA ARG B 222 15.19 -16.62 -13.88
C ARG B 222 14.22 -15.47 -14.11
N ARG B 223 14.45 -14.35 -13.43
CA ARG B 223 13.62 -13.18 -13.64
C ARG B 223 13.87 -12.61 -15.03
N LYS B 224 12.83 -12.08 -15.64
CA LYS B 224 12.95 -11.41 -16.92
C LYS B 224 13.11 -9.91 -16.67
N PRO B 225 14.30 -9.34 -16.83
CA PRO B 225 14.51 -7.93 -16.44
C PRO B 225 14.18 -6.92 -17.55
N LEU B 226 12.89 -6.67 -17.71
CA LEU B 226 12.41 -5.67 -18.66
C LEU B 226 11.64 -4.57 -17.97
N PHE B 227 10.72 -4.91 -17.07
CA PHE B 227 10.00 -3.89 -16.33
C PHE B 227 10.96 -3.01 -15.55
N TYR B 228 11.93 -3.62 -14.87
CA TYR B 228 12.86 -2.83 -14.07
C TYR B 228 13.85 -2.08 -14.95
N VAL B 229 14.32 -2.70 -16.03
CA VAL B 229 15.26 -2.01 -16.91
C VAL B 229 14.61 -0.77 -17.49
N ILE B 230 13.34 -0.86 -17.88
CA ILE B 230 12.67 0.27 -18.52
C ILE B 230 12.30 1.33 -17.48
N ASN B 231 11.66 0.93 -16.38
CA ASN B 231 11.08 1.90 -15.47
C ASN B 231 12.02 2.39 -14.37
N PHE B 232 13.09 1.67 -14.06
CA PHE B 232 13.94 2.01 -12.93
C PHE B 232 15.37 2.35 -13.34
N ILE B 233 15.98 1.52 -14.18
CA ILE B 233 17.41 1.63 -14.41
C ILE B 233 17.74 2.74 -15.40
N THR B 234 17.12 2.71 -16.58
CA THR B 234 17.48 3.70 -17.59
C THR B 234 17.18 5.13 -17.14
N PRO B 235 16.01 5.44 -16.55
CA PRO B 235 15.81 6.84 -16.15
C PRO B 235 16.76 7.25 -15.05
N CYS B 236 17.04 6.35 -14.11
CA CYS B 236 18.00 6.66 -13.05
C CYS B 236 19.39 6.87 -13.63
N VAL B 237 19.80 6.04 -14.58
CA VAL B 237 21.13 6.18 -15.17
C VAL B 237 21.26 7.53 -15.87
N LEU B 238 20.23 7.90 -16.64
CA LEU B 238 20.29 9.17 -17.37
C LEU B 238 20.30 10.35 -16.40
N ILE B 239 19.44 10.31 -15.39
CA ILE B 239 19.38 11.41 -14.43
C ILE B 239 20.70 11.52 -13.68
N SER B 240 21.35 10.40 -13.40
CA SER B 240 22.65 10.45 -12.76
C SER B 240 23.70 11.07 -13.68
N PHE B 241 23.71 10.65 -14.94
CA PHE B 241 24.63 11.26 -15.91
C PHE B 241 24.41 12.76 -16.00
N LEU B 242 23.20 13.23 -15.75
CA LEU B 242 22.95 14.68 -15.78
C LEU B 242 23.78 15.41 -14.73
N ALA B 243 24.28 14.72 -13.71
CA ALA B 243 25.03 15.42 -12.66
C ALA B 243 26.37 15.92 -13.17
N SER B 244 26.93 15.29 -14.20
CA SER B 244 28.21 15.75 -14.73
C SER B 244 28.08 17.07 -15.47
N LEU B 245 26.88 17.41 -15.94
CA LEU B 245 26.70 18.69 -16.62
C LEU B 245 26.84 19.89 -15.69
N ALA B 246 26.70 19.68 -14.38
CA ALA B 246 26.87 20.79 -13.44
C ALA B 246 28.23 21.44 -13.59
N PHE B 247 29.25 20.66 -13.97
CA PHE B 247 30.58 21.20 -14.12
C PHE B 247 30.71 22.04 -15.38
N TYR B 248 29.94 21.73 -16.41
CA TYR B 248 29.96 22.51 -17.64
C TYR B 248 29.09 23.76 -17.55
N LEU B 249 28.35 23.93 -16.47
CA LEU B 249 27.43 25.06 -16.33
C LEU B 249 28.17 26.23 -15.70
N PRO B 250 28.21 27.40 -16.33
CA PRO B 250 29.04 28.48 -15.80
C PRO B 250 28.57 28.96 -14.43
N ALA B 251 29.52 29.44 -13.63
CA ALA B 251 29.19 29.93 -12.29
C ALA B 251 28.33 31.18 -12.34
N GLU B 252 28.42 31.97 -13.42
CA GLU B 252 27.59 33.16 -13.52
C GLU B 252 26.11 32.79 -13.54
N SER B 253 25.76 31.73 -14.24
CA SER B 253 24.41 31.19 -14.18
C SER B 253 24.24 30.52 -12.81
N GLY B 254 23.56 31.21 -11.90
CA GLY B 254 23.50 30.72 -10.53
C GLY B 254 22.62 29.50 -10.40
N GLU B 255 22.97 28.42 -11.10
CA GLU B 255 22.12 27.23 -11.08
C GLU B 255 22.92 25.92 -11.05
N LYS B 256 24.21 25.96 -10.71
CA LYS B 256 24.96 24.71 -10.55
C LYS B 256 24.38 23.88 -9.41
N MET B 257 24.25 24.50 -8.24
CA MET B 257 23.80 23.78 -7.06
C MET B 257 22.38 23.27 -7.25
N SER B 258 21.52 24.08 -7.87
CA SER B 258 20.16 23.63 -8.12
C SER B 258 20.15 22.35 -8.95
N THR B 259 20.95 22.32 -10.01
CA THR B 259 21.01 21.14 -10.86
C THR B 259 21.47 19.91 -10.09
N ALA B 260 22.60 20.04 -9.37
CA ALA B 260 23.12 18.89 -8.66
C ALA B 260 22.15 18.40 -7.59
N ILE B 261 21.56 19.32 -6.84
CA ILE B 261 20.66 18.94 -5.77
C ILE B 261 19.40 18.28 -6.32
N SER B 262 18.91 18.77 -7.46
CA SER B 262 17.74 18.16 -8.06
C SER B 262 18.05 16.74 -8.53
N VAL B 263 19.25 16.53 -9.07
CA VAL B 263 19.64 15.17 -9.43
C VAL B 263 19.63 14.28 -8.19
N LEU B 264 20.17 14.79 -7.09
CA LEU B 264 20.18 14.00 -5.86
C LEU B 264 18.77 13.69 -5.38
N LEU B 265 17.86 14.65 -5.50
CA LEU B 265 16.47 14.41 -5.08
C LEU B 265 15.81 13.34 -5.94
N ALA B 266 16.02 13.40 -7.25
CA ALA B 266 15.47 12.37 -8.13
C ALA B 266 16.02 10.99 -7.76
N GLN B 267 17.32 10.93 -7.46
CA GLN B 267 17.89 9.65 -7.06
C GLN B 267 17.31 9.17 -5.73
N ALA B 268 16.99 10.09 -4.83
CA ALA B 268 16.32 9.69 -3.59
C ALA B 268 14.93 9.13 -3.87
N VAL B 269 14.22 9.72 -4.82
CA VAL B 269 12.92 9.18 -5.22
C VAL B 269 13.08 7.76 -5.76
N PHE B 270 14.10 7.54 -6.59
CA PHE B 270 14.32 6.19 -7.12
C PHE B 270 14.68 5.22 -6.01
N LEU B 271 15.43 5.68 -5.00
CA LEU B 271 15.72 4.83 -3.85
C LEU B 271 14.44 4.46 -3.11
N LEU B 272 13.55 5.42 -2.93
CA LEU B 272 12.26 5.14 -2.31
C LEU B 272 11.48 4.11 -3.10
N LEU B 273 11.46 4.25 -4.43
CA LEU B 273 10.76 3.29 -5.26
C LEU B 273 11.37 1.90 -5.13
N THR B 274 12.69 1.81 -5.12
CA THR B 274 13.34 0.50 -5.07
C THR B 274 13.15 -0.17 -3.71
N SER B 275 13.08 0.62 -2.64
CA SER B 275 13.01 0.02 -1.31
C SER B 275 11.77 -0.86 -1.14
N GLN B 276 10.69 -0.53 -1.86
CA GLN B 276 9.43 -1.25 -1.69
C GLN B 276 9.38 -2.57 -2.45
N ARG B 277 10.31 -2.83 -3.36
CA ARG B 277 10.22 -3.97 -4.25
C ARG B 277 10.89 -5.22 -3.70
N LEU B 278 11.60 -5.14 -2.60
CA LEU B 278 12.45 -6.22 -2.12
C LEU B 278 12.17 -6.53 -0.67
N PRO B 279 12.46 -7.76 -0.23
CA PRO B 279 12.30 -8.11 1.18
C PRO B 279 13.34 -7.38 2.04
N GLU B 280 13.15 -7.49 3.34
CA GLU B 280 13.97 -6.78 4.31
C GLU B 280 15.22 -7.56 4.68
N THR B 281 15.50 -8.68 4.01
CA THR B 281 16.62 -9.52 4.39
C THR B 281 17.93 -8.74 4.36
N ALA B 282 18.95 -9.32 4.99
CA ALA B 282 20.24 -8.66 5.15
C ALA B 282 21.40 -9.54 4.71
N LEU B 283 21.14 -10.56 3.88
CA LEU B 283 22.22 -11.40 3.39
C LEU B 283 23.18 -10.59 2.52
N ALA B 284 22.65 -9.73 1.66
CA ALA B 284 23.49 -8.93 0.78
C ALA B 284 22.74 -7.69 0.34
N VAL B 285 23.48 -6.71 -0.16
CA VAL B 285 22.87 -5.53 -0.76
C VAL B 285 22.52 -5.84 -2.22
N PRO B 286 21.29 -5.55 -2.66
CA PRO B 286 20.96 -5.81 -4.06
C PRO B 286 21.81 -4.98 -5.01
N LEU B 287 22.02 -5.53 -6.22
CA LEU B 287 22.83 -4.84 -7.21
C LEU B 287 22.33 -3.42 -7.44
N ILE B 288 21.02 -3.26 -7.61
CA ILE B 288 20.46 -1.93 -7.80
C ILE B 288 20.73 -1.08 -6.57
N GLY B 289 20.67 -1.68 -5.38
CA GLY B 289 21.00 -0.93 -4.18
C GLY B 289 22.44 -0.50 -4.14
N LYS B 290 23.37 -1.37 -4.56
CA LYS B 290 24.77 -0.98 -4.63
C LYS B 290 24.95 0.19 -5.59
N TYR B 291 24.31 0.11 -6.75
CA TYR B 291 24.44 1.21 -7.71
C TYR B 291 23.85 2.50 -7.17
N LEU B 292 22.69 2.42 -6.52
CA LEU B 292 22.10 3.64 -5.98
C LEU B 292 22.98 4.26 -4.91
N MET B 293 23.55 3.44 -4.02
CA MET B 293 24.44 3.97 -3.00
C MET B 293 25.66 4.63 -3.64
N PHE B 294 26.26 3.96 -4.62
CA PHE B 294 27.45 4.48 -5.25
C PHE B 294 27.16 5.80 -5.96
N ILE B 295 26.05 5.86 -6.70
CA ILE B 295 25.74 7.05 -7.47
C ILE B 295 25.31 8.18 -6.57
N MET B 296 24.60 7.90 -5.48
CA MET B 296 24.24 8.95 -4.54
C MET B 296 25.47 9.53 -3.87
N SER B 297 26.43 8.68 -3.49
CA SER B 297 27.66 9.19 -2.93
C SER B 297 28.42 10.04 -3.94
N LEU B 298 28.46 9.60 -5.19
CA LEU B 298 29.17 10.36 -6.21
C LEU B 298 28.50 11.70 -6.46
N VAL B 299 27.16 11.74 -6.49
CA VAL B 299 26.47 13.01 -6.71
C VAL B 299 26.66 13.93 -5.51
N THR B 300 26.72 13.38 -4.29
CA THR B 300 27.04 14.22 -3.14
C THR B 300 28.44 14.81 -3.28
N GLY B 301 29.39 14.01 -3.74
CA GLY B 301 30.72 14.56 -4.02
C GLY B 301 30.68 15.65 -5.07
N VAL B 302 29.85 15.49 -6.09
CA VAL B 302 29.70 16.51 -7.12
C VAL B 302 29.15 17.80 -6.52
N ILE B 303 28.17 17.67 -5.62
CA ILE B 303 27.60 18.85 -4.98
C ILE B 303 28.67 19.55 -4.14
N VAL B 304 29.45 18.78 -3.39
CA VAL B 304 30.51 19.39 -2.58
C VAL B 304 31.51 20.12 -3.46
N ASN B 305 31.86 19.52 -4.60
CA ASN B 305 32.86 20.13 -5.45
C ASN B 305 32.31 21.36 -6.16
N CYS B 306 31.02 21.36 -6.50
CA CYS B 306 30.39 22.58 -7.00
C CYS B 306 30.40 23.68 -5.95
N GLY B 307 30.14 23.32 -4.69
CA GLY B 307 30.23 24.31 -3.63
C GLY B 307 31.61 24.90 -3.50
N ILE B 308 32.64 24.05 -3.58
CA ILE B 308 34.02 24.54 -3.51
C ILE B 308 34.31 25.47 -4.69
N VAL B 309 33.87 25.09 -5.89
CA VAL B 309 34.12 25.92 -7.05
C VAL B 309 33.45 27.28 -6.89
N LEU B 310 32.21 27.30 -6.40
CA LEU B 310 31.53 28.58 -6.21
C LEU B 310 32.23 29.41 -5.16
N ASN B 311 32.72 28.77 -4.09
CA ASN B 311 33.47 29.51 -3.08
C ASN B 311 34.72 30.15 -3.67
N PHE B 312 35.39 29.44 -4.58
CA PHE B 312 36.57 30.00 -5.23
C PHE B 312 36.20 31.13 -6.18
N HIS B 313 35.11 30.97 -6.93
CA HIS B 313 34.76 31.93 -7.96
C HIS B 313 34.46 33.32 -7.38
N PHE B 314 33.92 33.38 -6.17
CA PHE B 314 33.41 34.62 -5.61
C PHE B 314 34.37 35.27 -4.62
N ARG B 315 35.62 34.83 -4.56
CA ARG B 315 36.61 35.52 -3.75
C ARG B 315 37.01 36.84 -4.38
N THR B 316 37.32 37.81 -3.53
CA THR B 316 37.70 39.14 -3.95
C THR B 316 38.97 39.58 -3.23
N PRO B 317 39.69 40.56 -3.76
CA PRO B 317 40.91 41.03 -3.09
C PRO B 317 40.64 41.60 -1.70
N SER B 318 39.43 42.02 -1.39
CA SER B 318 39.13 42.57 -0.09
C SER B 318 38.93 41.52 0.99
N THR B 319 38.82 40.25 0.62
CA THR B 319 38.62 39.17 1.59
C THR B 319 39.58 38.00 1.46
N HIS B 320 40.25 37.84 0.32
CA HIS B 320 41.15 36.71 0.10
C HIS B 320 42.39 37.21 -0.63
N VAL B 321 43.47 36.45 -0.50
CA VAL B 321 44.73 36.73 -1.18
C VAL B 321 44.98 35.62 -2.19
N LEU B 322 45.25 36.00 -3.44
CA LEU B 322 45.52 35.04 -4.50
C LEU B 322 47.02 34.78 -4.51
N SER B 323 47.42 33.72 -3.83
CA SER B 323 48.84 33.42 -3.66
C SER B 323 49.48 33.00 -4.98
N THR B 324 50.80 33.11 -5.02
CA THR B 324 51.54 32.75 -6.24
C THR B 324 51.42 31.26 -6.55
N ARG B 325 51.44 30.43 -5.51
CA ARG B 325 51.31 28.99 -5.73
C ARG B 325 50.01 28.65 -6.44
N VAL B 326 48.91 29.24 -5.98
CA VAL B 326 47.62 29.00 -6.60
C VAL B 326 47.61 29.49 -8.04
N LYS B 327 48.19 30.67 -8.27
CA LYS B 327 48.22 31.20 -9.63
C LYS B 327 48.99 30.27 -10.55
N GLN B 328 50.18 29.83 -10.14
CA GLN B 328 50.93 28.94 -11.01
C GLN B 328 50.16 27.66 -11.28
N ILE B 329 49.60 27.06 -10.24
CA ILE B 329 48.98 25.75 -10.40
C ILE B 329 47.76 25.83 -11.31
N PHE B 330 46.92 26.84 -11.10
CA PHE B 330 45.60 26.84 -11.71
C PHE B 330 45.52 27.76 -12.92
N LEU B 331 46.61 28.48 -13.25
CA LEU B 331 46.64 29.32 -14.44
C LEU B 331 47.73 28.93 -15.43
N GLU B 332 48.72 28.12 -15.04
CA GLU B 332 49.77 27.71 -15.96
C GLU B 332 49.80 26.22 -16.18
N LYS B 333 49.86 25.43 -15.11
CA LYS B 333 50.07 24.00 -15.28
C LYS B 333 48.80 23.29 -15.72
N LEU B 334 47.75 23.34 -14.88
CA LEU B 334 46.54 22.60 -15.21
C LEU B 334 45.90 23.04 -16.51
N PRO B 335 45.76 24.33 -16.81
CA PRO B 335 45.18 24.71 -18.11
C PRO B 335 45.93 24.12 -19.28
N ARG B 336 47.25 24.02 -19.17
CA ARG B 336 48.03 23.38 -20.23
C ARG B 336 47.75 21.89 -20.29
N ILE B 337 47.75 21.22 -19.13
CA ILE B 337 47.52 19.78 -19.11
C ILE B 337 46.13 19.45 -19.64
N LEU B 338 45.12 20.21 -19.22
CA LEU B 338 43.74 19.92 -19.58
C LEU B 338 43.36 20.49 -20.94
N HIS B 339 44.30 21.08 -21.67
CA HIS B 339 44.04 21.60 -23.01
C HIS B 339 42.89 22.60 -23.00
N MET B 340 42.86 23.45 -21.99
CA MET B 340 41.79 24.43 -21.88
C MET B 340 42.00 25.54 -22.89
N SER B 341 40.90 26.16 -23.31
CA SER B 341 40.97 27.23 -24.30
C SER B 341 41.65 28.46 -23.72
N HIS B 416 44.97 81.02 -9.44
CA HIS B 416 44.46 79.98 -10.32
C HIS B 416 44.17 78.70 -9.55
N ASP B 417 43.44 78.85 -8.44
CA ASP B 417 43.11 77.68 -7.63
C ASP B 417 42.07 76.79 -8.28
N GLU B 418 41.23 77.35 -9.13
CA GLU B 418 40.20 76.56 -9.79
C GLU B 418 40.81 75.48 -10.69
N ILE B 419 41.83 75.83 -11.47
CA ILE B 419 42.42 74.84 -12.34
C ILE B 419 43.19 73.80 -11.52
N LYS B 420 43.80 74.20 -10.41
CA LYS B 420 44.47 73.22 -9.55
C LYS B 420 43.46 72.25 -8.97
N SER B 421 42.29 72.75 -8.54
CA SER B 421 41.26 71.86 -8.02
C SER B 421 40.75 70.91 -9.10
N GLY B 422 40.56 71.42 -10.32
CA GLY B 422 40.14 70.55 -11.41
C GLY B 422 41.16 69.47 -11.70
N ILE B 423 42.44 69.83 -11.72
CA ILE B 423 43.50 68.86 -11.98
C ILE B 423 43.52 67.80 -10.87
N ASP B 424 43.39 68.24 -9.61
CA ASP B 424 43.36 67.28 -8.52
C ASP B 424 42.18 66.34 -8.63
N SER B 425 41.00 66.87 -8.99
CA SER B 425 39.83 66.02 -9.14
C SER B 425 40.03 64.99 -10.24
N THR B 426 40.59 65.40 -11.38
CA THR B 426 40.78 64.43 -12.46
C THR B 426 41.83 63.39 -12.08
N ASN B 427 42.88 63.79 -11.35
CA ASN B 427 43.84 62.82 -10.87
C ASN B 427 43.20 61.81 -9.92
N TYR B 428 42.34 62.31 -9.02
CA TYR B 428 41.64 61.40 -8.12
C TYR B 428 40.75 60.43 -8.88
N ILE B 429 40.04 60.92 -9.89
CA ILE B 429 39.20 60.05 -10.70
C ILE B 429 40.04 58.96 -11.35
N VAL B 430 41.18 59.35 -11.92
CA VAL B 430 42.04 58.38 -12.58
C VAL B 430 42.54 57.34 -11.59
N LYS B 431 42.94 57.76 -10.40
CA LYS B 431 43.41 56.81 -9.39
C LYS B 431 42.30 55.82 -9.02
N GLN B 432 41.08 56.33 -8.82
CA GLN B 432 39.97 55.44 -8.48
C GLN B 432 39.71 54.44 -9.59
N ILE B 433 39.74 54.88 -10.84
CA ILE B 433 39.50 53.98 -11.96
C ILE B 433 40.57 52.91 -12.03
N LYS B 434 41.84 53.30 -11.82
CA LYS B 434 42.91 52.30 -11.84
C LYS B 434 42.72 51.26 -10.74
N GLU B 435 42.36 51.70 -9.53
CA GLU B 435 42.13 50.75 -8.46
C GLU B 435 40.99 49.81 -8.80
N LYS B 436 39.89 50.34 -9.35
CA LYS B 436 38.78 49.51 -9.75
C LYS B 436 39.18 48.49 -10.81
N ASN B 437 40.00 48.90 -11.77
CA ASN B 437 40.44 47.98 -12.80
C ASN B 437 41.29 46.86 -12.22
N ALA B 438 42.19 47.17 -11.29
CA ALA B 438 42.98 46.12 -10.66
C ALA B 438 42.08 45.15 -9.90
N TYR B 439 41.13 45.68 -9.14
CA TYR B 439 40.17 44.84 -8.45
C TYR B 439 39.47 43.89 -9.41
N ASP B 440 38.98 44.43 -10.53
CA ASP B 440 38.24 43.62 -11.48
C ASP B 440 39.12 42.54 -12.10
N GLU B 441 40.37 42.88 -12.45
CA GLU B 441 41.20 41.88 -13.11
C GLU B 441 41.54 40.74 -12.15
N GLU B 442 41.75 41.06 -10.86
CA GLU B 442 42.02 39.96 -9.94
C GLU B 442 40.75 39.12 -9.69
N VAL B 443 39.58 39.75 -9.71
CA VAL B 443 38.34 38.98 -9.65
C VAL B 443 38.26 38.04 -10.85
N GLY B 444 38.64 38.52 -12.02
CA GLY B 444 38.66 37.66 -13.19
C GLY B 444 39.63 36.51 -13.04
N ASN B 445 40.77 36.76 -12.40
CA ASN B 445 41.71 35.67 -12.12
C ASN B 445 41.06 34.60 -11.25
N TRP B 446 40.33 35.02 -10.22
CA TRP B 446 39.62 34.04 -9.40
C TRP B 446 38.61 33.26 -10.23
N ASN B 447 37.94 33.95 -11.16
CA ASN B 447 36.99 33.26 -12.03
C ASN B 447 37.70 32.19 -12.87
N LEU B 448 38.87 32.51 -13.39
CA LEU B 448 39.62 31.53 -14.18
C LEU B 448 40.02 30.33 -13.32
N VAL B 449 40.43 30.59 -12.08
CA VAL B 449 40.76 29.48 -11.18
C VAL B 449 39.56 28.57 -11.00
N GLY B 450 38.38 29.16 -10.79
CA GLY B 450 37.17 28.35 -10.66
C GLY B 450 36.89 27.53 -11.90
N GLN B 451 37.08 28.12 -13.08
CA GLN B 451 36.85 27.37 -14.32
C GLN B 451 37.81 26.19 -14.44
N THR B 452 39.08 26.40 -14.08
CA THR B 452 40.03 25.30 -14.10
C THR B 452 39.61 24.18 -13.17
N ILE B 453 39.14 24.53 -11.97
CA ILE B 453 38.70 23.51 -11.04
C ILE B 453 37.51 22.74 -11.61
N ASP B 454 36.57 23.44 -12.26
CA ASP B 454 35.47 22.73 -12.92
C ASP B 454 35.97 21.74 -13.94
N ARG B 455 36.90 22.16 -14.79
CA ARG B 455 37.36 21.25 -15.84
C ARG B 455 38.03 20.02 -15.23
N LEU B 456 38.88 20.23 -14.22
CA LEU B 456 39.52 19.09 -13.59
C LEU B 456 38.50 18.16 -12.95
N SER B 457 37.51 18.72 -12.26
CA SER B 457 36.49 17.90 -11.61
C SER B 457 35.73 17.07 -12.63
N MET B 458 35.36 17.68 -13.75
CA MET B 458 34.64 16.93 -14.77
C MET B 458 35.49 15.78 -15.29
N PHE B 459 36.74 16.08 -15.65
CA PHE B 459 37.61 15.04 -16.20
C PHE B 459 37.84 13.92 -15.19
N ILE B 460 37.76 14.21 -13.90
CA ILE B 460 38.02 13.17 -12.91
C ILE B 460 36.76 12.38 -12.54
N ILE B 461 35.58 13.00 -12.62
CA ILE B 461 34.36 12.39 -12.11
C ILE B 461 33.54 11.73 -13.21
N THR B 462 33.43 12.36 -14.38
CA THR B 462 32.63 11.75 -15.44
C THR B 462 33.11 10.35 -15.80
N PRO B 463 34.39 10.11 -16.06
CA PRO B 463 34.83 8.74 -16.32
C PRO B 463 34.54 7.79 -15.18
N VAL B 464 34.68 8.24 -13.93
CA VAL B 464 34.39 7.36 -12.81
C VAL B 464 32.92 6.94 -12.83
N MET B 465 32.04 7.91 -13.02
CA MET B 465 30.61 7.60 -13.09
C MET B 465 30.32 6.60 -14.21
N VAL B 466 30.81 6.89 -15.42
CA VAL B 466 30.49 6.04 -16.56
C VAL B 466 31.03 4.64 -16.36
N LEU B 467 32.30 4.53 -15.96
CA LEU B 467 32.91 3.22 -15.80
C LEU B 467 32.25 2.43 -14.69
N GLY B 468 31.93 3.09 -13.57
CA GLY B 468 31.25 2.39 -12.50
C GLY B 468 29.90 1.86 -12.93
N THR B 469 29.12 2.68 -13.62
CA THR B 469 27.81 2.22 -14.09
C THR B 469 27.96 1.03 -15.03
N ILE B 470 28.88 1.13 -15.99
CA ILE B 470 29.04 0.05 -16.97
C ILE B 470 29.47 -1.23 -16.26
N PHE B 471 30.46 -1.13 -15.37
CA PHE B 471 30.95 -2.32 -14.69
C PHE B 471 29.86 -2.96 -13.85
N ILE B 472 29.12 -2.16 -13.09
CA ILE B 472 28.07 -2.71 -12.24
C ILE B 472 27.04 -3.44 -13.07
N PHE B 473 26.59 -2.83 -14.17
CA PHE B 473 25.47 -3.44 -14.88
C PHE B 473 25.91 -4.55 -15.82
N VAL B 474 27.18 -4.62 -16.22
CA VAL B 474 27.60 -5.81 -16.96
C VAL B 474 27.85 -6.96 -16.01
N MET B 475 28.30 -6.67 -14.77
CA MET B 475 28.33 -7.72 -13.76
C MET B 475 26.93 -8.25 -13.50
N GLY B 476 25.95 -7.35 -13.45
CA GLY B 476 24.57 -7.80 -13.30
C GLY B 476 24.09 -8.65 -14.48
N ASN B 477 24.40 -8.21 -15.70
CA ASN B 477 23.96 -8.92 -16.90
C ASN B 477 24.72 -10.22 -17.13
N PHE B 478 25.78 -10.49 -16.38
CA PHE B 478 26.56 -11.71 -16.54
C PHE B 478 26.27 -12.72 -15.44
N ASN B 479 25.01 -12.84 -15.02
CA ASN B 479 24.64 -13.68 -13.87
C ASN B 479 23.69 -14.81 -14.28
N HIS B 480 24.02 -15.53 -15.34
CA HIS B 480 23.16 -16.62 -15.76
C HIS B 480 23.19 -17.77 -14.76
N PRO B 481 22.11 -18.55 -14.65
CA PRO B 481 22.12 -19.73 -13.78
C PRO B 481 23.18 -20.71 -14.24
N PRO B 482 23.58 -21.66 -13.38
CA PRO B 482 24.76 -22.49 -13.65
C PRO B 482 24.61 -23.45 -14.81
N ALA B 483 23.44 -23.55 -15.44
CA ALA B 483 23.20 -24.44 -16.57
C ALA B 483 23.23 -25.91 -16.18
N LYS B 484 23.48 -26.23 -14.91
CA LYS B 484 23.39 -27.60 -14.42
C LYS B 484 23.14 -27.56 -12.92
N PRO B 485 21.96 -27.98 -12.45
CA PRO B 485 21.70 -27.94 -11.01
C PRO B 485 22.52 -28.98 -10.28
N PHE B 486 22.64 -28.81 -8.96
CA PHE B 486 23.38 -29.76 -8.13
C PHE B 486 24.84 -29.85 -8.60
N GLU B 487 25.55 -28.76 -8.35
CA GLU B 487 26.91 -28.53 -8.86
C GLU B 487 27.75 -29.81 -8.95
N GLY B 488 27.67 -30.67 -7.94
CA GLY B 488 28.45 -31.89 -7.98
C GLY B 488 27.87 -32.99 -8.84
N ASP B 489 26.80 -32.70 -9.58
CA ASP B 489 26.06 -33.71 -10.34
C ASP B 489 26.27 -33.49 -11.83
N PRO B 490 26.62 -34.52 -12.60
CA PRO B 490 26.73 -34.36 -14.06
C PRO B 490 25.43 -34.57 -14.84
N PHE B 491 24.32 -34.86 -14.17
CA PHE B 491 23.06 -35.12 -14.84
C PHE B 491 22.29 -33.83 -15.07
N ASP B 492 21.67 -33.73 -16.25
CA ASP B 492 20.90 -32.53 -16.61
C ASP B 492 19.54 -32.48 -15.93
N TYR B 493 18.98 -33.64 -15.56
CA TYR B 493 17.61 -33.69 -15.05
C TYR B 493 16.63 -33.11 -16.05
N SER B 494 16.90 -33.32 -17.33
CA SER B 494 16.05 -32.83 -18.41
C SER B 494 15.11 -33.93 -18.86
N SER B 495 13.87 -33.55 -19.17
CA SER B 495 12.88 -34.54 -19.60
C SER B 495 13.27 -35.19 -20.91
N ASP B 496 14.17 -34.58 -21.67
CA ASP B 496 14.57 -35.13 -22.96
C ASP B 496 15.52 -36.31 -22.81
N HIS B 497 16.31 -36.36 -21.74
CA HIS B 497 17.36 -37.37 -21.57
C HIS B 497 17.21 -38.06 -20.23
N PRO B 498 16.27 -39.00 -20.12
CA PRO B 498 16.16 -39.79 -18.89
C PRO B 498 17.38 -40.66 -18.67
N ARG B 499 17.67 -40.94 -17.40
CA ARG B 499 18.83 -41.74 -17.06
C ARG B 499 18.76 -43.10 -17.73
N CYS B 500 19.81 -43.43 -18.48
CA CYS B 500 19.88 -44.71 -19.17
C CYS B 500 18.67 -44.92 -20.09
N SER C 1 -3.13 -55.24 7.62
CA SER C 1 -3.30 -56.72 7.68
C SER C 1 -4.57 -57.10 8.41
N VAL C 2 -4.90 -58.39 8.41
CA VAL C 2 -6.07 -58.85 9.14
C VAL C 2 -5.86 -58.70 10.64
N MET C 3 -4.66 -59.00 11.13
CA MET C 3 -4.41 -58.91 12.55
C MET C 3 -4.47 -57.48 13.05
N GLU C 4 -4.06 -56.51 12.23
CA GLU C 4 -4.23 -55.12 12.62
C GLU C 4 -5.71 -54.78 12.75
N ASP C 5 -6.54 -55.29 11.85
CA ASP C 5 -7.98 -55.07 11.97
C ASP C 5 -8.50 -55.68 13.27
N THR C 6 -8.07 -56.90 13.59
CA THR C 6 -8.53 -57.54 14.82
C THR C 6 -8.08 -56.73 16.05
N LEU C 7 -6.84 -56.29 16.06
CA LEU C 7 -6.33 -55.53 17.19
C LEU C 7 -7.08 -54.22 17.35
N LEU C 8 -7.34 -53.52 16.24
CA LEU C 8 -8.07 -52.26 16.32
C LEU C 8 -9.48 -52.48 16.83
N SER C 9 -10.15 -53.54 16.35
CA SER C 9 -11.50 -53.83 16.83
C SER C 9 -11.50 -54.14 18.31
N VAL C 10 -10.47 -54.85 18.79
CA VAL C 10 -10.39 -55.18 20.21
C VAL C 10 -10.12 -53.94 21.05
N LEU C 11 -9.26 -53.05 20.55
CA LEU C 11 -8.85 -51.90 21.36
C LEU C 11 -9.99 -50.89 21.52
N PHE C 12 -10.79 -50.69 20.48
CA PHE C 12 -11.75 -49.60 20.45
C PHE C 12 -13.20 -50.10 20.52
N GLU C 13 -13.42 -51.24 21.16
CA GLU C 13 -14.79 -51.72 21.30
C GLU C 13 -15.57 -50.85 22.28
N THR C 14 -14.97 -50.53 23.42
CA THR C 14 -15.61 -49.70 24.44
C THR C 14 -14.77 -48.48 24.79
N TYR C 15 -13.82 -48.12 23.93
CA TYR C 15 -12.95 -46.98 24.19
C TYR C 15 -13.70 -45.70 23.91
N ASN C 16 -13.69 -44.78 24.87
CA ASN C 16 -14.35 -43.49 24.71
C ASN C 16 -13.31 -42.38 24.65
N PRO C 17 -13.08 -41.74 23.50
CA PRO C 17 -12.04 -40.71 23.44
C PRO C 17 -12.36 -39.45 24.22
N LYS C 18 -13.59 -39.26 24.67
CA LYS C 18 -13.92 -38.08 25.47
C LYS C 18 -13.45 -38.20 26.91
N VAL C 19 -13.12 -39.39 27.38
CA VAL C 19 -12.77 -39.62 28.77
C VAL C 19 -11.25 -39.60 28.91
N ARG C 20 -10.75 -38.79 29.84
CA ARG C 20 -9.33 -38.75 30.10
C ARG C 20 -8.87 -40.06 30.73
N PRO C 21 -7.75 -40.64 30.29
CA PRO C 21 -7.34 -41.97 30.78
C PRO C 21 -6.72 -41.90 32.16
N ALA C 22 -7.46 -42.36 33.17
CA ALA C 22 -6.97 -42.42 34.53
C ALA C 22 -7.29 -43.78 35.11
N GLN C 23 -6.26 -44.57 35.42
CA GLN C 23 -6.44 -45.86 36.07
C GLN C 23 -7.41 -45.76 37.22
N THR C 24 -7.13 -44.87 38.16
CA THR C 24 -7.95 -44.70 39.36
C THR C 24 -8.32 -43.23 39.50
N VAL C 25 -9.51 -43.01 40.07
CA VAL C 25 -9.99 -41.66 40.32
C VAL C 25 -8.93 -40.90 41.12
N GLY C 26 -8.45 -39.79 40.58
CA GLY C 26 -7.42 -39.00 41.20
C GLY C 26 -6.07 -39.06 40.52
N ASP C 27 -5.89 -39.97 39.57
CA ASP C 27 -4.62 -40.04 38.85
C ASP C 27 -4.49 -38.88 37.89
N LYS C 28 -3.25 -38.48 37.63
CA LYS C 28 -2.93 -37.40 36.71
C LYS C 28 -2.21 -37.97 35.50
N VAL C 29 -2.50 -37.42 34.33
CA VAL C 29 -1.89 -37.85 33.09
C VAL C 29 -0.68 -36.96 32.82
N THR C 30 0.50 -37.57 32.72
CA THR C 30 1.71 -36.82 32.45
C THR C 30 1.84 -36.58 30.94
N VAL C 31 1.90 -35.31 30.55
CA VAL C 31 2.00 -34.92 29.15
C VAL C 31 3.33 -34.21 28.96
N ARG C 32 4.14 -34.72 28.04
CA ARG C 32 5.42 -34.11 27.71
C ARG C 32 5.24 -33.19 26.50
N VAL C 33 5.61 -31.93 26.64
CA VAL C 33 5.42 -30.92 25.59
C VAL C 33 6.79 -30.50 25.06
N GLY C 34 7.03 -30.78 23.79
CA GLY C 34 8.22 -30.30 23.11
C GLY C 34 7.88 -29.52 21.86
N LEU C 35 8.81 -28.72 21.36
CA LEU C 35 8.60 -27.93 20.16
C LEU C 35 9.79 -28.05 19.22
N THR C 36 9.50 -28.24 17.93
CA THR C 36 10.51 -28.24 16.89
C THR C 36 10.21 -27.09 15.93
N LEU C 37 11.13 -26.14 15.82
CA LEU C 37 10.96 -24.98 14.95
C LEU C 37 11.42 -25.34 13.54
N THR C 38 10.49 -25.31 12.59
CA THR C 38 10.84 -25.57 11.20
C THR C 38 11.15 -24.30 10.43
N ASN C 39 10.49 -23.19 10.76
CA ASN C 39 10.71 -21.95 10.04
C ASN C 39 10.11 -20.76 10.79
N LEU C 40 10.92 -19.75 11.07
CA LEU C 40 10.44 -18.51 11.68
C LEU C 40 10.04 -17.57 10.55
N LEU C 41 8.77 -17.65 10.16
CA LEU C 41 8.33 -16.97 8.95
C LEU C 41 8.48 -15.45 9.06
N ILE C 42 7.73 -14.83 9.97
CA ILE C 42 7.64 -13.37 10.03
C ILE C 42 7.64 -12.92 11.49
N LEU C 43 7.97 -11.65 11.68
CA LEU C 43 7.81 -10.97 12.97
C LEU C 43 7.18 -9.60 12.75
N ASN C 44 6.03 -9.58 12.07
CA ASN C 44 5.33 -8.36 11.77
C ASN C 44 5.28 -7.44 12.99
N GLU C 45 5.92 -6.28 12.88
CA GLU C 45 5.96 -5.33 13.99
C GLU C 45 4.79 -4.37 13.99
N LYS C 46 4.10 -4.21 12.85
CA LYS C 46 2.91 -3.37 12.83
C LYS C 46 1.81 -3.93 13.73
N ILE C 47 1.63 -5.25 13.70
CA ILE C 47 0.60 -5.90 14.51
C ILE C 47 1.19 -6.67 15.68
N GLU C 48 2.50 -6.65 15.87
CA GLU C 48 3.15 -7.33 16.99
C GLU C 48 2.80 -8.82 17.00
N GLU C 49 3.16 -9.48 15.90
CA GLU C 49 2.78 -10.86 15.66
C GLU C 49 3.95 -11.61 15.06
N MET C 50 4.23 -12.80 15.59
CA MET C 50 5.26 -13.68 15.06
C MET C 50 4.59 -14.90 14.46
N THR C 51 4.89 -15.19 13.19
CA THR C 51 4.39 -16.37 12.52
C THR C 51 5.51 -17.41 12.44
N THR C 52 5.23 -18.61 12.93
CA THR C 52 6.20 -19.70 12.93
C THR C 52 5.54 -20.96 12.40
N ASN C 53 6.37 -21.83 11.85
CA ASN C 53 5.98 -23.17 11.41
C ASN C 53 6.69 -24.16 12.32
N VAL C 54 5.90 -24.90 13.11
CA VAL C 54 6.44 -25.71 14.19
C VAL C 54 5.81 -27.09 14.21
N PHE C 55 6.47 -28.01 14.89
CA PHE C 55 5.90 -29.29 15.29
C PHE C 55 5.77 -29.32 16.80
N LEU C 56 4.68 -29.89 17.31
CA LEU C 56 4.51 -30.13 18.73
C LEU C 56 4.82 -31.58 19.04
N ASN C 57 5.85 -31.83 19.84
CA ASN C 57 6.20 -33.19 20.24
C ASN C 57 5.48 -33.50 21.54
N LEU C 58 4.30 -34.11 21.43
CA LEU C 58 3.50 -34.47 22.59
C LEU C 58 3.62 -35.96 22.86
N ALA C 59 3.64 -36.33 24.14
CA ALA C 59 3.70 -37.73 24.53
C ALA C 59 2.97 -37.91 25.85
N TRP C 60 2.20 -38.97 25.95
CA TRP C 60 1.49 -39.32 27.18
C TRP C 60 1.23 -40.81 27.15
N THR C 61 0.66 -41.33 28.23
CA THR C 61 0.35 -42.75 28.37
C THR C 61 -1.14 -42.94 28.52
N ASP C 62 -1.70 -43.86 27.73
CA ASP C 62 -3.11 -44.21 27.77
C ASP C 62 -3.21 -45.69 28.13
N TYR C 63 -3.57 -45.98 29.38
CA TYR C 63 -3.58 -47.37 29.83
C TYR C 63 -4.57 -48.24 29.04
N ARG C 64 -5.59 -47.63 28.44
CA ARG C 64 -6.58 -48.42 27.72
C ARG C 64 -6.02 -49.02 26.43
N LEU C 65 -5.00 -48.38 25.87
CA LEU C 65 -4.43 -48.83 24.59
C LEU C 65 -3.21 -49.73 24.83
N GLN C 66 -3.43 -50.82 25.54
CA GLN C 66 -2.40 -51.79 25.85
C GLN C 66 -2.77 -53.15 25.26
N TRP C 67 -1.77 -53.84 24.72
CA TRP C 67 -1.98 -55.17 24.16
C TRP C 67 -0.69 -55.95 24.24
N ASP C 68 -0.82 -57.27 24.15
CA ASP C 68 0.35 -58.16 24.16
C ASP C 68 0.77 -58.44 22.72
N PRO C 69 1.93 -57.96 22.27
CA PRO C 69 2.30 -58.18 20.86
C PRO C 69 2.44 -59.63 20.48
N ALA C 70 2.73 -60.51 21.44
CA ALA C 70 2.88 -61.92 21.12
C ALA C 70 1.61 -62.51 20.53
N ALA C 71 0.45 -61.99 20.95
CA ALA C 71 -0.85 -62.51 20.51
C ALA C 71 -1.32 -61.87 19.21
N TYR C 72 -0.54 -60.98 18.61
CA TYR C 72 -0.97 -60.29 17.39
C TYR C 72 0.16 -60.26 16.37
N GLU C 73 0.86 -61.39 16.23
CA GLU C 73 1.95 -61.50 15.27
C GLU C 73 3.00 -60.42 15.49
N GLY C 74 3.26 -60.11 16.75
CA GLY C 74 4.35 -59.19 17.08
C GLY C 74 4.17 -57.80 16.53
N ILE C 75 2.95 -57.26 16.60
CA ILE C 75 2.71 -55.87 16.25
C ILE C 75 3.08 -55.02 17.46
N LYS C 76 4.10 -54.18 17.30
CA LYS C 76 4.62 -53.41 18.43
C LYS C 76 3.98 -52.04 18.56
N ASP C 77 3.52 -51.44 17.46
CA ASP C 77 2.92 -50.12 17.52
C ASP C 77 1.94 -49.95 16.38
N LEU C 78 1.06 -48.98 16.53
CA LEU C 78 0.04 -48.69 15.54
C LEU C 78 0.05 -47.20 15.23
N ARG C 79 -0.38 -46.87 14.01
CA ARG C 79 -0.61 -45.49 13.59
C ARG C 79 -2.12 -45.31 13.53
N ILE C 80 -2.69 -44.67 14.55
CA ILE C 80 -4.13 -44.54 14.67
C ILE C 80 -4.51 -43.09 14.40
N PRO C 81 -5.56 -42.80 13.65
CA PRO C 81 -5.94 -41.40 13.41
C PRO C 81 -6.16 -40.67 14.72
N SER C 82 -5.68 -39.43 14.76
CA SER C 82 -5.63 -38.67 16.01
C SER C 82 -7.01 -38.45 16.60
N SER C 83 -8.07 -38.51 15.80
CA SER C 83 -9.41 -38.26 16.31
C SER C 83 -10.02 -39.45 17.02
N ASP C 84 -9.40 -40.62 16.92
CA ASP C 84 -9.93 -41.83 17.52
C ASP C 84 -9.44 -42.07 18.94
N VAL C 85 -8.53 -41.24 19.46
CA VAL C 85 -7.99 -41.42 20.79
C VAL C 85 -8.17 -40.13 21.57
N TRP C 86 -8.19 -40.27 22.89
CA TRP C 86 -8.15 -39.09 23.75
C TRP C 86 -6.82 -38.38 23.58
N GLN C 87 -6.86 -37.07 23.49
CA GLN C 87 -5.66 -36.26 23.45
C GLN C 87 -5.82 -35.05 24.36
N PRO C 88 -4.73 -34.59 24.98
CA PRO C 88 -4.83 -33.36 25.76
C PRO C 88 -4.99 -32.15 24.85
N ASP C 89 -5.81 -31.20 25.28
CA ASP C 89 -6.09 -30.02 24.48
C ASP C 89 -4.96 -29.00 24.60
N ILE C 90 -3.76 -29.42 24.21
CA ILE C 90 -2.61 -28.53 24.24
C ILE C 90 -2.76 -27.51 23.13
N VAL C 91 -2.79 -26.23 23.51
CA VAL C 91 -3.02 -25.14 22.58
C VAL C 91 -2.00 -24.04 22.83
N LEU C 92 -1.89 -23.12 21.88
CA LEU C 92 -1.10 -21.91 22.03
C LEU C 92 -2.00 -20.84 22.64
N MET C 93 -1.69 -20.42 23.86
CA MET C 93 -2.58 -19.51 24.56
C MET C 93 -2.38 -18.06 24.12
N ASN C 94 -1.15 -17.66 23.84
CA ASN C 94 -0.86 -16.29 23.44
C ASN C 94 -0.87 -16.13 21.93
N ASN C 95 -1.93 -16.60 21.29
CA ASN C 95 -2.06 -16.48 19.84
C ASN C 95 -2.69 -15.14 19.52
N ASN C 96 -2.30 -14.56 18.38
CA ASN C 96 -2.81 -13.24 18.04
C ASN C 96 -4.16 -13.32 17.36
N ASP C 97 -4.37 -14.33 16.53
CA ASP C 97 -5.68 -14.60 15.97
C ASP C 97 -6.43 -15.57 16.88
N GLY C 98 -7.54 -16.11 16.42
CA GLY C 98 -8.34 -16.98 17.27
C GLY C 98 -8.04 -18.44 17.09
N SER C 99 -6.87 -18.76 16.53
CA SER C 99 -6.50 -20.13 16.22
C SER C 99 -5.69 -20.69 17.38
N PHE C 100 -6.35 -21.45 18.24
CA PHE C 100 -5.69 -22.07 19.38
C PHE C 100 -5.05 -23.41 19.02
N GLU C 101 -5.69 -24.18 18.15
CA GLU C 101 -5.33 -25.56 17.92
C GLU C 101 -4.39 -25.70 16.73
N ILE C 102 -3.85 -26.91 16.58
CA ILE C 102 -2.96 -27.27 15.49
C ILE C 102 -3.69 -27.21 14.15
N THR C 103 -2.94 -27.23 13.06
CA THR C 103 -3.51 -27.20 11.72
C THR C 103 -3.58 -28.58 11.08
N LEU C 104 -2.51 -29.37 11.18
CA LEU C 104 -2.44 -30.68 10.54
C LEU C 104 -2.54 -31.76 11.61
N HIS C 105 -3.56 -32.61 11.49
CA HIS C 105 -3.84 -33.65 12.49
C HIS C 105 -3.22 -34.96 12.02
N VAL C 106 -1.90 -35.07 12.17
CA VAL C 106 -1.22 -36.31 11.84
C VAL C 106 -1.66 -37.38 12.82
N ASN C 107 -1.78 -38.62 12.33
CA ASN C 107 -2.25 -39.69 13.19
C ASN C 107 -1.21 -40.06 14.24
N VAL C 108 -1.70 -40.51 15.40
CA VAL C 108 -0.84 -40.73 16.55
C VAL C 108 -0.10 -42.06 16.40
N LEU C 109 0.99 -42.19 17.15
CA LEU C 109 1.73 -43.44 17.26
C LEU C 109 1.47 -44.04 18.63
N VAL C 110 0.88 -45.23 18.66
CA VAL C 110 0.53 -45.91 19.90
C VAL C 110 1.36 -47.18 20.00
N GLN C 111 2.04 -47.36 21.12
CA GLN C 111 2.87 -48.53 21.35
C GLN C 111 2.17 -49.48 22.31
N HIS C 112 2.60 -50.74 22.28
CA HIS C 112 1.90 -51.77 23.03
C HIS C 112 1.94 -51.53 24.52
N THR C 113 2.83 -50.66 25.00
CA THR C 113 2.90 -50.32 26.41
C THR C 113 1.88 -49.26 26.81
N GLY C 114 1.15 -48.70 25.86
CA GLY C 114 0.24 -47.61 26.13
C GLY C 114 0.83 -46.23 25.92
N ALA C 115 2.06 -46.13 25.46
CA ALA C 115 2.70 -44.84 25.23
C ALA C 115 2.20 -44.25 23.92
N VAL C 116 1.55 -43.09 23.99
CA VAL C 116 1.03 -42.39 22.83
C VAL C 116 1.96 -41.24 22.49
N SER C 117 2.27 -41.09 21.21
CA SER C 117 3.12 -40.02 20.72
C SER C 117 2.42 -39.33 19.56
N TRP C 118 2.44 -38.00 19.56
CA TRP C 118 1.74 -37.21 18.55
C TRP C 118 2.60 -36.01 18.19
N GLN C 119 2.82 -35.79 16.90
CA GLN C 119 3.68 -34.73 16.41
C GLN C 119 2.95 -33.92 15.34
N PRO C 120 1.88 -33.24 15.71
CA PRO C 120 1.14 -32.44 14.74
C PRO C 120 1.90 -31.19 14.34
N SER C 121 1.65 -30.73 13.12
CA SER C 121 2.26 -29.52 12.59
C SER C 121 1.25 -28.39 12.66
N ALA C 122 1.77 -27.17 12.71
CA ALA C 122 0.91 -25.99 12.78
C ALA C 122 1.66 -24.79 12.24
N ILE C 123 0.88 -23.82 11.77
CA ILE C 123 1.37 -22.49 11.46
C ILE C 123 0.77 -21.56 12.51
N TYR C 124 1.57 -21.16 13.49
CA TYR C 124 1.09 -20.43 14.64
C TYR C 124 1.40 -18.95 14.49
N ARG C 125 0.47 -18.11 14.91
CA ARG C 125 0.64 -16.66 14.94
C ARG C 125 0.53 -16.21 16.39
N SER C 126 1.68 -16.15 17.06
CA SER C 126 1.71 -15.72 18.45
C SER C 126 1.91 -14.21 18.52
N SER C 127 1.54 -13.64 19.66
CA SER C 127 1.67 -12.21 19.91
C SER C 127 2.79 -11.99 20.90
N CYS C 128 3.81 -11.25 20.48
CA CYS C 128 4.89 -10.85 21.38
C CYS C 128 5.05 -9.34 21.31
N THR C 129 5.10 -8.72 22.48
CA THR C 129 5.28 -7.28 22.57
C THR C 129 6.66 -6.88 22.06
N ILE C 130 6.70 -5.84 21.24
CA ILE C 130 7.93 -5.37 20.61
C ILE C 130 8.49 -4.21 21.41
N LYS C 131 9.77 -4.30 21.78
CA LYS C 131 10.45 -3.22 22.50
C LYS C 131 11.05 -2.29 21.45
N VAL C 132 10.29 -1.26 21.09
CA VAL C 132 10.68 -0.36 19.99
C VAL C 132 11.42 0.80 20.65
N MET C 133 12.68 0.58 20.92
CA MET C 133 13.54 1.68 21.37
C MET C 133 14.85 1.74 20.61
N TYR C 134 15.42 0.60 20.27
CA TYR C 134 16.65 0.53 19.49
C TYR C 134 16.39 0.06 18.06
N PHE C 135 15.15 0.02 17.64
CA PHE C 135 14.82 -0.40 16.30
C PHE C 135 15.54 0.51 15.30
N PRO C 136 16.18 -0.05 14.25
CA PRO C 136 16.25 -1.45 13.87
C PRO C 136 17.42 -2.22 14.46
N PHE C 137 18.16 -1.62 15.39
CA PHE C 137 19.27 -2.31 16.05
C PHE C 137 18.82 -3.00 17.33
N ASP C 138 17.75 -3.77 17.24
CA ASP C 138 17.05 -4.28 18.42
C ASP C 138 17.03 -5.80 18.40
N TRP C 139 16.96 -6.37 19.59
CA TRP C 139 16.71 -7.79 19.78
C TRP C 139 15.36 -7.94 20.45
N GLN C 140 14.60 -8.95 20.05
CA GLN C 140 13.26 -9.17 20.58
C GLN C 140 13.24 -10.45 21.41
N ASN C 141 12.22 -10.56 22.25
CA ASN C 141 12.04 -11.67 23.18
C ASN C 141 10.61 -12.14 23.03
N CYS C 142 10.37 -13.03 22.08
CA CYS C 142 9.03 -13.48 21.73
C CYS C 142 8.80 -14.89 22.25
N THR C 143 7.70 -15.08 22.96
CA THR C 143 7.42 -16.33 23.65
C THR C 143 6.24 -17.05 23.02
N MET C 144 6.14 -18.34 23.31
CA MET C 144 5.04 -19.19 22.86
C MET C 144 4.58 -20.01 24.06
N VAL C 145 3.39 -19.70 24.57
CA VAL C 145 2.88 -20.30 25.81
C VAL C 145 1.97 -21.46 25.43
N PHE C 146 2.32 -22.66 25.89
CA PHE C 146 1.56 -23.87 25.58
C PHE C 146 1.03 -24.47 26.87
N LYS C 147 -0.26 -24.78 26.89
CA LYS C 147 -0.86 -25.48 28.01
C LYS C 147 -2.17 -26.11 27.55
N SER C 148 -2.69 -27.00 28.38
CA SER C 148 -3.97 -27.62 28.09
C SER C 148 -5.08 -26.60 28.32
N TYR C 149 -5.90 -26.36 27.30
CA TYR C 149 -6.99 -25.40 27.44
C TYR C 149 -8.02 -25.87 28.45
N THR C 150 -8.22 -27.18 28.57
CA THR C 150 -9.29 -27.73 29.39
C THR C 150 -8.78 -28.20 30.74
N TYR C 151 -7.81 -29.10 30.74
CA TYR C 151 -7.37 -29.75 31.97
C TYR C 151 -6.39 -28.86 32.72
N ASP C 152 -6.46 -28.92 34.05
CA ASP C 152 -5.62 -28.14 34.94
C ASP C 152 -4.64 -29.07 35.65
N THR C 153 -3.85 -28.49 36.56
CA THR C 153 -2.78 -29.24 37.22
C THR C 153 -3.32 -30.42 38.03
N SER C 154 -4.60 -30.42 38.38
CA SER C 154 -5.19 -31.55 39.08
C SER C 154 -5.55 -32.69 38.14
N GLU C 155 -5.44 -32.50 36.84
CA GLU C 155 -5.78 -33.51 35.85
C GLU C 155 -4.60 -33.97 35.01
N VAL C 156 -3.76 -33.04 34.57
CA VAL C 156 -2.57 -33.40 33.79
C VAL C 156 -1.37 -32.70 34.39
N THR C 157 -0.20 -33.29 34.15
CA THR C 157 1.07 -32.78 34.65
C THR C 157 2.00 -32.56 33.44
N LEU C 158 2.22 -31.31 33.09
CA LEU C 158 3.08 -31.00 31.97
C LEU C 158 4.54 -31.22 32.32
N GLN C 159 5.31 -31.72 31.35
CA GLN C 159 6.72 -31.98 31.52
C GLN C 159 7.44 -31.64 30.22
N HIS C 160 8.76 -31.51 30.31
CA HIS C 160 9.55 -31.30 29.12
C HIS C 160 9.67 -32.60 28.34
N ALA C 161 9.92 -32.46 27.04
CA ALA C 161 10.10 -33.62 26.18
C ALA C 161 11.48 -34.23 26.41
N LEU C 162 11.65 -35.44 25.91
CA LEU C 162 12.91 -36.16 25.99
C LEU C 162 13.60 -36.14 24.63
N ASP C 163 14.92 -36.33 24.66
CA ASP C 163 15.68 -36.34 23.43
C ASP C 163 15.39 -37.62 22.64
N ALA C 164 16.08 -37.78 21.51
CA ALA C 164 15.80 -38.91 20.62
C ALA C 164 15.88 -40.23 21.37
N LYS C 165 17.00 -40.44 22.07
CA LYS C 165 17.16 -41.60 22.95
C LYS C 165 16.81 -41.10 24.34
N GLY C 166 15.52 -41.19 24.68
CA GLY C 166 15.05 -40.51 25.87
C GLY C 166 15.80 -40.94 27.10
N GLU C 167 16.69 -40.09 27.55
CA GLU C 167 17.45 -40.27 28.78
C GLU C 167 17.40 -39.04 29.67
N ARG C 168 17.41 -37.84 29.10
CA ARG C 168 17.28 -36.61 29.86
C ARG C 168 16.41 -35.64 29.08
N GLU C 169 15.81 -34.70 29.80
CA GLU C 169 14.85 -33.80 29.19
C GLU C 169 15.53 -32.82 28.26
N VAL C 170 14.80 -32.40 27.24
CA VAL C 170 15.23 -31.32 26.34
C VAL C 170 14.50 -30.05 26.77
N LYS C 171 15.25 -29.07 27.21
CA LYS C 171 14.70 -27.81 27.72
C LYS C 171 14.89 -26.68 26.72
N GLU C 172 14.74 -26.98 25.43
CA GLU C 172 14.93 -25.98 24.39
C GLU C 172 14.02 -26.29 23.22
N ILE C 173 13.85 -25.29 22.35
CA ILE C 173 13.25 -25.54 21.05
C ILE C 173 14.23 -26.36 20.23
N VAL C 174 13.75 -27.44 19.66
CA VAL C 174 14.57 -28.30 18.82
C VAL C 174 14.57 -27.75 17.41
N ILE C 175 15.75 -27.70 16.79
CA ILE C 175 15.91 -27.22 15.43
C ILE C 175 16.59 -28.33 14.63
N ASN C 176 15.88 -28.85 13.63
CA ASN C 176 16.41 -29.91 12.79
C ASN C 176 17.11 -29.29 11.60
N LYS C 177 18.42 -29.50 11.50
CA LYS C 177 19.20 -28.85 10.45
C LYS C 177 18.76 -29.31 9.06
N ASP C 178 18.26 -30.54 8.95
CA ASP C 178 17.81 -31.02 7.65
C ASP C 178 16.63 -30.19 7.14
N ALA C 179 15.72 -29.81 8.02
CA ALA C 179 14.55 -29.01 7.66
C ALA C 179 14.49 -27.78 8.56
N PHE C 180 15.20 -26.72 8.18
CA PHE C 180 15.14 -25.46 8.91
C PHE C 180 15.67 -24.36 8.00
N THR C 181 14.89 -23.29 7.85
CA THR C 181 15.24 -22.17 6.98
C THR C 181 15.58 -20.96 7.84
N GLU C 182 16.80 -20.44 7.68
CA GLU C 182 17.17 -19.21 8.37
C GLU C 182 16.32 -18.06 7.85
N ASN C 183 15.89 -17.19 8.76
CA ASN C 183 14.97 -16.13 8.36
C ASN C 183 15.61 -15.17 7.38
N GLY C 184 16.89 -14.83 7.58
CA GLY C 184 17.55 -13.85 6.77
C GLY C 184 17.44 -12.44 7.27
N GLN C 185 16.50 -12.16 8.17
CA GLN C 185 16.42 -10.90 8.87
C GLN C 185 16.60 -11.03 10.37
N TRP C 186 16.58 -12.25 10.90
CA TRP C 186 16.64 -12.49 12.33
C TRP C 186 17.62 -13.62 12.62
N SER C 187 18.43 -13.43 13.66
CA SER C 187 19.34 -14.45 14.15
C SER C 187 18.81 -14.95 15.49
N ILE C 188 18.72 -16.27 15.64
CA ILE C 188 18.25 -16.87 16.89
C ILE C 188 19.43 -16.97 17.84
N GLU C 189 19.37 -16.22 18.94
CA GLU C 189 20.44 -16.21 19.92
C GLU C 189 20.23 -17.26 21.02
N HIS C 190 19.03 -17.32 21.59
CA HIS C 190 18.68 -18.31 22.58
C HIS C 190 17.29 -18.84 22.29
N LYS C 191 17.06 -20.09 22.67
CA LYS C 191 15.74 -20.69 22.48
C LYS C 191 15.44 -21.63 23.64
N PRO C 192 15.35 -21.14 24.87
CA PRO C 192 15.09 -22.00 26.01
C PRO C 192 13.61 -22.31 26.19
N SER C 193 13.36 -23.26 27.08
CA SER C 193 12.01 -23.66 27.47
C SER C 193 11.93 -23.72 28.98
N ARG C 194 10.76 -23.40 29.52
CA ARG C 194 10.59 -23.43 30.96
C ARG C 194 9.12 -23.59 31.30
N LYS C 195 8.86 -24.20 32.45
CA LYS C 195 7.52 -24.29 33.00
C LYS C 195 7.26 -23.11 33.93
N ASN C 196 6.04 -22.56 33.86
CA ASN C 196 5.66 -21.42 34.66
C ASN C 196 4.42 -21.74 35.47
N TRP C 197 4.42 -21.32 36.72
CA TRP C 197 3.26 -21.42 37.59
C TRP C 197 2.75 -20.01 37.91
N ARG C 198 1.67 -19.95 38.69
CA ARG C 198 1.13 -18.68 39.17
C ARG C 198 0.83 -18.82 40.65
N SER C 199 1.38 -17.89 41.45
CA SER C 199 1.20 -17.96 42.90
C SER C 199 -0.28 -17.81 43.27
N ASP C 200 -0.98 -16.88 42.64
CA ASP C 200 -2.38 -16.66 42.99
C ASP C 200 -3.23 -17.87 42.62
N ASP C 201 -2.99 -18.47 41.46
CA ASP C 201 -3.81 -19.58 40.99
C ASP C 201 -3.00 -20.87 41.04
N PRO C 202 -3.32 -21.82 41.92
CA PRO C 202 -2.53 -23.06 41.98
C PRO C 202 -2.90 -24.09 40.92
N SER C 203 -3.94 -23.86 40.13
CA SER C 203 -4.34 -24.79 39.08
C SER C 203 -3.76 -24.44 37.73
N TYR C 204 -2.89 -23.44 37.63
CA TYR C 204 -2.32 -23.01 36.37
C TYR C 204 -0.90 -23.55 36.22
N GLU C 205 -0.59 -24.00 35.01
CA GLU C 205 0.76 -24.42 34.67
C GLU C 205 0.86 -24.46 33.15
N ASP C 206 1.96 -23.92 32.63
CA ASP C 206 2.19 -23.92 31.19
C ASP C 206 3.66 -24.18 30.91
N VAL C 207 3.94 -24.52 29.66
CA VAL C 207 5.30 -24.65 29.16
C VAL C 207 5.52 -23.56 28.13
N THR C 208 6.46 -22.67 28.42
CA THR C 208 6.75 -21.53 27.56
C THR C 208 8.06 -21.74 26.83
N PHE C 209 8.06 -21.44 25.53
CA PHE C 209 9.25 -21.48 24.71
C PHE C 209 9.62 -20.06 24.33
N TYR C 210 10.84 -19.65 24.66
CA TYR C 210 11.31 -18.29 24.43
C TYR C 210 12.24 -18.26 23.24
N LEU C 211 12.02 -17.30 22.34
CA LEU C 211 12.90 -17.07 21.20
C LEU C 211 13.54 -15.69 21.37
N ILE C 212 14.84 -15.66 21.60
CA ILE C 212 15.60 -14.42 21.64
C ILE C 212 16.23 -14.25 20.27
N ILE C 213 15.79 -13.24 19.53
CA ILE C 213 16.19 -13.04 18.14
C ILE C 213 16.73 -11.63 17.97
N GLN C 214 17.83 -11.52 17.24
CA GLN C 214 18.47 -10.25 16.95
C GLN C 214 18.29 -9.91 15.48
N ARG C 215 17.90 -8.66 15.21
CA ARG C 215 17.66 -8.23 13.83
C ARG C 215 18.97 -7.95 13.12
N LYS C 216 18.95 -8.15 11.80
CA LYS C 216 20.06 -7.76 10.95
C LYS C 216 19.70 -6.44 10.27
N PRO C 217 20.33 -5.32 10.61
CA PRO C 217 19.82 -4.02 10.18
C PRO C 217 20.34 -3.53 8.84
N LEU C 218 20.95 -4.40 8.04
CA LEU C 218 21.58 -3.95 6.80
C LEU C 218 20.61 -3.17 5.93
N PHE C 219 19.41 -3.70 5.73
CA PHE C 219 18.43 -3.02 4.90
C PHE C 219 18.19 -1.60 5.37
N TYR C 220 17.86 -1.43 6.64
CA TYR C 220 17.61 -0.10 7.17
C TYR C 220 18.87 0.74 7.13
N ILE C 221 20.01 0.16 7.49
CA ILE C 221 21.27 0.90 7.41
C ILE C 221 21.37 1.58 6.06
N VAL C 222 21.40 0.78 5.01
CA VAL C 222 21.54 1.36 3.67
C VAL C 222 20.45 2.41 3.49
N TYR C 223 19.21 1.93 3.40
CA TYR C 223 18.12 2.67 2.80
C TYR C 223 17.68 3.90 3.58
N THR C 224 18.08 4.02 4.84
CA THR C 224 17.75 5.22 5.60
C THR C 224 19.00 5.94 6.09
N ILE C 225 19.94 5.23 6.70
CA ILE C 225 21.05 5.90 7.35
C ILE C 225 21.98 6.51 6.31
N ILE C 226 22.29 5.81 5.21
CA ILE C 226 23.31 6.37 4.33
C ILE C 226 22.80 7.69 3.74
N PRO C 227 21.57 7.74 3.20
CA PRO C 227 21.07 9.02 2.69
C PRO C 227 21.03 10.10 3.75
N CYS C 228 20.69 9.76 4.99
CA CYS C 228 20.69 10.76 6.05
C CYS C 228 22.08 11.34 6.27
N ILE C 229 23.11 10.49 6.24
CA ILE C 229 24.47 10.98 6.40
C ILE C 229 24.83 11.92 5.26
N LEU C 230 24.46 11.56 4.03
CA LEU C 230 24.76 12.44 2.90
C LEU C 230 24.04 13.79 3.05
N ILE C 231 22.79 13.76 3.49
CA ILE C 231 22.05 15.00 3.68
C ILE C 231 22.68 15.85 4.77
N SER C 232 23.18 15.21 5.83
CA SER C 232 23.87 15.97 6.88
C SER C 232 25.14 16.62 6.35
N ILE C 233 25.87 15.91 5.47
CA ILE C 233 27.03 16.53 4.85
C ILE C 233 26.62 17.76 4.06
N LEU C 234 25.53 17.69 3.30
CA LEU C 234 25.08 18.86 2.55
C LEU C 234 24.69 19.99 3.49
N ALA C 235 24.01 19.67 4.58
CA ALA C 235 23.61 20.69 5.54
C ALA C 235 24.83 21.40 6.12
N ILE C 236 25.91 20.66 6.38
CA ILE C 236 27.15 21.30 6.82
C ILE C 236 27.72 22.16 5.69
N LEU C 237 27.71 21.64 4.46
CA LEU C 237 28.33 22.35 3.35
C LEU C 237 27.67 23.68 3.07
N VAL C 238 26.40 23.85 3.42
CA VAL C 238 25.73 25.10 3.08
C VAL C 238 26.51 26.30 3.59
N PHE C 239 27.25 26.14 4.68
CA PHE C 239 27.97 27.27 5.27
C PHE C 239 29.28 27.57 4.58
N TYR C 240 29.72 26.74 3.63
CA TYR C 240 30.88 27.07 2.82
C TYR C 240 30.50 27.82 1.54
N LEU C 241 29.23 27.81 1.18
CA LEU C 241 28.78 28.50 -0.02
C LEU C 241 28.84 30.01 0.19
N PRO C 242 29.37 30.77 -0.76
CA PRO C 242 29.37 32.23 -0.62
C PRO C 242 27.96 32.78 -0.74
N PRO C 243 27.61 33.80 0.04
CA PRO C 243 26.27 34.39 -0.08
C PRO C 243 25.97 34.99 -1.45
N ASP C 244 26.99 35.36 -2.23
CA ASP C 244 26.74 35.97 -3.54
C ASP C 244 26.24 34.95 -4.55
N ALA C 245 26.47 33.66 -4.33
CA ALA C 245 26.02 32.65 -5.27
C ALA C 245 24.50 32.58 -5.37
N GLY C 246 23.79 33.03 -4.33
CA GLY C 246 22.34 32.90 -4.34
C GLY C 246 21.87 31.47 -4.39
N GLU C 247 22.54 30.58 -3.64
CA GLU C 247 22.21 29.17 -3.66
C GLU C 247 22.10 28.57 -2.27
N LYS C 248 22.31 29.36 -1.21
CA LYS C 248 22.25 28.83 0.15
C LYS C 248 20.87 28.24 0.44
N MET C 249 19.81 29.02 0.16
CA MET C 249 18.47 28.57 0.48
C MET C 249 18.10 27.32 -0.32
N SER C 250 18.46 27.30 -1.60
CA SER C 250 18.18 26.11 -2.40
C SER C 250 18.75 24.86 -1.72
N LEU C 251 20.04 24.91 -1.38
CA LEU C 251 20.70 23.75 -0.80
C LEU C 251 20.06 23.34 0.52
N SER C 252 19.92 24.29 1.44
CA SER C 252 19.44 23.94 2.77
C SER C 252 17.99 23.45 2.73
N ILE C 253 17.11 24.15 2.01
CA ILE C 253 15.71 23.78 2.02
C ILE C 253 15.51 22.48 1.23
N SER C 254 16.33 22.24 0.20
CA SER C 254 16.25 20.96 -0.49
C SER C 254 16.71 19.83 0.41
N ALA C 255 17.71 20.08 1.27
CA ALA C 255 18.08 19.08 2.26
C ALA C 255 16.89 18.77 3.17
N LEU C 256 16.16 19.81 3.58
CA LEU C 256 14.98 19.57 4.42
C LEU C 256 13.93 18.74 3.67
N LEU C 257 13.72 19.04 2.38
CA LEU C 257 12.84 18.20 1.57
C LEU C 257 13.31 16.76 1.55
N ALA C 258 14.60 16.53 1.39
CA ALA C 258 15.10 15.17 1.35
C ALA C 258 14.84 14.45 2.66
N VAL C 259 15.05 15.13 3.79
CA VAL C 259 14.81 14.48 5.08
C VAL C 259 13.34 14.12 5.24
N THR C 260 12.44 15.03 4.86
CA THR C 260 11.03 14.69 4.98
C THR C 260 10.63 13.56 4.01
N VAL C 261 11.28 13.50 2.85
CA VAL C 261 11.03 12.37 1.95
C VAL C 261 11.46 11.07 2.60
N PHE C 262 12.61 11.08 3.28
CA PHE C 262 13.04 9.87 3.97
C PHE C 262 12.10 9.51 5.11
N LEU C 263 11.51 10.52 5.76
CA LEU C 263 10.49 10.25 6.77
C LEU C 263 9.28 9.57 6.15
N LEU C 264 8.85 10.05 4.97
CA LEU C 264 7.77 9.38 4.25
C LEU C 264 8.14 7.94 3.93
N LEU C 265 9.39 7.72 3.49
CA LEU C 265 9.84 6.36 3.20
C LEU C 265 9.73 5.48 4.44
N LEU C 266 10.14 6.00 5.60
CA LEU C 266 10.20 5.22 6.82
C LEU C 266 8.85 5.10 7.51
N ALA C 267 7.86 5.90 7.13
CA ALA C 267 6.57 5.88 7.81
C ALA C 267 5.99 4.47 7.88
N ASP C 268 5.96 3.78 6.75
CA ASP C 268 5.27 2.50 6.64
C ASP C 268 6.10 1.31 7.15
N LYS C 269 7.17 1.55 7.91
CA LYS C 269 8.01 0.46 8.39
C LYS C 269 8.21 0.46 9.89
N VAL C 270 8.01 1.58 10.58
CA VAL C 270 8.25 1.64 12.01
C VAL C 270 6.98 1.21 12.75
N PRO C 271 7.11 0.44 13.82
CA PRO C 271 5.92 0.05 14.61
C PRO C 271 5.23 1.27 15.22
N GLU C 272 3.90 1.21 15.26
CA GLU C 272 3.09 2.32 15.75
C GLU C 272 2.72 2.16 17.22
N THR C 273 3.70 1.94 18.10
CA THR C 273 3.46 1.93 19.53
C THR C 273 4.06 3.18 20.17
N SER C 274 3.46 3.59 21.28
CA SER C 274 3.76 4.88 21.89
C SER C 274 4.51 4.76 23.22
N LEU C 275 5.11 3.60 23.49
CA LEU C 275 5.85 3.47 24.74
C LEU C 275 7.23 4.13 24.65
N SER C 276 7.78 4.27 23.46
CA SER C 276 9.09 4.90 23.28
C SER C 276 9.22 5.33 21.84
N VAL C 277 10.30 6.03 21.54
CA VAL C 277 10.63 6.50 20.19
C VAL C 277 11.80 5.67 19.69
N PRO C 278 11.66 4.96 18.57
CA PRO C 278 12.80 4.18 18.06
C PRO C 278 13.98 5.05 17.73
N ILE C 279 15.19 4.49 17.90
CA ILE C 279 16.40 5.27 17.75
C ILE C 279 16.52 5.83 16.33
N ILE C 280 16.00 5.13 15.34
CA ILE C 280 16.07 5.63 13.97
C ILE C 280 15.25 6.90 13.84
N ILE C 281 14.07 6.94 14.47
CA ILE C 281 13.25 8.15 14.40
C ILE C 281 13.95 9.28 15.15
N ARG C 282 14.61 8.97 16.26
CA ARG C 282 15.36 10.00 16.97
C ARG C 282 16.47 10.57 16.09
N TYR C 283 17.17 9.70 15.35
CA TYR C 283 18.22 10.19 14.46
C TYR C 283 17.65 11.06 13.35
N LEU C 284 16.52 10.63 12.76
CA LEU C 284 15.88 11.46 11.75
C LEU C 284 15.46 12.81 12.31
N MET C 285 14.90 12.85 13.50
CA MET C 285 14.48 14.13 14.06
C MET C 285 15.68 15.00 14.39
N PHE C 286 16.77 14.41 14.86
CA PHE C 286 17.98 15.19 15.10
C PHE C 286 18.50 15.81 13.81
N ILE C 287 18.53 15.03 12.73
CA ILE C 287 18.97 15.57 11.45
C ILE C 287 18.00 16.64 10.96
N MET C 288 16.69 16.42 11.14
CA MET C 288 15.71 17.41 10.71
C MET C 288 15.89 18.73 11.44
N ILE C 289 16.09 18.68 12.75
CA ILE C 289 16.28 19.92 13.51
C ILE C 289 17.60 20.58 13.14
N LEU C 290 18.64 19.77 12.91
CA LEU C 290 19.92 20.34 12.48
C LEU C 290 19.79 21.07 11.15
N VAL C 291 19.07 20.47 10.20
CA VAL C 291 18.89 21.12 8.91
C VAL C 291 18.03 22.37 9.05
N ALA C 292 17.01 22.34 9.91
CA ALA C 292 16.21 23.54 10.12
C ALA C 292 17.05 24.66 10.70
N PHE C 293 17.92 24.35 11.65
CA PHE C 293 18.79 25.38 12.20
C PHE C 293 19.79 25.87 11.17
N SER C 294 20.26 24.99 10.29
CA SER C 294 21.11 25.43 9.20
C SER C 294 20.37 26.42 8.30
N VAL C 295 19.09 26.16 8.04
CA VAL C 295 18.28 27.10 7.25
C VAL C 295 18.20 28.44 7.96
N ILE C 296 17.94 28.41 9.27
CA ILE C 296 17.79 29.65 10.02
C ILE C 296 19.07 30.46 10.00
N LEU C 297 20.20 29.79 10.22
CA LEU C 297 21.48 30.51 10.24
C LEU C 297 21.88 30.96 8.84
N SER C 298 21.50 30.22 7.80
CA SER C 298 21.72 30.72 6.45
C SER C 298 20.94 31.98 6.20
N VAL C 299 19.69 32.03 6.66
CA VAL C 299 18.90 33.25 6.51
C VAL C 299 19.57 34.40 7.25
N VAL C 300 20.07 34.14 8.46
CA VAL C 300 20.74 35.19 9.22
C VAL C 300 21.98 35.69 8.49
N VAL C 301 22.78 34.76 7.95
CA VAL C 301 23.99 35.15 7.24
C VAL C 301 23.65 35.96 6.00
N LEU C 302 22.64 35.54 5.26
CA LEU C 302 22.22 36.28 4.08
C LEU C 302 21.75 37.68 4.45
N ASN C 303 21.02 37.79 5.56
CA ASN C 303 20.59 39.11 6.02
C ASN C 303 21.79 39.99 6.34
N LEU C 304 22.78 39.43 7.03
CA LEU C 304 23.97 40.22 7.36
C LEU C 304 24.72 40.66 6.12
N HIS C 305 24.82 39.77 5.13
CA HIS C 305 25.60 40.08 3.94
C HIS C 305 25.03 41.26 3.17
N HIS C 306 23.70 41.36 3.10
CA HIS C 306 23.04 42.36 2.25
C HIS C 306 22.67 43.63 3.01
N ARG C 307 23.42 43.98 4.04
CA ARG C 307 23.19 45.22 4.78
C ARG C 307 24.10 46.31 4.24
N SER C 308 23.64 47.55 4.37
CA SER C 308 24.39 48.69 3.87
C SER C 308 24.11 49.88 4.77
N PRO C 309 24.94 50.93 4.70
CA PRO C 309 24.68 52.12 5.52
C PRO C 309 23.35 52.78 5.26
N ASN C 310 22.75 52.57 4.09
CA ASN C 310 21.48 53.19 3.79
C ASN C 310 20.34 52.59 4.60
N THR C 311 20.54 51.43 5.20
CA THR C 311 19.50 50.75 5.96
C THR C 311 19.88 50.46 7.40
N HIS C 312 21.13 50.08 7.67
CA HIS C 312 21.54 49.66 9.00
C HIS C 312 22.77 50.44 9.44
N THR C 313 22.87 50.62 10.76
CA THR C 313 24.05 51.19 11.39
C THR C 313 24.70 50.08 12.21
N MET C 314 25.97 49.83 11.95
CA MET C 314 26.63 48.67 12.54
C MET C 314 26.97 48.95 13.99
N PRO C 315 26.47 48.14 14.94
CA PRO C 315 26.70 48.44 16.35
C PRO C 315 28.10 48.06 16.78
N ASN C 316 28.49 48.54 17.96
CA ASN C 316 29.84 48.32 18.43
C ASN C 316 30.10 46.87 18.80
N TRP C 317 29.13 46.19 19.42
CA TRP C 317 29.38 44.82 19.84
C TRP C 317 29.58 43.88 18.65
N ILE C 318 28.80 44.08 17.59
CA ILE C 318 28.97 43.26 16.40
C ILE C 318 30.37 43.45 15.83
N ARG C 319 30.81 44.70 15.74
CA ARG C 319 32.13 44.97 15.21
C ARG C 319 33.21 44.33 16.08
N GLN C 320 33.09 44.49 17.40
CA GLN C 320 34.13 43.96 18.27
C GLN C 320 34.21 42.45 18.16
N ILE C 321 33.05 41.78 18.19
CA ILE C 321 33.05 40.32 18.24
C ILE C 321 33.51 39.75 16.91
N PHE C 322 32.96 40.26 15.81
CA PHE C 322 33.11 39.59 14.54
C PHE C 322 34.31 40.09 13.74
N ILE C 323 34.87 41.24 14.09
CA ILE C 323 36.02 41.77 13.38
C ILE C 323 37.30 41.74 14.20
N GLU C 324 37.24 41.92 15.53
CA GLU C 324 38.46 41.96 16.31
C GLU C 324 38.84 40.59 16.88
N THR C 325 37.85 39.84 17.37
CA THR C 325 38.13 38.65 18.16
C THR C 325 38.04 37.37 17.34
N LEU C 326 36.89 37.13 16.71
CA LEU C 326 36.68 35.83 16.06
C LEU C 326 37.65 35.55 14.92
N PRO C 327 37.95 36.47 14.01
CA PRO C 327 38.72 36.13 12.81
C PRO C 327 40.00 35.39 13.13
N PRO C 328 40.84 35.89 14.04
CA PRO C 328 42.07 35.16 14.35
C PRO C 328 41.82 33.75 14.86
N PHE C 329 40.77 33.56 15.67
CA PHE C 329 40.44 32.23 16.15
C PHE C 329 40.04 31.31 15.01
N LEU C 330 39.25 31.82 14.06
CA LEU C 330 38.77 31.01 12.95
C LEU C 330 39.72 31.00 11.77
N TRP C 331 40.84 31.72 11.84
CA TRP C 331 41.82 31.77 10.77
C TRP C 331 41.22 32.32 9.49
N ILE C 332 40.81 33.59 9.56
CA ILE C 332 40.30 34.29 8.39
C ILE C 332 41.17 35.52 8.14
N GLN C 333 41.15 36.46 9.08
CA GLN C 333 42.07 37.60 9.09
C GLN C 333 42.11 38.31 7.73
N ARG C 334 40.92 38.55 7.17
CA ARG C 334 40.79 39.30 5.93
C ARG C 334 41.86 38.94 4.92
N PRO C 398 36.31 82.33 -17.72
CA PRO C 398 35.43 81.75 -18.75
C PRO C 398 34.32 80.91 -18.15
N GLN C 399 33.07 81.19 -18.55
CA GLN C 399 31.95 80.47 -17.97
C GLN C 399 32.06 78.97 -18.25
N ASP C 400 32.47 78.61 -19.46
CA ASP C 400 32.56 77.20 -19.81
C ASP C 400 33.59 76.48 -18.95
N LEU C 401 34.73 77.11 -18.69
CA LEU C 401 35.75 76.48 -17.86
C LEU C 401 35.27 76.28 -16.43
N LYS C 402 34.59 77.28 -15.86
CA LYS C 402 34.05 77.09 -14.52
C LYS C 402 33.01 75.97 -14.50
N GLU C 403 32.15 75.90 -15.51
CA GLU C 403 31.16 74.82 -15.54
C GLU C 403 31.84 73.46 -15.62
N ALA C 404 32.87 73.34 -16.46
CA ALA C 404 33.57 72.07 -16.59
C ALA C 404 34.29 71.70 -15.29
N VAL C 405 34.90 72.67 -14.64
CA VAL C 405 35.57 72.42 -13.37
C VAL C 405 34.57 71.93 -12.34
N GLU C 406 33.40 72.58 -12.27
CA GLU C 406 32.38 72.15 -11.32
C GLU C 406 31.92 70.73 -11.63
N ALA C 407 31.76 70.42 -12.92
CA ALA C 407 31.34 69.06 -13.28
C ALA C 407 32.37 68.03 -12.84
N ILE C 408 33.66 68.31 -13.07
CA ILE C 408 34.69 67.35 -12.68
C ILE C 408 34.74 67.22 -11.15
N LYS C 409 34.60 68.33 -10.44
CA LYS C 409 34.59 68.27 -8.98
C LYS C 409 33.43 67.44 -8.47
N TYR C 410 32.25 67.62 -9.06
CA TYR C 410 31.09 66.84 -8.66
C TYR C 410 31.31 65.35 -8.92
N ILE C 411 31.90 65.02 -10.07
CA ILE C 411 32.18 63.62 -10.37
C ILE C 411 33.12 63.03 -9.32
N ALA C 412 34.17 63.77 -8.97
CA ALA C 412 35.10 63.27 -7.97
C ALA C 412 34.41 63.06 -6.62
N GLU C 413 33.55 64.00 -6.22
CA GLU C 413 32.84 63.84 -4.96
C GLU C 413 31.94 62.61 -4.98
N GLN C 414 31.26 62.38 -6.10
CA GLN C 414 30.41 61.20 -6.21
C GLN C 414 31.23 59.93 -6.07
N LEU C 415 32.40 59.89 -6.72
CA LEU C 415 33.23 58.70 -6.61
C LEU C 415 33.69 58.47 -5.18
N GLU C 416 34.06 59.54 -4.48
CA GLU C 416 34.49 59.40 -3.09
C GLU C 416 33.36 58.88 -2.20
N SER C 417 32.16 59.42 -2.38
CA SER C 417 31.03 58.93 -1.59
C SER C 417 30.76 57.46 -1.87
N ALA C 418 30.82 57.07 -3.14
CA ALA C 418 30.62 55.66 -3.48
C ALA C 418 31.69 54.79 -2.84
N SER C 419 32.93 55.28 -2.79
CA SER C 419 34.00 54.51 -2.17
C SER C 419 33.73 54.27 -0.69
N GLU C 420 33.32 55.32 0.03
CA GLU C 420 33.03 55.14 1.46
C GLU C 420 31.85 54.19 1.67
N PHE C 421 30.80 54.34 0.86
CA PHE C 421 29.66 53.44 0.99
C PHE C 421 30.08 52.01 0.74
N ASP C 422 30.91 51.77 -0.27
CA ASP C 422 31.36 50.43 -0.57
C ASP C 422 32.22 49.88 0.56
N ASP C 423 33.01 50.73 1.21
CA ASP C 423 33.80 50.24 2.34
C ASP C 423 32.92 49.76 3.47
N LEU C 424 31.87 50.52 3.80
CA LEU C 424 30.98 50.07 4.87
C LEU C 424 30.26 48.78 4.48
N LYS C 425 29.83 48.68 3.22
CA LYS C 425 29.20 47.44 2.77
C LYS C 425 30.16 46.27 2.89
N LYS C 426 31.43 46.48 2.56
CA LYS C 426 32.41 45.42 2.67
C LYS C 426 32.62 45.01 4.12
N ASP C 427 32.53 45.96 5.05
CA ASP C 427 32.58 45.58 6.47
C ASP C 427 31.43 44.66 6.83
N TRP C 428 30.23 44.99 6.38
CA TRP C 428 29.09 44.12 6.67
C TRP C 428 29.29 42.74 6.05
N GLN C 429 29.79 42.68 4.83
CA GLN C 429 29.98 41.39 4.16
C GLN C 429 31.06 40.56 4.84
N TYR C 430 32.10 41.21 5.34
CA TYR C 430 33.11 40.49 6.11
C TYR C 430 32.53 39.93 7.40
N VAL C 431 31.67 40.69 8.06
CA VAL C 431 31.01 40.16 9.25
C VAL C 431 30.21 38.92 8.90
N ALA C 432 29.49 38.97 7.77
CA ALA C 432 28.73 37.80 7.34
C ALA C 432 29.65 36.61 7.10
N MET C 433 30.80 36.86 6.46
CA MET C 433 31.74 35.77 6.19
C MET C 433 32.25 35.13 7.48
N VAL C 434 32.61 35.95 8.46
CA VAL C 434 33.13 35.41 9.72
C VAL C 434 32.07 34.61 10.44
N ALA C 435 30.84 35.14 10.49
CA ALA C 435 29.76 34.40 11.12
C ALA C 435 29.53 33.07 10.42
N ASP C 436 29.61 33.07 9.10
CA ASP C 436 29.38 31.85 8.35
C ASP C 436 30.44 30.81 8.65
N ARG C 437 31.71 31.22 8.76
CA ARG C 437 32.75 30.27 9.12
C ARG C 437 32.55 29.71 10.52
N LEU C 438 32.17 30.56 11.47
CA LEU C 438 31.91 30.08 12.83
C LEU C 438 30.80 29.05 12.83
N PHE C 439 29.71 29.33 12.12
CA PHE C 439 28.62 28.36 12.04
C PHE C 439 29.07 27.08 11.37
N LEU C 440 29.92 27.18 10.35
CA LEU C 440 30.42 25.97 9.71
C LEU C 440 31.10 25.07 10.74
N TYR C 441 32.02 25.63 11.52
CA TYR C 441 32.73 24.80 12.50
C TYR C 441 31.78 24.25 13.55
N VAL C 442 30.88 25.09 14.07
CA VAL C 442 29.99 24.65 15.13
C VAL C 442 29.09 23.52 14.64
N PHE C 443 28.52 23.66 13.44
CA PHE C 443 27.63 22.63 12.93
C PHE C 443 28.39 21.35 12.63
N PHE C 444 29.60 21.45 12.09
CA PHE C 444 30.38 20.23 11.86
C PHE C 444 30.58 19.48 13.16
N VAL C 445 30.98 20.20 14.22
CA VAL C 445 31.23 19.53 15.49
C VAL C 445 29.95 18.90 16.03
N ILE C 446 28.85 19.65 16.01
CA ILE C 446 27.61 19.14 16.56
C ILE C 446 27.14 17.90 15.81
N CYS C 447 27.18 17.97 14.48
CA CYS C 447 26.71 16.84 13.68
C CYS C 447 27.56 15.60 13.95
N SER C 448 28.89 15.76 13.95
CA SER C 448 29.74 14.60 14.19
C SER C 448 29.47 14.00 15.56
N ILE C 449 29.42 14.84 16.60
CA ILE C 449 29.23 14.32 17.96
C ILE C 449 27.89 13.62 18.07
N GLY C 450 26.83 14.23 17.55
CA GLY C 450 25.50 13.64 17.68
C GLY C 450 25.38 12.32 16.94
N THR C 451 25.86 12.29 15.69
CA THR C 451 25.76 11.05 14.93
C THR C 451 26.57 9.94 15.58
N PHE C 452 27.79 10.25 16.03
CA PHE C 452 28.61 9.24 16.68
C PHE C 452 27.95 8.74 17.96
N SER C 453 27.42 9.66 18.77
CA SER C 453 26.76 9.25 20.01
C SER C 453 25.59 8.32 19.73
N ILE C 454 24.73 8.69 18.80
CA ILE C 454 23.55 7.86 18.51
C ILE C 454 23.99 6.49 18.00
N PHE C 455 24.99 6.45 17.12
CA PHE C 455 25.38 5.18 16.54
C PHE C 455 26.02 4.26 17.58
N LEU C 456 26.87 4.79 18.46
CA LEU C 456 27.41 3.93 19.52
C LEU C 456 26.32 3.46 20.46
N ASP C 457 25.37 4.34 20.81
CA ASP C 457 24.26 3.88 21.63
C ASP C 457 23.53 2.72 20.96
N ALA C 458 23.30 2.84 19.65
CA ALA C 458 22.62 1.76 18.92
C ALA C 458 23.45 0.48 18.91
N SER C 459 24.77 0.60 18.72
CA SER C 459 25.61 -0.58 18.56
C SER C 459 25.92 -1.29 19.88
N HIS C 460 25.66 -0.67 21.02
CA HIS C 460 25.87 -1.31 22.31
C HIS C 460 24.66 -2.10 22.78
N ASN C 461 23.63 -2.23 21.94
CA ASN C 461 22.42 -2.93 22.32
C ASN C 461 22.55 -4.37 21.84
N VAL C 462 22.77 -5.28 22.78
CA VAL C 462 22.99 -6.69 22.47
C VAL C 462 22.17 -7.53 23.42
N PRO C 463 21.68 -8.68 22.97
CA PRO C 463 20.93 -9.55 23.88
C PRO C 463 21.82 -10.08 24.99
N PRO C 464 21.26 -10.34 26.17
CA PRO C 464 22.08 -10.82 27.28
C PRO C 464 22.65 -12.19 27.02
N ASP C 465 23.78 -12.47 27.67
CA ASP C 465 24.38 -13.80 27.56
C ASP C 465 23.48 -14.86 28.17
N ASN C 466 22.86 -14.55 29.30
CA ASN C 466 21.95 -15.47 29.96
C ASN C 466 20.53 -15.13 29.58
N PRO C 467 19.76 -16.04 28.98
CA PRO C 467 18.39 -15.68 28.56
C PRO C 467 17.45 -15.38 29.71
N PHE C 468 17.78 -15.78 30.94
CA PHE C 468 16.93 -15.63 32.11
C PHE C 468 15.68 -16.50 32.03
N ALA C 469 15.65 -17.47 31.13
CA ALA C 469 14.48 -18.32 30.98
C ALA C 469 14.92 -19.74 30.65
N SER D 1 -10.46 -44.12 32.24
CA SER D 1 -11.19 -44.44 33.49
C SER D 1 -12.51 -45.15 33.17
N GLU D 2 -12.64 -46.40 33.62
CA GLU D 2 -13.86 -47.14 33.36
C GLU D 2 -15.04 -46.53 34.10
N HIS D 3 -14.82 -46.01 35.30
CA HIS D 3 -15.90 -45.34 36.03
C HIS D 3 -16.43 -44.15 35.25
N GLU D 4 -15.53 -43.30 34.77
CA GLU D 4 -15.96 -42.12 34.01
C GLU D 4 -16.54 -42.51 32.67
N THR D 5 -16.03 -43.56 32.04
CA THR D 5 -16.63 -44.04 30.80
C THR D 5 -18.08 -44.44 31.03
N ARG D 6 -18.33 -45.23 32.08
CA ARG D 6 -19.68 -45.63 32.40
C ARG D 6 -20.54 -44.42 32.73
N LEU D 7 -20.00 -43.46 33.46
CA LEU D 7 -20.76 -42.26 33.81
C LEU D 7 -21.19 -41.51 32.56
N VAL D 8 -20.25 -41.27 31.64
CA VAL D 8 -20.59 -40.53 30.43
C VAL D 8 -21.59 -41.32 29.60
N ALA D 9 -21.46 -42.65 29.56
CA ALA D 9 -22.41 -43.46 28.80
C ALA D 9 -23.81 -43.33 29.38
N ASN D 10 -23.94 -43.40 30.70
CA ASN D 10 -25.25 -43.31 31.34
C ASN D 10 -25.78 -41.89 31.43
N LEU D 11 -24.94 -40.89 31.16
CA LEU D 11 -25.32 -39.51 31.36
C LEU D 11 -25.85 -38.84 30.10
N LEU D 12 -25.62 -39.44 28.93
CA LEU D 12 -26.11 -38.90 27.67
C LEU D 12 -26.99 -39.88 26.90
N GLU D 13 -27.42 -40.97 27.53
CA GLU D 13 -28.21 -41.97 26.82
C GLU D 13 -29.53 -41.40 26.33
N ASN D 14 -30.24 -40.66 27.18
CA ASN D 14 -31.53 -40.08 26.86
C ASN D 14 -31.51 -38.57 27.03
N TYR D 15 -30.43 -37.93 26.61
CA TYR D 15 -30.25 -36.51 26.75
C TYR D 15 -30.52 -35.86 25.40
N ASN D 16 -31.52 -34.99 25.35
CA ASN D 16 -31.82 -34.19 24.16
C ASN D 16 -31.28 -32.80 24.39
N LYS D 17 -30.31 -32.38 23.57
CA LYS D 17 -29.66 -31.10 23.77
C LYS D 17 -30.42 -29.95 23.14
N VAL D 18 -31.54 -30.21 22.47
CA VAL D 18 -32.36 -29.14 21.93
C VAL D 18 -33.26 -28.53 23.01
N ILE D 19 -33.47 -29.22 24.12
CA ILE D 19 -34.44 -28.82 25.14
C ILE D 19 -33.74 -28.00 26.21
N ARG D 20 -34.42 -26.99 26.72
CA ARG D 20 -33.88 -26.20 27.81
C ARG D 20 -33.70 -27.06 29.06
N PRO D 21 -32.68 -26.79 29.86
CA PRO D 21 -32.48 -27.54 31.11
C PRO D 21 -33.25 -26.96 32.30
N VAL D 22 -34.56 -27.18 32.30
CA VAL D 22 -35.43 -26.74 33.39
C VAL D 22 -36.34 -27.90 33.77
N GLU D 23 -36.59 -28.07 35.07
CA GLU D 23 -37.48 -29.14 35.50
C GLU D 23 -38.89 -28.93 34.97
N HIS D 24 -39.39 -27.69 35.00
CA HIS D 24 -40.71 -27.36 34.51
C HIS D 24 -40.57 -26.23 33.51
N HIS D 25 -41.41 -26.24 32.47
CA HIS D 25 -41.28 -25.26 31.39
C HIS D 25 -41.61 -23.83 31.82
N THR D 26 -42.20 -23.62 32.99
CA THR D 26 -42.45 -22.26 33.45
C THR D 26 -41.27 -21.67 34.22
N HIS D 27 -40.26 -22.48 34.52
CA HIS D 27 -39.04 -21.96 35.13
C HIS D 27 -38.14 -21.35 34.06
N PHE D 28 -37.09 -20.69 34.52
CA PHE D 28 -36.08 -20.11 33.63
C PHE D 28 -34.71 -20.59 34.02
N VAL D 29 -33.82 -20.64 33.02
CA VAL D 29 -32.43 -20.99 33.24
C VAL D 29 -31.69 -19.72 33.63
N ASP D 30 -31.01 -19.76 34.77
CA ASP D 30 -30.25 -18.63 35.27
C ASP D 30 -28.79 -18.80 34.89
N ILE D 31 -28.31 -17.98 33.97
CA ILE D 31 -26.95 -18.05 33.45
C ILE D 31 -26.18 -16.86 33.99
N THR D 32 -25.04 -17.14 34.61
CA THR D 32 -24.13 -16.11 35.09
C THR D 32 -23.10 -15.84 34.01
N VAL D 33 -23.14 -14.66 33.41
CA VAL D 33 -22.26 -14.32 32.30
C VAL D 33 -21.16 -13.40 32.81
N GLY D 34 -19.93 -13.74 32.49
CA GLY D 34 -18.81 -12.90 32.83
C GLY D 34 -17.89 -12.76 31.64
N LEU D 35 -17.33 -11.56 31.46
CA LEU D 35 -16.44 -11.27 30.37
C LEU D 35 -15.05 -11.01 30.91
N GLN D 36 -14.06 -11.67 30.31
CA GLN D 36 -12.66 -11.50 30.67
C GLN D 36 -11.91 -10.96 29.46
N LEU D 37 -11.32 -9.78 29.61
CA LEU D 37 -10.60 -9.15 28.52
C LEU D 37 -9.14 -9.56 28.58
N ILE D 38 -8.67 -10.28 27.56
CA ILE D 38 -7.30 -10.74 27.51
C ILE D 38 -6.40 -9.76 26.78
N GLN D 39 -6.89 -9.14 25.72
CA GLN D 39 -6.04 -8.29 24.89
C GLN D 39 -6.91 -7.38 24.04
N LEU D 40 -6.46 -6.15 23.84
CA LEU D 40 -7.09 -5.20 22.93
C LEU D 40 -6.29 -5.23 21.63
N ILE D 41 -6.80 -5.96 20.64
CA ILE D 41 -6.01 -6.24 19.44
C ILE D 41 -5.79 -4.97 18.63
N SER D 42 -6.85 -4.20 18.40
CA SER D 42 -6.72 -3.00 17.57
C SER D 42 -7.99 -2.18 17.67
N VAL D 43 -7.86 -0.90 17.32
CA VAL D 43 -8.99 0.02 17.20
C VAL D 43 -8.94 0.62 15.80
N ASP D 44 -9.99 0.38 15.02
CA ASP D 44 -10.07 0.87 13.64
C ASP D 44 -10.93 2.13 13.64
N GLU D 45 -10.28 3.29 13.53
CA GLU D 45 -11.01 4.55 13.57
C GLU D 45 -11.83 4.76 12.30
N VAL D 46 -11.31 4.33 11.15
CA VAL D 46 -11.99 4.60 9.89
C VAL D 46 -13.33 3.87 9.84
N ASN D 47 -13.32 2.58 10.12
CA ASN D 47 -14.55 1.80 10.10
C ASN D 47 -15.24 1.74 11.46
N GLN D 48 -14.62 2.26 12.52
CA GLN D 48 -15.23 2.28 13.84
C GLN D 48 -15.44 0.87 14.37
N ILE D 49 -14.38 0.06 14.33
CA ILE D 49 -14.41 -1.32 14.77
C ILE D 49 -13.30 -1.52 15.79
N VAL D 50 -13.65 -2.11 16.93
CA VAL D 50 -12.70 -2.45 17.98
C VAL D 50 -12.59 -3.97 18.05
N GLU D 51 -11.36 -4.46 17.97
CA GLU D 51 -11.09 -5.90 17.96
C GLU D 51 -10.48 -6.27 19.31
N THR D 52 -11.13 -7.21 20.00
CA THR D 52 -10.71 -7.62 21.32
C THR D 52 -10.66 -9.14 21.42
N ASN D 53 -9.75 -9.63 22.24
CA ASN D 53 -9.60 -11.05 22.52
C ASN D 53 -10.12 -11.30 23.93
N VAL D 54 -11.19 -12.09 24.05
CA VAL D 54 -11.93 -12.22 25.30
C VAL D 54 -12.22 -13.68 25.59
N ARG D 55 -12.54 -13.95 26.85
CA ARG D 55 -13.10 -15.23 27.28
C ARG D 55 -14.48 -14.96 27.87
N LEU D 56 -15.48 -15.67 27.38
CA LEU D 56 -16.87 -15.43 27.77
C LEU D 56 -17.30 -16.52 28.74
N ARG D 57 -17.09 -16.28 30.03
CA ARG D 57 -17.41 -17.26 31.06
C ARG D 57 -18.91 -17.35 31.28
N GLN D 58 -19.44 -18.56 31.29
CA GLN D 58 -20.87 -18.80 31.45
C GLN D 58 -21.08 -19.94 32.44
N GLN D 59 -22.03 -19.76 33.36
CA GLN D 59 -22.33 -20.75 34.38
C GLN D 59 -23.83 -20.94 34.49
N TRP D 60 -24.28 -22.19 34.51
CA TRP D 60 -25.70 -22.49 34.68
C TRP D 60 -25.82 -23.93 35.16
N ILE D 61 -27.00 -24.27 35.64
CA ILE D 61 -27.29 -25.59 36.18
C ILE D 61 -28.11 -26.38 35.16
N ASP D 62 -27.73 -27.63 34.96
CA ASP D 62 -28.46 -28.57 34.11
C ASP D 62 -28.81 -29.79 34.96
N VAL D 63 -30.05 -29.85 35.44
CA VAL D 63 -30.44 -30.90 36.36
C VAL D 63 -30.33 -32.27 35.71
N ARG D 64 -30.49 -32.34 34.38
CA ARG D 64 -30.42 -33.63 33.70
C ARG D 64 -29.04 -34.26 33.75
N LEU D 65 -28.01 -33.50 34.14
CA LEU D 65 -26.63 -33.97 34.08
C LEU D 65 -26.03 -34.14 35.47
N ARG D 66 -26.85 -34.53 36.44
CA ARG D 66 -26.36 -34.78 37.80
C ARG D 66 -26.23 -36.28 38.02
N TRP D 67 -25.37 -36.64 38.98
CA TRP D 67 -25.13 -38.03 39.30
C TRP D 67 -24.69 -38.13 40.76
N ASN D 68 -24.73 -39.35 41.28
CA ASN D 68 -24.31 -39.60 42.65
C ASN D 68 -22.86 -40.04 42.65
N PRO D 69 -21.94 -39.29 43.27
CA PRO D 69 -20.53 -39.67 43.18
C PRO D 69 -20.24 -41.05 43.72
N ALA D 70 -21.00 -41.52 44.71
CA ALA D 70 -20.71 -42.82 45.32
C ALA D 70 -20.87 -43.97 44.35
N ASP D 71 -21.63 -43.79 43.27
CA ASP D 71 -21.86 -44.85 42.31
C ASP D 71 -20.82 -44.91 41.22
N TYR D 72 -19.85 -43.99 41.21
CA TYR D 72 -18.85 -43.94 40.15
C TYR D 72 -17.46 -43.70 40.73
N GLY D 73 -17.17 -44.35 41.85
CA GLY D 73 -15.85 -44.26 42.42
C GLY D 73 -15.47 -42.90 42.98
N GLY D 74 -16.45 -42.06 43.29
CA GLY D 74 -16.18 -40.76 43.87
C GLY D 74 -15.87 -39.67 42.88
N ILE D 75 -16.15 -39.88 41.59
CA ILE D 75 -15.93 -38.83 40.60
C ILE D 75 -16.87 -37.66 40.88
N LYS D 76 -16.31 -36.45 40.94
CA LYS D 76 -17.09 -35.26 41.22
C LYS D 76 -17.10 -34.26 40.08
N LYS D 77 -16.17 -34.35 39.14
CA LYS D 77 -16.11 -33.40 38.04
C LYS D 77 -15.62 -34.12 36.79
N ILE D 78 -16.29 -33.85 35.66
CA ILE D 78 -15.89 -34.39 34.38
C ILE D 78 -15.87 -33.26 33.35
N ARG D 79 -15.13 -33.47 32.27
CA ARG D 79 -15.09 -32.54 31.15
C ARG D 79 -15.84 -33.14 29.98
N LEU D 80 -16.75 -32.38 29.39
CA LEU D 80 -17.54 -32.84 28.27
C LEU D 80 -17.37 -31.90 27.09
N PRO D 81 -17.46 -32.41 25.85
CA PRO D 81 -17.52 -31.51 24.70
C PRO D 81 -18.75 -30.62 24.80
N SER D 82 -18.56 -29.31 24.58
CA SER D 82 -19.66 -28.38 24.71
C SER D 82 -20.75 -28.62 23.68
N ASP D 83 -20.44 -29.30 22.58
CA ASP D 83 -21.44 -29.57 21.57
C ASP D 83 -22.31 -30.78 21.91
N ASP D 84 -22.05 -31.43 23.04
CA ASP D 84 -22.85 -32.57 23.48
C ASP D 84 -24.04 -32.17 24.32
N VAL D 85 -24.03 -30.98 24.90
CA VAL D 85 -25.06 -30.55 25.85
C VAL D 85 -25.69 -29.26 25.36
N TRP D 86 -26.81 -28.90 25.98
CA TRP D 86 -27.48 -27.65 25.66
C TRP D 86 -26.61 -26.47 26.05
N LEU D 87 -26.51 -25.49 25.16
CA LEU D 87 -25.72 -24.29 25.40
C LEU D 87 -26.59 -23.05 25.17
N PRO D 88 -26.35 -21.99 25.93
CA PRO D 88 -27.04 -20.73 25.67
C PRO D 88 -26.46 -20.02 24.45
N ASP D 89 -27.35 -19.47 23.62
CA ASP D 89 -26.95 -18.76 22.41
C ASP D 89 -26.73 -17.28 22.71
N LEU D 90 -25.62 -16.99 23.38
CA LEU D 90 -25.21 -15.62 23.59
C LEU D 90 -24.67 -15.03 22.30
N VAL D 91 -25.16 -13.84 21.94
CA VAL D 91 -24.82 -13.20 20.69
C VAL D 91 -24.32 -11.78 20.98
N LEU D 92 -23.27 -11.38 20.28
CA LEU D 92 -22.76 -10.01 20.34
C LEU D 92 -23.64 -9.14 19.45
N TYR D 93 -24.52 -8.34 20.08
CA TYR D 93 -25.51 -7.59 19.32
C TYR D 93 -24.87 -6.58 18.39
N ASN D 94 -23.83 -5.89 18.85
CA ASN D 94 -23.16 -4.87 18.05
C ASN D 94 -21.95 -5.41 17.29
N ASN D 95 -21.96 -6.67 16.89
CA ASN D 95 -20.91 -7.19 16.03
C ASN D 95 -20.83 -6.37 14.75
N ALA D 96 -19.62 -5.92 14.42
CA ALA D 96 -19.38 -5.19 13.17
C ALA D 96 -19.17 -6.15 12.01
N ASP D 97 -18.06 -6.90 12.05
CA ASP D 97 -17.74 -7.78 10.93
C ASP D 97 -17.13 -9.10 11.37
N GLY D 98 -17.31 -9.51 12.62
CA GLY D 98 -16.80 -10.77 13.11
C GLY D 98 -17.87 -11.82 13.20
N ASP D 99 -17.71 -12.73 14.16
CA ASP D 99 -18.72 -13.75 14.42
C ASP D 99 -19.74 -13.25 15.44
N PHE D 100 -21.00 -13.61 15.22
CA PHE D 100 -22.05 -13.17 16.13
C PHE D 100 -22.07 -13.97 17.41
N ALA D 101 -21.74 -15.26 17.36
CA ALA D 101 -21.79 -16.13 18.51
C ALA D 101 -20.45 -16.83 18.69
N ILE D 102 -20.35 -17.62 19.75
CA ILE D 102 -19.15 -18.41 20.00
C ILE D 102 -19.02 -19.47 18.92
N VAL D 103 -17.81 -19.60 18.37
CA VAL D 103 -17.54 -20.61 17.35
C VAL D 103 -16.54 -21.66 17.81
N HIS D 104 -15.74 -21.39 18.85
CA HIS D 104 -14.80 -22.37 19.37
C HIS D 104 -15.49 -23.17 20.47
N MET D 105 -15.97 -24.36 20.12
CA MET D 105 -16.72 -25.19 21.04
C MET D 105 -15.73 -25.97 21.91
N THR D 106 -15.14 -25.27 22.87
CA THR D 106 -14.23 -25.91 23.81
C THR D 106 -15.01 -26.77 24.80
N LYS D 107 -14.28 -27.63 25.51
CA LYS D 107 -14.90 -28.47 26.51
C LYS D 107 -15.37 -27.64 27.70
N LEU D 108 -16.39 -28.13 28.39
CA LEU D 108 -16.93 -27.48 29.56
C LEU D 108 -16.74 -28.36 30.79
N LEU D 109 -16.78 -27.74 31.95
CA LEU D 109 -16.59 -28.41 33.23
C LEU D 109 -17.95 -28.68 33.84
N LEU D 110 -18.25 -29.94 34.11
CA LEU D 110 -19.54 -30.34 34.64
C LEU D 110 -19.35 -30.91 36.04
N ASP D 111 -20.08 -30.35 37.00
CA ASP D 111 -20.04 -30.78 38.38
C ASP D 111 -21.17 -31.77 38.65
N TYR D 112 -20.97 -32.62 39.66
CA TYR D 112 -21.93 -33.70 39.91
C TYR D 112 -23.31 -33.19 40.30
N THR D 113 -23.43 -31.92 40.70
CA THR D 113 -24.72 -31.34 41.03
C THR D 113 -25.42 -30.74 39.82
N GLY D 114 -24.85 -30.91 38.63
CA GLY D 114 -25.40 -30.32 37.43
C GLY D 114 -24.85 -28.94 37.10
N LYS D 115 -24.02 -28.36 37.95
CA LYS D 115 -23.47 -27.04 37.69
C LYS D 115 -22.47 -27.13 36.54
N ILE D 116 -22.60 -26.22 35.58
CA ILE D 116 -21.77 -26.22 34.38
C ILE D 116 -20.96 -24.93 34.34
N MET D 117 -19.72 -25.05 33.89
CA MET D 117 -18.83 -23.89 33.71
C MET D 117 -18.22 -23.97 32.32
N TRP D 118 -18.51 -22.98 31.49
CA TRP D 118 -18.06 -22.94 30.11
C TRP D 118 -17.39 -21.60 29.86
N THR D 119 -16.15 -21.62 29.38
CA THR D 119 -15.36 -20.41 29.17
C THR D 119 -14.70 -20.45 27.80
N PRO D 120 -15.50 -20.40 26.74
CA PRO D 120 -14.93 -20.44 25.40
C PRO D 120 -14.21 -19.14 25.06
N PRO D 121 -13.23 -19.18 24.16
CA PRO D 121 -12.60 -17.95 23.69
C PRO D 121 -13.34 -17.33 22.52
N ALA D 122 -13.05 -16.07 22.24
CA ALA D 122 -13.69 -15.39 21.14
C ALA D 122 -12.85 -14.18 20.73
N ILE D 123 -13.05 -13.76 19.49
CA ILE D 123 -12.54 -12.49 18.99
C ILE D 123 -13.75 -11.64 18.67
N PHE D 124 -13.95 -10.59 19.47
CA PHE D 124 -15.08 -9.69 19.27
C PHE D 124 -14.64 -8.50 18.43
N LYS D 125 -15.28 -8.30 17.28
CA LYS D 125 -15.06 -7.14 16.44
C LYS D 125 -16.33 -6.30 16.53
N SER D 126 -16.37 -5.43 17.53
CA SER D 126 -17.58 -4.72 17.91
C SER D 126 -17.58 -3.32 17.33
N TYR D 127 -18.75 -2.89 16.86
CA TYR D 127 -18.93 -1.53 16.35
C TYR D 127 -19.08 -0.56 17.51
N CYS D 128 -18.35 0.55 17.45
CA CYS D 128 -18.45 1.57 18.50
C CYS D 128 -18.15 2.93 17.90
N GLU D 129 -18.95 3.91 18.31
CA GLU D 129 -18.81 5.28 17.84
C GLU D 129 -17.47 5.88 18.23
N ILE D 130 -16.63 6.16 17.25
CA ILE D 130 -15.33 6.77 17.48
C ILE D 130 -15.49 8.28 17.33
N ILE D 131 -15.03 9.02 18.33
CA ILE D 131 -15.17 10.47 18.38
C ILE D 131 -13.78 11.05 18.16
N VAL D 132 -13.50 11.45 16.92
CA VAL D 132 -12.22 12.08 16.58
C VAL D 132 -12.46 13.58 16.59
N THR D 133 -12.31 14.18 17.77
CA THR D 133 -12.39 15.63 17.90
C THR D 133 -11.13 16.14 18.58
N HIS D 134 -10.58 15.32 19.49
CA HIS D 134 -9.33 15.64 20.16
C HIS D 134 -8.21 14.70 19.72
N PHE D 135 -8.36 14.02 18.59
CA PHE D 135 -7.31 13.17 18.08
C PHE D 135 -6.04 13.99 17.90
N PRO D 136 -4.88 13.51 18.36
CA PRO D 136 -4.60 12.20 18.94
C PRO D 136 -4.80 12.13 20.44
N PHE D 137 -5.26 13.20 21.06
CA PHE D 137 -5.51 13.20 22.50
C PHE D 137 -6.96 12.85 22.78
N ASP D 138 -7.44 11.75 22.20
CA ASP D 138 -8.85 11.39 22.23
C ASP D 138 -9.07 10.23 23.19
N GLN D 139 -10.22 10.29 23.87
CA GLN D 139 -10.68 9.22 24.75
C GLN D 139 -11.87 8.55 24.11
N GLN D 140 -11.86 7.22 24.06
CA GLN D 140 -12.89 6.45 23.41
C GLN D 140 -13.66 5.61 24.41
N ASN D 141 -14.96 5.50 24.21
CA ASN D 141 -15.86 4.71 25.05
C ASN D 141 -16.54 3.70 24.14
N CYS D 142 -16.03 2.47 24.10
CA CYS D 142 -16.50 1.45 23.19
C CYS D 142 -17.06 0.28 23.97
N THR D 143 -18.17 -0.27 23.49
CA THR D 143 -19.01 -1.18 24.27
C THR D 143 -19.09 -2.55 23.61
N MET D 144 -19.57 -3.50 24.41
CA MET D 144 -19.87 -4.86 23.97
C MET D 144 -21.24 -5.23 24.52
N LYS D 145 -22.23 -5.39 23.64
CA LYS D 145 -23.58 -5.74 24.04
C LYS D 145 -23.82 -7.22 23.81
N LEU D 146 -24.18 -7.95 24.87
CA LEU D 146 -24.39 -9.38 24.82
C LEU D 146 -25.78 -9.73 25.31
N GLY D 147 -26.38 -10.73 24.69
CA GLY D 147 -27.69 -11.18 25.12
C GLY D 147 -28.06 -12.48 24.45
N ILE D 148 -29.05 -13.14 25.02
CA ILE D 148 -29.57 -14.39 24.47
C ILE D 148 -30.48 -14.05 23.29
N TRP D 149 -30.18 -14.64 22.14
CA TRP D 149 -30.83 -14.21 20.90
C TRP D 149 -32.30 -14.60 20.84
N THR D 150 -32.63 -15.84 21.17
CA THR D 150 -33.93 -16.41 20.85
C THR D 150 -34.83 -16.65 22.05
N TYR D 151 -34.39 -16.33 23.26
CA TYR D 151 -35.19 -16.53 24.46
C TYR D 151 -35.38 -15.18 25.14
N ASP D 152 -36.55 -14.98 25.72
CA ASP D 152 -36.81 -13.76 26.48
C ASP D 152 -36.36 -13.96 27.93
N GLY D 153 -36.66 -12.99 28.79
CA GLY D 153 -36.19 -13.05 30.16
C GLY D 153 -36.94 -14.01 31.04
N THR D 154 -38.12 -14.46 30.62
CA THR D 154 -38.90 -15.41 31.39
C THR D 154 -38.50 -16.85 31.11
N LYS D 155 -37.69 -17.09 30.08
CA LYS D 155 -37.22 -18.42 29.74
C LYS D 155 -35.74 -18.63 30.00
N VAL D 156 -34.91 -17.61 29.75
CA VAL D 156 -33.48 -17.68 29.99
C VAL D 156 -33.04 -16.30 30.46
N SER D 157 -32.59 -16.20 31.71
CA SER D 157 -32.16 -14.95 32.30
C SER D 157 -30.65 -14.93 32.47
N ILE D 158 -30.00 -13.88 31.97
CA ILE D 158 -28.57 -13.69 32.12
C ILE D 158 -28.32 -12.58 33.14
N SER D 159 -27.37 -12.80 34.02
CA SER D 159 -26.97 -11.81 35.00
C SER D 159 -25.44 -11.72 35.04
N PRO D 160 -24.89 -10.53 35.25
CA PRO D 160 -23.43 -10.40 35.24
C PRO D 160 -22.79 -11.17 36.39
N GLU D 161 -21.61 -11.75 36.11
CA GLU D 161 -20.85 -12.39 37.17
C GLU D 161 -20.39 -11.39 38.21
N SER D 162 -19.94 -10.22 37.77
CA SER D 162 -19.54 -9.14 38.65
C SER D 162 -19.91 -7.84 37.97
N ASP D 163 -19.68 -6.73 38.65
CA ASP D 163 -20.03 -5.43 38.10
C ASP D 163 -18.98 -4.87 37.15
N ARG D 164 -17.84 -5.54 36.99
CA ARG D 164 -16.79 -5.07 36.10
C ARG D 164 -16.28 -6.25 35.28
N PRO D 165 -15.81 -6.00 34.05
CA PRO D 165 -15.10 -7.04 33.32
C PRO D 165 -13.82 -7.44 34.06
N ASP D 166 -13.42 -8.69 33.86
CA ASP D 166 -12.21 -9.22 34.48
C ASP D 166 -11.01 -8.86 33.61
N LEU D 167 -10.13 -8.01 34.14
CA LEU D 167 -8.90 -7.61 33.46
C LEU D 167 -7.67 -8.04 34.24
N SER D 168 -7.79 -9.13 35.01
CA SER D 168 -6.67 -9.58 35.82
C SER D 168 -5.48 -9.98 34.96
N THR D 169 -5.73 -10.65 33.84
CA THR D 169 -4.68 -11.11 32.93
C THR D 169 -4.64 -10.27 31.65
N PHE D 170 -5.04 -9.01 31.72
CA PHE D 170 -5.03 -8.15 30.55
C PHE D 170 -3.59 -7.86 30.13
N MET D 171 -3.38 -7.75 28.81
CA MET D 171 -2.09 -7.42 28.24
C MET D 171 -2.01 -5.92 27.99
N GLU D 172 -0.94 -5.29 28.46
CA GLU D 172 -0.79 -3.85 28.27
C GLU D 172 -0.72 -3.54 26.78
N SER D 173 -1.52 -2.56 26.36
CA SER D 173 -1.75 -2.36 24.93
C SER D 173 -0.52 -1.77 24.23
N GLY D 174 0.09 -0.76 24.82
CA GLY D 174 1.14 -0.02 24.15
C GLY D 174 0.65 1.13 23.30
N GLU D 175 -0.65 1.19 23.01
CA GLU D 175 -1.25 2.33 22.34
C GLU D 175 -2.40 2.94 23.11
N TRP D 176 -3.05 2.20 23.99
CA TRP D 176 -4.21 2.66 24.73
C TRP D 176 -4.04 2.37 26.21
N VAL D 177 -4.60 3.25 27.03
CA VAL D 177 -4.60 3.09 28.48
C VAL D 177 -6.05 2.90 28.91
N MET D 178 -6.30 1.91 29.75
CA MET D 178 -7.65 1.52 30.13
C MET D 178 -8.06 2.35 31.34
N LYS D 179 -8.76 3.45 31.10
CA LYS D 179 -9.16 4.34 32.19
C LYS D 179 -10.21 3.67 33.09
N ASP D 180 -11.25 3.10 32.50
CA ASP D 180 -12.34 2.56 33.29
C ASP D 180 -13.06 1.49 32.49
N TYR D 181 -13.78 0.64 33.22
CA TYR D 181 -14.54 -0.44 32.60
C TYR D 181 -15.62 -0.89 33.58
N ARG D 182 -16.81 -1.18 33.05
CA ARG D 182 -17.94 -1.55 33.86
C ARG D 182 -18.91 -2.36 33.01
N GLY D 183 -19.83 -3.03 33.67
CA GLY D 183 -20.87 -3.77 32.98
C GLY D 183 -22.23 -3.49 33.59
N TRP D 184 -23.23 -3.34 32.72
CA TRP D 184 -24.58 -3.00 33.14
C TRP D 184 -25.58 -3.94 32.49
N LYS D 185 -26.60 -4.32 33.25
CA LYS D 185 -27.70 -5.14 32.76
C LYS D 185 -28.94 -4.30 32.55
N HIS D 186 -29.61 -4.51 31.42
CA HIS D 186 -30.79 -3.73 31.04
C HIS D 186 -31.99 -4.64 30.84
N TRP D 187 -33.15 -4.17 31.32
CA TRP D 187 -34.43 -4.79 31.03
C TRP D 187 -35.12 -3.95 29.97
N VAL D 188 -35.51 -4.58 28.86
CA VAL D 188 -36.18 -3.89 27.77
C VAL D 188 -37.56 -4.50 27.57
N TYR D 189 -38.58 -3.65 27.56
CA TYR D 189 -39.96 -4.05 27.34
C TYR D 189 -40.48 -3.43 26.05
N TYR D 190 -41.58 -4.00 25.56
CA TYR D 190 -42.18 -3.58 24.31
C TYR D 190 -43.67 -3.32 24.49
N THR D 191 -44.24 -2.56 23.57
CA THR D 191 -45.66 -2.22 23.63
C THR D 191 -46.54 -3.46 23.57
N CYS D 192 -46.03 -4.57 23.03
CA CYS D 192 -46.74 -5.84 23.09
C CYS D 192 -47.34 -6.06 24.46
N CYS D 193 -46.47 -6.17 25.44
CA CYS D 193 -46.75 -6.90 26.64
C CYS D 193 -45.67 -6.64 27.68
N PRO D 194 -46.03 -6.25 28.90
CA PRO D 194 -45.03 -5.95 29.93
C PRO D 194 -44.59 -7.13 30.77
N ASP D 195 -45.03 -8.35 30.46
CA ASP D 195 -44.66 -9.52 31.21
C ASP D 195 -43.48 -10.29 30.59
N THR D 196 -42.89 -9.77 29.53
CA THR D 196 -41.83 -10.45 28.80
C THR D 196 -40.62 -9.52 28.68
N PRO D 197 -39.78 -9.45 29.72
CA PRO D 197 -38.59 -8.62 29.63
C PRO D 197 -37.54 -9.25 28.71
N TYR D 198 -36.85 -8.39 27.98
CA TYR D 198 -35.73 -8.81 27.13
C TYR D 198 -34.44 -8.26 27.73
N LEU D 199 -33.53 -9.16 28.10
CA LEU D 199 -32.36 -8.81 28.88
C LEU D 199 -31.13 -8.75 27.99
N ASP D 200 -30.26 -7.78 28.26
CA ASP D 200 -28.95 -7.72 27.65
C ASP D 200 -27.96 -7.17 28.67
N ILE D 201 -26.70 -7.54 28.52
CA ILE D 201 -25.62 -7.04 29.36
C ILE D 201 -24.65 -6.28 28.47
N THR D 202 -24.37 -5.04 28.82
CA THR D 202 -23.47 -4.19 28.06
C THR D 202 -22.21 -3.94 28.86
N TYR D 203 -21.06 -4.29 28.30
CA TYR D 203 -19.76 -3.95 28.87
C TYR D 203 -19.15 -2.81 28.07
N HIS D 204 -18.62 -1.82 28.77
CA HIS D 204 -18.00 -0.68 28.13
C HIS D 204 -16.63 -0.43 28.74
N PHE D 205 -15.71 0.02 27.90
CA PHE D 205 -14.33 0.26 28.28
C PHE D 205 -13.94 1.67 27.86
N ILE D 206 -13.47 2.46 28.81
CA ILE D 206 -12.99 3.82 28.53
C ILE D 206 -11.50 3.74 28.27
N MET D 207 -11.09 4.11 27.06
CA MET D 207 -9.71 3.97 26.61
C MET D 207 -9.13 5.34 26.30
N GLN D 208 -7.91 5.58 26.77
CA GLN D 208 -7.20 6.82 26.53
C GLN D 208 -6.01 6.51 25.62
N ARG D 209 -5.92 7.21 24.50
CA ARG D 209 -4.82 6.99 23.57
C ARG D 209 -3.51 7.52 24.14
N ILE D 210 -2.43 6.79 23.91
CA ILE D 210 -1.09 7.24 24.28
C ILE D 210 -0.56 8.07 23.11
N PRO D 211 -0.50 9.40 23.23
CA PRO D 211 -0.21 10.25 22.08
C PRO D 211 1.27 10.58 21.90
N LEU D 212 2.11 9.56 21.86
CA LEU D 212 3.53 9.77 21.59
C LEU D 212 3.88 9.51 20.14
N TYR D 213 3.39 8.40 19.58
CA TYR D 213 3.69 8.09 18.18
C TYR D 213 3.22 9.23 17.28
N PHE D 214 1.97 9.64 17.42
CA PHE D 214 1.43 10.66 16.53
C PHE D 214 2.09 12.01 16.77
N VAL D 215 2.33 12.37 18.02
CA VAL D 215 3.04 13.62 18.30
C VAL D 215 4.32 13.67 17.50
N VAL D 216 5.22 12.72 17.76
CA VAL D 216 6.54 12.76 17.13
C VAL D 216 6.43 12.70 15.62
N ASN D 217 5.58 11.81 15.11
CA ASN D 217 5.60 11.54 13.67
C ASN D 217 4.76 12.50 12.85
N VAL D 218 3.95 13.36 13.46
CA VAL D 218 3.11 14.27 12.69
C VAL D 218 3.31 15.71 13.17
N ILE D 219 3.11 15.95 14.45
CA ILE D 219 2.95 17.33 14.93
C ILE D 219 4.28 18.08 14.85
N ILE D 220 5.38 17.44 15.23
CA ILE D 220 6.66 18.16 15.29
C ILE D 220 7.07 18.70 13.92
N PRO D 221 7.05 17.92 12.84
CA PRO D 221 7.35 18.51 11.53
C PRO D 221 6.45 19.68 11.17
N CYS D 222 5.17 19.62 11.55
CA CYS D 222 4.29 20.75 11.30
C CYS D 222 4.76 22.00 12.04
N LEU D 223 5.18 21.83 13.29
CA LEU D 223 5.73 22.96 14.03
C LEU D 223 6.96 23.53 13.33
N LEU D 224 7.84 22.64 12.86
CA LEU D 224 9.05 23.10 12.20
C LEU D 224 8.72 23.91 10.96
N PHE D 225 7.78 23.43 10.15
CA PHE D 225 7.41 24.15 8.94
C PHE D 225 6.76 25.49 9.28
N SER D 226 5.93 25.53 10.32
CA SER D 226 5.36 26.79 10.74
C SER D 226 6.46 27.79 11.12
N PHE D 227 7.45 27.33 11.87
CA PHE D 227 8.54 28.23 12.25
C PHE D 227 9.27 28.76 11.03
N LEU D 228 9.56 27.88 10.06
CA LEU D 228 10.30 28.34 8.88
C LEU D 228 9.49 29.32 8.05
N THR D 229 8.20 29.06 7.87
CA THR D 229 7.39 29.99 7.09
C THR D 229 7.34 31.34 7.78
N GLY D 230 7.32 31.36 9.11
CA GLY D 230 7.48 32.62 9.81
C GLY D 230 8.82 33.27 9.51
N LEU D 231 9.87 32.45 9.45
CA LEU D 231 11.23 32.97 9.26
C LEU D 231 11.41 33.66 7.92
N VAL D 232 10.61 33.28 6.92
CA VAL D 232 10.85 33.81 5.57
C VAL D 232 11.04 35.32 5.54
N PHE D 233 10.46 36.05 6.50
CA PHE D 233 10.43 37.51 6.43
C PHE D 233 11.73 38.18 6.84
N TYR D 234 12.70 37.45 7.34
CA TYR D 234 14.00 38.03 7.65
C TYR D 234 14.98 37.95 6.49
N LEU D 235 14.59 37.31 5.40
CA LEU D 235 15.48 37.13 4.25
C LEU D 235 15.42 38.36 3.35
N PRO D 236 16.55 39.04 3.11
CA PRO D 236 16.50 40.27 2.30
C PRO D 236 16.08 39.98 0.86
N THR D 237 15.39 40.95 0.27
CA THR D 237 14.92 40.78 -1.10
C THR D 237 16.07 40.76 -2.10
N ASP D 238 17.20 41.37 -1.77
CA ASP D 238 18.32 41.40 -2.69
C ASP D 238 18.79 39.98 -3.03
N SER D 239 18.87 39.12 -2.04
CA SER D 239 19.10 37.69 -2.28
C SER D 239 17.84 37.12 -2.89
N GLY D 240 17.87 36.86 -4.19
CA GLY D 240 16.66 36.45 -4.88
C GLY D 240 16.26 35.04 -4.52
N GLU D 241 15.89 34.83 -3.26
CA GLU D 241 15.52 33.50 -2.80
C GLU D 241 14.32 33.49 -1.86
N LYS D 242 13.59 34.60 -1.72
CA LYS D 242 12.41 34.59 -0.87
C LYS D 242 11.37 33.59 -1.37
N MET D 243 11.06 33.66 -2.67
CA MET D 243 10.12 32.71 -3.23
C MET D 243 10.64 31.29 -3.13
N THR D 244 11.94 31.09 -3.36
CA THR D 244 12.50 29.75 -3.20
C THR D 244 12.20 29.20 -1.82
N LEU D 245 12.52 29.97 -0.77
CA LEU D 245 12.33 29.47 0.58
C LEU D 245 10.86 29.21 0.87
N SER D 246 9.99 30.19 0.59
CA SER D 246 8.58 30.03 0.95
C SER D 246 7.93 28.88 0.18
N ILE D 247 8.20 28.79 -1.12
CA ILE D 247 7.54 27.75 -1.91
C ILE D 247 8.15 26.39 -1.62
N SER D 248 9.42 26.33 -1.23
CA SER D 248 9.98 25.05 -0.80
C SER D 248 9.38 24.60 0.52
N VAL D 249 9.10 25.55 1.42
CA VAL D 249 8.38 25.18 2.63
C VAL D 249 6.99 24.65 2.27
N LEU D 250 6.33 25.27 1.30
CA LEU D 250 5.02 24.77 0.89
C LEU D 250 5.12 23.37 0.29
N LEU D 251 6.14 23.12 -0.51
CA LEU D 251 6.34 21.78 -1.09
C LEU D 251 6.61 20.75 0.00
N SER D 252 7.44 21.11 0.98
CA SER D 252 7.69 20.21 2.10
C SER D 252 6.40 19.90 2.83
N LEU D 253 5.56 20.92 3.02
CA LEU D 253 4.29 20.71 3.68
C LEU D 253 3.37 19.83 2.84
N THR D 254 3.45 19.91 1.52
CA THR D 254 2.63 19.04 0.69
C THR D 254 3.07 17.58 0.79
N VAL D 255 4.38 17.35 0.74
CA VAL D 255 4.87 15.98 0.94
C VAL D 255 4.45 15.47 2.31
N PHE D 256 4.54 16.33 3.32
CA PHE D 256 4.12 15.90 4.65
C PHE D 256 2.61 15.72 4.75
N LEU D 257 1.83 16.42 3.93
CA LEU D 257 0.41 16.14 3.85
C LEU D 257 0.16 14.76 3.29
N LEU D 258 0.96 14.37 2.30
CA LEU D 258 0.94 12.99 1.83
C LEU D 258 1.20 12.03 2.99
N VAL D 259 2.24 12.31 3.78
CA VAL D 259 2.57 11.45 4.92
C VAL D 259 1.39 11.37 5.89
N ILE D 260 0.81 12.52 6.21
CA ILE D 260 -0.28 12.57 7.17
C ILE D 260 -1.45 11.74 6.68
N VAL D 261 -1.88 11.96 5.43
CA VAL D 261 -2.99 11.18 4.90
C VAL D 261 -2.66 9.70 4.94
N GLU D 262 -1.38 9.35 4.82
CA GLU D 262 -1.02 7.95 5.01
C GLU D 262 -1.27 7.51 6.45
N LEU D 263 -0.98 8.37 7.42
CA LEU D 263 -1.02 7.94 8.82
C LEU D 263 -2.37 8.16 9.50
N ILE D 264 -2.86 9.40 9.55
CA ILE D 264 -4.04 9.72 10.35
C ILE D 264 -5.27 9.03 9.77
N PRO D 265 -6.29 8.75 10.58
CA PRO D 265 -7.50 8.11 10.06
C PRO D 265 -8.27 9.01 9.10
N SER D 266 -8.95 8.36 8.15
CA SER D 266 -9.72 9.02 7.11
C SER D 266 -11.19 9.22 7.47
N THR D 267 -11.50 9.37 8.76
CA THR D 267 -12.87 9.59 9.19
C THR D 267 -13.43 10.86 8.56
N SER D 268 -14.76 11.02 8.67
CA SER D 268 -15.42 12.23 8.17
C SER D 268 -16.49 12.77 9.11
N SER D 269 -16.64 12.20 10.31
CA SER D 269 -17.67 12.69 11.21
C SER D 269 -17.40 14.12 11.66
N ALA D 270 -16.14 14.44 11.95
CA ALA D 270 -15.76 15.77 12.40
C ALA D 270 -14.29 15.96 12.10
N VAL D 271 -13.85 17.22 12.14
CA VAL D 271 -12.46 17.56 11.86
C VAL D 271 -11.63 17.25 13.10
N PRO D 272 -10.60 16.42 13.00
CA PRO D 272 -9.73 16.17 14.16
C PRO D 272 -8.91 17.41 14.51
N LEU D 273 -8.23 17.30 15.65
CA LEU D 273 -7.32 18.38 16.06
C LEU D 273 -6.16 18.52 15.09
N ILE D 274 -5.57 17.39 14.67
CA ILE D 274 -4.50 17.47 13.69
C ILE D 274 -5.01 18.08 12.39
N GLY D 275 -6.25 17.79 12.02
CA GLY D 275 -6.79 18.38 10.81
C GLY D 275 -6.84 19.89 10.89
N LYS D 276 -7.34 20.41 12.02
CA LYS D 276 -7.40 21.85 12.19
C LYS D 276 -6.00 22.46 12.19
N TYR D 277 -5.04 21.81 12.84
CA TYR D 277 -3.71 22.38 12.86
C TYR D 277 -3.07 22.36 11.48
N MET D 278 -3.25 21.27 10.72
CA MET D 278 -2.69 21.21 9.39
C MET D 278 -3.31 22.27 8.48
N LEU D 279 -4.63 22.46 8.56
CA LEU D 279 -5.26 23.50 7.77
C LEU D 279 -4.75 24.87 8.16
N PHE D 280 -4.59 25.12 9.47
CA PHE D 280 -4.06 26.40 9.92
C PHE D 280 -2.66 26.63 9.38
N THR D 281 -1.81 25.60 9.41
CA THR D 281 -0.47 25.74 8.89
C THR D 281 -0.49 26.03 7.39
N MET D 282 -1.36 25.36 6.65
CA MET D 282 -1.46 25.62 5.21
C MET D 282 -1.85 27.06 4.94
N ILE D 283 -2.87 27.55 5.65
CA ILE D 283 -3.30 28.93 5.43
C ILE D 283 -2.19 29.90 5.85
N PHE D 284 -1.47 29.56 6.91
CA PHE D 284 -0.34 30.38 7.36
C PHE D 284 0.70 30.51 6.25
N VAL D 285 1.08 29.39 5.64
CA VAL D 285 2.10 29.44 4.59
C VAL D 285 1.58 30.22 3.39
N ILE D 286 0.31 30.04 3.05
CA ILE D 286 -0.24 30.75 1.88
C ILE D 286 -0.23 32.25 2.11
N SER D 287 -0.66 32.68 3.30
CA SER D 287 -0.64 34.11 3.60
C SER D 287 0.79 34.63 3.59
N SER D 288 1.73 33.84 4.10
CA SER D 288 3.13 34.25 4.07
C SER D 288 3.59 34.47 2.65
N ILE D 289 3.23 33.57 1.74
CA ILE D 289 3.64 33.71 0.34
C ILE D 289 3.04 34.96 -0.27
N ILE D 290 1.75 35.21 0.00
CA ILE D 290 1.10 36.38 -0.59
C ILE D 290 1.78 37.67 -0.11
N ILE D 291 2.01 37.78 1.20
CA ILE D 291 2.61 39.01 1.69
C ILE D 291 4.07 39.12 1.25
N THR D 292 4.75 38.00 1.07
CA THR D 292 6.10 38.05 0.52
C THR D 292 6.09 38.60 -0.90
N VAL D 293 5.12 38.19 -1.70
CA VAL D 293 4.99 38.74 -3.05
C VAL D 293 4.73 40.24 -2.97
N VAL D 294 3.89 40.67 -2.03
CA VAL D 294 3.63 42.11 -1.90
C VAL D 294 4.92 42.86 -1.56
N VAL D 295 5.71 42.33 -0.63
CA VAL D 295 6.95 42.99 -0.27
C VAL D 295 7.92 43.03 -1.44
N ILE D 296 8.04 41.92 -2.17
CA ILE D 296 8.95 41.90 -3.31
C ILE D 296 8.51 42.94 -4.34
N ASN D 297 7.21 43.04 -4.58
CA ASN D 297 6.73 44.02 -5.53
C ASN D 297 7.05 45.44 -5.07
N THR D 298 6.88 45.71 -3.77
CA THR D 298 7.19 47.04 -3.25
C THR D 298 8.68 47.34 -3.37
N HIS D 299 9.54 46.36 -3.10
CA HIS D 299 10.98 46.59 -3.12
C HIS D 299 11.45 47.01 -4.52
N HIS D 300 11.00 46.30 -5.55
CA HIS D 300 11.36 46.62 -6.93
C HIS D 300 10.39 47.61 -7.55
N ARG D 301 10.11 48.71 -6.84
CA ARG D 301 9.16 49.70 -7.30
C ARG D 301 9.92 50.78 -8.05
N SER D 302 9.61 50.95 -9.32
CA SER D 302 10.36 51.87 -10.16
C SER D 302 10.03 53.31 -9.79
N PRO D 303 11.02 54.13 -9.41
CA PRO D 303 10.72 55.54 -9.13
C PRO D 303 10.29 56.32 -10.36
N SER D 304 10.63 55.85 -11.56
CA SER D 304 10.24 56.57 -12.76
C SER D 304 8.73 56.57 -12.95
N THR D 305 8.08 55.42 -12.71
CA THR D 305 6.65 55.30 -12.94
C THR D 305 5.82 55.49 -11.67
N HIS D 306 6.42 55.32 -10.50
CA HIS D 306 5.72 55.45 -9.23
C HIS D 306 6.38 56.51 -8.39
N THR D 307 5.55 57.24 -7.64
CA THR D 307 6.02 58.20 -6.65
C THR D 307 5.45 57.84 -5.29
N MET D 308 6.27 57.94 -4.27
CA MET D 308 5.87 57.48 -2.95
C MET D 308 4.74 58.35 -2.42
N PRO D 309 3.59 57.77 -2.05
CA PRO D 309 2.54 58.58 -1.42
C PRO D 309 3.02 59.16 -0.10
N GLN D 310 2.46 60.31 0.26
CA GLN D 310 2.90 60.99 1.47
C GLN D 310 2.64 60.15 2.71
N TRP D 311 1.49 59.47 2.76
CA TRP D 311 1.18 58.69 3.95
C TRP D 311 2.16 57.53 4.11
N VAL D 312 2.57 56.91 3.01
CA VAL D 312 3.55 55.84 3.08
C VAL D 312 4.85 56.35 3.70
N ARG D 313 5.31 57.50 3.22
CA ARG D 313 6.54 58.06 3.77
C ARG D 313 6.38 58.40 5.24
N LYS D 314 5.24 59.00 5.59
CA LYS D 314 5.02 59.41 6.97
C LYS D 314 5.02 58.21 7.90
N ILE D 315 4.41 57.12 7.49
CA ILE D 315 4.28 55.98 8.39
C ILE D 315 5.58 55.19 8.43
N PHE D 316 6.09 54.79 7.27
CA PHE D 316 7.16 53.80 7.23
C PHE D 316 8.56 54.39 7.27
N ILE D 317 8.74 55.71 7.18
CA ILE D 317 10.10 56.24 7.12
C ILE D 317 10.34 57.12 8.33
N ASP D 318 9.28 57.68 8.89
CA ASP D 318 9.39 58.63 9.98
C ASP D 318 9.02 58.05 11.34
N THR D 319 7.83 57.47 11.47
CA THR D 319 7.35 57.05 12.79
C THR D 319 7.71 55.60 13.13
N ILE D 320 7.42 54.65 12.24
CA ILE D 320 7.62 53.24 12.58
C ILE D 320 9.06 52.94 12.97
N PRO D 321 10.08 53.39 12.25
CA PRO D 321 11.45 53.05 12.65
C PRO D 321 11.82 53.53 14.04
N ASN D 322 11.13 54.53 14.58
CA ASN D 322 11.49 55.04 15.90
C ASN D 322 11.06 54.11 17.02
N VAL D 323 10.01 53.33 16.82
CA VAL D 323 9.47 52.47 17.87
C VAL D 323 10.08 51.06 17.78
N MET D 324 11.04 50.87 16.88
CA MET D 324 11.69 49.59 16.72
C MET D 324 13.01 49.59 17.49
N PHE D 325 12.87 49.49 18.82
CA PHE D 325 14.04 49.64 19.69
C PHE D 325 15.01 48.48 19.56
N PHE D 326 14.50 47.25 19.53
CA PHE D 326 15.38 46.09 19.45
C PHE D 326 16.12 46.01 18.13
N SER D 327 15.63 46.68 17.09
CA SER D 327 16.27 46.59 15.79
C SER D 327 17.55 47.41 15.76
N THR D 328 18.36 47.15 14.74
CA THR D 328 19.59 47.89 14.51
C THR D 328 19.55 48.67 13.20
N MET D 329 18.35 48.91 12.66
CA MET D 329 18.22 49.64 11.41
C MET D 329 18.43 51.13 11.61
N LYS D 330 18.87 51.80 10.56
CA LYS D 330 19.14 53.22 10.62
C LYS D 330 17.87 54.00 10.89
N ARG D 331 17.99 55.04 11.72
CA ARG D 331 16.83 55.86 12.08
C ARG D 331 16.86 57.19 11.32
N PRO D 370 35.96 75.25 -31.18
CA PRO D 370 36.61 74.00 -31.59
C PRO D 370 36.11 72.80 -30.81
N ASP D 371 36.87 71.70 -30.86
CA ASP D 371 36.52 70.50 -30.11
C ASP D 371 36.60 70.69 -28.61
N VAL D 372 37.23 71.75 -28.13
CA VAL D 372 37.24 72.03 -26.69
C VAL D 372 35.81 72.23 -26.19
N LYS D 373 34.98 72.92 -26.98
CA LYS D 373 33.60 73.10 -26.61
C LYS D 373 32.87 71.76 -26.51
N SER D 374 33.11 70.87 -27.47
CA SER D 374 32.48 69.56 -27.43
C SER D 374 32.93 68.77 -26.21
N ALA D 375 34.22 68.83 -25.87
CA ALA D 375 34.70 68.12 -24.69
C ALA D 375 34.07 68.67 -23.41
N ILE D 376 33.97 70.00 -23.31
CA ILE D 376 33.37 70.60 -22.12
C ILE D 376 31.91 70.18 -22.01
N GLU D 377 31.18 70.20 -23.13
CA GLU D 377 29.79 69.80 -23.10
C GLU D 377 29.65 68.33 -22.74
N GLY D 378 30.58 67.50 -23.20
CA GLY D 378 30.55 66.09 -22.82
C GLY D 378 30.75 65.89 -21.33
N VAL D 379 31.70 66.63 -20.75
CA VAL D 379 31.91 66.53 -19.30
C VAL D 379 30.66 66.98 -18.56
N LYS D 380 30.04 68.08 -19.01
CA LYS D 380 28.82 68.55 -18.38
C LYS D 380 27.71 67.51 -18.48
N TYR D 381 27.60 66.85 -19.64
CA TYR D 381 26.60 65.81 -19.81
C TYR D 381 26.85 64.66 -18.84
N ILE D 382 28.12 64.28 -18.67
CA ILE D 382 28.43 63.20 -17.72
C ILE D 382 27.98 63.61 -16.32
N ALA D 383 28.27 64.84 -15.93
CA ALA D 383 27.90 65.28 -14.58
C ALA D 383 26.39 65.29 -14.40
N GLU D 384 25.64 65.79 -15.38
CA GLU D 384 24.19 65.86 -15.20
C GLU D 384 23.56 64.48 -15.23
N HIS D 385 24.11 63.56 -16.03
CA HIS D 385 23.61 62.19 -15.98
C HIS D 385 23.88 61.56 -14.63
N MET D 386 25.04 61.84 -14.04
CA MET D 386 25.29 61.35 -12.69
C MET D 386 24.28 61.93 -11.71
N LYS D 387 23.95 63.21 -11.84
CA LYS D 387 22.93 63.81 -10.98
C LYS D 387 21.61 63.04 -11.09
N SER D 388 21.15 62.81 -12.33
CA SER D 388 19.88 62.13 -12.52
C SER D 388 19.92 60.71 -11.95
N ASP D 389 21.02 60.00 -12.19
CA ASP D 389 21.15 58.65 -11.66
C ASP D 389 21.12 58.65 -10.15
N GLU D 390 21.77 59.64 -9.52
CA GLU D 390 21.75 59.71 -8.07
C GLU D 390 20.34 59.94 -7.55
N GLU D 391 19.58 60.81 -8.20
CA GLU D 391 18.19 61.04 -7.77
C GLU D 391 17.37 59.76 -7.87
N SER D 392 17.49 59.07 -9.00
CA SER D 392 16.74 57.82 -9.18
C SER D 392 17.14 56.78 -8.14
N SER D 393 18.44 56.68 -7.87
CA SER D 393 18.90 55.72 -6.88
C SER D 393 18.37 56.06 -5.50
N ASN D 394 18.30 57.35 -5.15
CA ASN D 394 17.75 57.71 -3.85
C ASN D 394 16.30 57.31 -3.74
N ALA D 395 15.50 57.54 -4.79
CA ALA D 395 14.10 57.14 -4.73
C ALA D 395 13.98 55.62 -4.58
N ALA D 396 14.77 54.88 -5.35
CA ALA D 396 14.72 53.43 -5.25
C ALA D 396 15.12 52.95 -3.85
N GLU D 397 16.14 53.59 -3.27
CA GLU D 397 16.57 53.22 -1.93
C GLU D 397 15.48 53.49 -0.91
N GLU D 398 14.72 54.57 -1.11
CA GLU D 398 13.60 54.83 -0.21
C GLU D 398 12.57 53.71 -0.30
N TRP D 399 12.26 53.26 -1.52
CA TRP D 399 11.32 52.16 -1.65
C TRP D 399 11.85 50.90 -0.96
N LYS D 400 13.14 50.62 -1.12
CA LYS D 400 13.73 49.45 -0.46
C LYS D 400 13.65 49.57 1.05
N TYR D 401 13.88 50.77 1.58
CA TYR D 401 13.76 50.98 3.03
C TYR D 401 12.35 50.70 3.51
N VAL D 402 11.36 51.17 2.76
CA VAL D 402 9.97 50.88 3.14
C VAL D 402 9.72 49.38 3.15
N ALA D 403 10.21 48.68 2.13
CA ALA D 403 10.02 47.23 2.09
C ALA D 403 10.67 46.55 3.28
N MET D 404 11.87 46.99 3.66
CA MET D 404 12.56 46.37 4.79
C MET D 404 11.81 46.61 6.09
N VAL D 405 11.26 47.81 6.28
CA VAL D 405 10.47 48.07 7.48
C VAL D 405 9.25 47.19 7.52
N ILE D 406 8.56 47.04 6.39
CA ILE D 406 7.41 46.15 6.34
C ILE D 406 7.82 44.73 6.72
N ASP D 407 8.99 44.29 6.24
CA ASP D 407 9.47 42.96 6.60
C ASP D 407 9.68 42.82 8.11
N HIS D 408 10.26 43.83 8.75
CA HIS D 408 10.45 43.73 10.20
C HIS D 408 9.09 43.59 10.92
N ILE D 409 8.15 44.44 10.55
CA ILE D 409 6.83 44.39 11.18
C ILE D 409 6.21 43.01 11.00
N LEU D 410 6.25 42.51 9.76
CA LEU D 410 5.62 41.22 9.48
C LEU D 410 6.34 40.07 10.15
N LEU D 411 7.65 40.17 10.35
CA LEU D 411 8.36 39.13 11.07
C LEU D 411 7.84 39.02 12.48
N CYS D 412 7.74 40.16 13.16
CA CYS D 412 7.17 40.14 14.51
C CYS D 412 5.76 39.58 14.49
N VAL D 413 4.93 40.05 13.56
CA VAL D 413 3.53 39.65 13.53
C VAL D 413 3.41 38.15 13.31
N PHE D 414 4.17 37.60 12.36
CA PHE D 414 4.02 36.19 12.03
C PHE D 414 4.61 35.28 13.09
N MET D 415 5.70 35.67 13.75
CA MET D 415 6.14 34.87 14.89
C MET D 415 5.06 34.84 15.97
N LEU D 416 4.46 36.00 16.24
CA LEU D 416 3.39 36.03 17.24
C LEU D 416 2.22 35.13 16.83
N ILE D 417 1.80 35.20 15.57
CA ILE D 417 0.68 34.39 15.12
C ILE D 417 1.02 32.90 15.19
N CYS D 418 2.24 32.52 14.82
CA CYS D 418 2.61 31.12 14.91
C CYS D 418 2.49 30.62 16.34
N ILE D 419 3.07 31.37 17.28
CA ILE D 419 3.00 30.94 18.69
C ILE D 419 1.55 30.87 19.14
N ILE D 420 0.77 31.91 18.85
CA ILE D 420 -0.59 31.99 19.37
C ILE D 420 -1.43 30.85 18.82
N GLY D 421 -1.33 30.59 17.52
CA GLY D 421 -2.13 29.51 16.94
C GLY D 421 -1.71 28.15 17.44
N THR D 422 -0.40 27.91 17.55
CA THR D 422 0.05 26.62 18.07
C THR D 422 -0.47 26.39 19.47
N VAL D 423 -0.42 27.41 20.32
CA VAL D 423 -0.96 27.25 21.67
C VAL D 423 -2.46 27.08 21.63
N SER D 424 -3.15 27.84 20.80
CA SER D 424 -4.61 27.83 20.81
C SER D 424 -5.15 26.46 20.40
N VAL D 425 -4.54 25.85 19.39
CA VAL D 425 -5.12 24.62 18.87
C VAL D 425 -5.06 23.50 19.90
N PHE D 426 -4.02 23.46 20.74
CA PHE D 426 -3.79 22.32 21.61
C PHE D 426 -4.03 22.56 23.09
N ALA D 427 -3.97 23.81 23.56
CA ALA D 427 -3.96 24.07 25.00
C ALA D 427 -5.24 23.61 25.66
N GLY D 428 -6.39 23.79 25.01
CA GLY D 428 -7.64 23.40 25.63
C GLY D 428 -7.67 21.92 25.97
N ARG D 429 -7.31 21.08 25.00
CA ARG D 429 -7.28 19.65 25.24
C ARG D 429 -6.20 19.28 26.25
N LEU D 430 -5.01 19.89 26.14
CA LEU D 430 -3.94 19.54 27.06
C LEU D 430 -4.33 19.87 28.50
N ILE D 431 -4.99 21.00 28.70
CA ILE D 431 -5.43 21.37 30.04
C ILE D 431 -6.54 20.45 30.51
N GLU D 432 -7.44 20.06 29.61
CA GLU D 432 -8.51 19.15 30.00
C GLU D 432 -7.95 17.87 30.62
N LEU D 433 -6.78 17.43 30.19
CA LEU D 433 -6.16 16.25 30.74
C LEU D 433 -5.42 16.59 32.04
N GLU E 1 -40.58 -32.80 34.53
CA GLU E 1 -39.72 -32.68 33.32
C GLU E 1 -40.25 -31.61 32.39
N ASN E 2 -39.42 -31.17 31.45
CA ASN E 2 -39.79 -30.12 30.50
C ASN E 2 -40.71 -30.72 29.44
N GLU E 3 -41.96 -30.28 29.41
CA GLU E 3 -42.88 -30.75 28.38
C GLU E 3 -42.39 -30.39 26.98
N GLU E 4 -41.62 -29.31 26.85
CA GLU E 4 -41.07 -28.97 25.54
C GLU E 4 -40.29 -30.13 24.95
N GLY E 5 -39.63 -30.93 25.78
CA GLY E 5 -38.91 -32.07 25.25
C GLY E 5 -39.82 -33.06 24.56
N ARG E 6 -40.91 -33.44 25.23
CA ARG E 6 -41.86 -34.36 24.62
C ARG E 6 -42.48 -33.76 23.37
N LEU E 7 -42.86 -32.49 23.43
CA LEU E 7 -43.50 -31.85 22.28
C LEU E 7 -42.56 -31.83 21.07
N ILE E 8 -41.30 -31.44 21.28
CA ILE E 8 -40.38 -31.33 20.15
C ILE E 8 -40.02 -32.70 19.63
N GLU E 9 -39.82 -33.67 20.51
CA GLU E 9 -39.54 -35.03 20.04
C GLU E 9 -40.71 -35.59 19.25
N LYS E 10 -41.94 -35.17 19.57
CA LYS E 10 -43.08 -35.58 18.77
C LYS E 10 -43.08 -34.87 17.43
N LEU E 11 -42.81 -33.57 17.41
CA LEU E 11 -42.88 -32.80 16.17
C LEU E 11 -41.81 -33.28 15.18
N LEU E 12 -40.57 -33.39 15.63
CA LEU E 12 -39.48 -33.72 14.72
C LEU E 12 -39.41 -35.19 14.38
N GLY E 13 -40.14 -36.04 15.09
CA GLY E 13 -40.24 -37.43 14.67
C GLY E 13 -41.03 -37.51 13.37
N ASP E 14 -40.48 -38.24 12.40
CA ASP E 14 -41.11 -38.35 11.08
C ASP E 14 -41.27 -36.97 10.44
N TYR E 15 -40.23 -36.16 10.52
CA TYR E 15 -40.18 -34.84 9.91
C TYR E 15 -39.00 -34.80 8.95
N ASP E 16 -39.26 -34.46 7.70
CA ASP E 16 -38.24 -34.44 6.66
C ASP E 16 -37.98 -32.99 6.27
N LYS E 17 -36.80 -32.48 6.61
CA LYS E 17 -36.46 -31.10 6.31
C LYS E 17 -36.17 -30.86 4.84
N ARG E 18 -36.03 -31.91 4.03
CA ARG E 18 -35.83 -31.74 2.60
C ARG E 18 -37.11 -31.36 1.87
N ILE E 19 -38.28 -31.60 2.46
CA ILE E 19 -39.56 -31.53 1.76
C ILE E 19 -40.21 -30.19 2.05
N ILE E 20 -40.54 -29.45 1.00
CA ILE E 20 -41.24 -28.18 1.15
C ILE E 20 -42.61 -28.46 1.78
N PRO E 21 -43.09 -27.63 2.72
CA PRO E 21 -44.30 -27.99 3.47
C PRO E 21 -45.59 -27.73 2.73
N ALA E 22 -45.55 -27.62 1.41
CA ALA E 22 -46.78 -27.48 0.62
C ALA E 22 -47.81 -28.53 1.02
N LYS E 23 -48.95 -28.05 1.52
CA LYS E 23 -49.98 -28.96 2.03
C LYS E 23 -50.48 -29.89 0.93
N THR E 24 -50.80 -29.34 -0.24
CA THR E 24 -51.28 -30.12 -1.37
C THR E 24 -50.61 -29.61 -2.63
N LEU E 25 -50.90 -30.25 -3.75
CA LEU E 25 -50.46 -29.73 -5.04
C LEU E 25 -51.04 -28.34 -5.24
N ASP E 26 -50.25 -27.48 -5.87
CA ASP E 26 -50.64 -26.11 -6.23
C ASP E 26 -50.79 -25.22 -5.00
N HIS E 27 -50.27 -25.62 -3.85
CA HIS E 27 -50.21 -24.77 -2.68
C HIS E 27 -48.87 -24.04 -2.68
N ILE E 28 -48.93 -22.71 -2.61
CA ILE E 28 -47.74 -21.86 -2.66
C ILE E 28 -47.46 -21.34 -1.27
N ILE E 29 -46.24 -21.54 -0.80
CA ILE E 29 -45.83 -21.09 0.53
C ILE E 29 -45.53 -19.60 0.49
N ASP E 30 -46.21 -18.85 1.34
CA ASP E 30 -45.98 -17.41 1.45
C ASP E 30 -44.82 -17.15 2.40
N VAL E 31 -43.79 -16.49 1.91
CA VAL E 31 -42.62 -16.12 2.69
C VAL E 31 -42.52 -14.60 2.68
N THR E 32 -42.56 -14.00 3.86
CA THR E 32 -42.54 -12.55 4.00
C THR E 32 -41.20 -12.11 4.59
N LEU E 33 -40.60 -11.09 4.00
CA LEU E 33 -39.29 -10.59 4.42
C LEU E 33 -39.41 -9.20 5.02
N LYS E 34 -38.63 -8.95 6.07
CA LYS E 34 -38.51 -7.63 6.68
C LYS E 34 -37.06 -7.41 7.05
N LEU E 35 -36.41 -6.44 6.44
CA LEU E 35 -35.00 -6.16 6.66
C LEU E 35 -34.85 -5.05 7.69
N THR E 36 -34.02 -5.30 8.70
CA THR E 36 -33.67 -4.30 9.69
C THR E 36 -32.19 -3.98 9.55
N LEU E 37 -31.85 -2.70 9.49
CA LEU E 37 -30.47 -2.26 9.33
C LEU E 37 -29.90 -1.90 10.70
N THR E 38 -28.83 -2.58 11.09
CA THR E 38 -28.18 -2.31 12.36
C THR E 38 -27.03 -1.31 12.21
N ASN E 39 -26.15 -1.54 11.24
CA ASN E 39 -25.02 -0.66 11.00
C ASN E 39 -24.70 -0.64 9.51
N LEU E 40 -24.47 0.56 8.98
CA LEU E 40 -23.91 0.73 7.64
C LEU E 40 -22.40 0.78 7.81
N ILE E 41 -21.76 -0.38 7.71
CA ILE E 41 -20.35 -0.48 8.07
C ILE E 41 -19.50 0.38 7.15
N SER E 42 -19.67 0.25 5.84
CA SER E 42 -18.84 1.02 4.91
C SER E 42 -19.34 0.84 3.49
N LEU E 43 -18.87 1.71 2.60
CA LEU E 43 -19.06 1.59 1.17
C LEU E 43 -17.72 1.78 0.49
N ASN E 44 -17.06 0.69 0.13
CA ASN E 44 -15.72 0.72 -0.44
C ASN E 44 -15.81 1.03 -1.94
N GLU E 45 -15.42 2.25 -2.33
CA GLU E 45 -15.53 2.64 -3.73
C GLU E 45 -14.61 1.82 -4.61
N LYS E 46 -13.41 1.48 -4.12
CA LYS E 46 -12.48 0.72 -4.94
C LYS E 46 -13.05 -0.63 -5.32
N GLU E 47 -13.62 -1.35 -4.35
CA GLU E 47 -14.25 -2.64 -4.63
C GLU E 47 -15.68 -2.52 -5.08
N GLU E 48 -16.28 -1.33 -4.99
CA GLU E 48 -17.69 -1.13 -5.33
C GLU E 48 -18.58 -2.09 -4.56
N ALA E 49 -18.34 -2.18 -3.26
CA ALA E 49 -19.09 -3.07 -2.38
C ALA E 49 -19.59 -2.30 -1.18
N LEU E 50 -20.80 -2.62 -0.75
CA LEU E 50 -21.40 -2.03 0.45
C LEU E 50 -21.52 -3.10 1.52
N THR E 51 -20.95 -2.82 2.68
CA THR E 51 -21.01 -3.74 3.82
C THR E 51 -22.03 -3.25 4.82
N THR E 52 -22.98 -4.11 5.16
CA THR E 52 -24.05 -3.77 6.07
C THR E 52 -24.24 -4.89 7.08
N ASN E 53 -24.75 -4.53 8.25
CA ASN E 53 -25.12 -5.49 9.29
C ASN E 53 -26.62 -5.40 9.45
N VAL E 54 -27.32 -6.48 9.12
CA VAL E 54 -28.76 -6.47 9.04
C VAL E 54 -29.32 -7.66 9.82
N TRP E 55 -30.55 -7.48 10.32
CA TRP E 55 -31.34 -8.57 10.87
C TRP E 55 -32.49 -8.81 9.90
N ILE E 56 -32.43 -9.89 9.16
CA ILE E 56 -33.47 -10.21 8.19
C ILE E 56 -34.49 -11.12 8.85
N GLU E 57 -35.75 -10.71 8.80
CA GLU E 57 -36.85 -11.44 9.43
C GLU E 57 -37.62 -12.19 8.35
N ILE E 58 -37.69 -13.51 8.46
CA ILE E 58 -38.34 -14.36 7.48
C ILE E 58 -39.47 -15.09 8.19
N GLN E 59 -40.66 -15.06 7.62
CA GLN E 59 -41.84 -15.68 8.21
C GLN E 59 -42.54 -16.56 7.17
N TRP E 60 -42.95 -17.74 7.61
CA TRP E 60 -43.70 -18.65 6.75
C TRP E 60 -44.46 -19.60 7.66
N ASN E 61 -45.29 -20.44 7.05
CA ASN E 61 -46.11 -21.39 7.77
C ASN E 61 -45.73 -22.81 7.36
N ASP E 62 -45.49 -23.66 8.35
CA ASP E 62 -45.17 -25.07 8.15
C ASP E 62 -46.22 -25.90 8.87
N TYR E 63 -47.19 -26.42 8.12
CA TYR E 63 -48.32 -27.12 8.74
C TYR E 63 -47.90 -28.36 9.53
N ARG E 64 -46.72 -28.91 9.25
CA ARG E 64 -46.27 -30.10 9.98
C ARG E 64 -45.89 -29.79 11.42
N LEU E 65 -45.62 -28.53 11.75
CA LEU E 65 -45.14 -28.15 13.07
C LEU E 65 -46.22 -27.46 13.89
N SER E 66 -47.46 -27.93 13.78
CA SER E 66 -48.57 -27.43 14.56
C SER E 66 -48.95 -28.45 15.62
N TRP E 67 -49.44 -27.96 16.75
CA TRP E 67 -49.85 -28.84 17.84
C TRP E 67 -50.99 -28.18 18.59
N ASN E 68 -51.70 -28.99 19.37
CA ASN E 68 -52.82 -28.52 20.17
C ASN E 68 -52.31 -28.18 21.56
N THR E 69 -52.41 -26.91 21.94
CA THR E 69 -51.77 -26.44 23.17
C THR E 69 -52.35 -27.12 24.40
N SER E 70 -53.65 -27.45 24.38
CA SER E 70 -54.27 -28.08 25.55
C SER E 70 -53.62 -29.40 25.90
N GLU E 71 -52.97 -30.07 24.95
CA GLU E 71 -52.33 -31.35 25.20
C GLU E 71 -50.92 -31.23 25.75
N TYR E 72 -50.36 -30.02 25.82
CA TYR E 72 -48.99 -29.82 26.25
C TYR E 72 -48.90 -28.69 27.27
N GLU E 73 -49.84 -28.65 28.20
CA GLU E 73 -49.81 -27.71 29.32
C GLU E 73 -49.70 -26.27 28.83
N GLY E 74 -50.40 -25.96 27.74
CA GLY E 74 -50.46 -24.59 27.29
C GLY E 74 -49.21 -24.06 26.63
N ILE E 75 -48.29 -24.93 26.23
CA ILE E 75 -47.10 -24.48 25.51
C ILE E 75 -47.55 -24.05 24.11
N ASP E 76 -47.24 -22.81 23.76
CA ASP E 76 -47.65 -22.25 22.47
C ASP E 76 -46.46 -21.74 21.65
N LEU E 77 -45.24 -21.94 22.11
CA LEU E 77 -44.08 -21.42 21.42
C LEU E 77 -42.85 -22.22 21.82
N VAL E 78 -42.13 -22.73 20.83
CA VAL E 78 -40.91 -23.49 21.08
C VAL E 78 -39.81 -22.95 20.16
N ARG E 79 -38.57 -23.19 20.55
CA ARG E 79 -37.41 -22.83 19.76
C ARG E 79 -36.76 -24.11 19.24
N ILE E 80 -36.61 -24.21 17.93
CA ILE E 80 -35.99 -25.36 17.28
C ILE E 80 -34.83 -24.84 16.43
N PRO E 81 -33.63 -25.42 16.52
CA PRO E 81 -32.53 -24.94 15.68
C PRO E 81 -32.87 -25.01 14.20
N SER E 82 -32.46 -23.98 13.46
CA SER E 82 -32.82 -23.87 12.06
C SER E 82 -32.23 -24.99 11.21
N GLU E 83 -31.17 -25.65 11.68
CA GLU E 83 -30.56 -26.72 10.90
C GLU E 83 -31.41 -27.98 10.88
N LEU E 84 -32.43 -28.07 11.73
CA LEU E 84 -33.31 -29.24 11.76
C LEU E 84 -34.59 -29.04 10.95
N LEU E 85 -34.83 -27.84 10.43
CA LEU E 85 -36.10 -27.49 9.82
C LEU E 85 -35.92 -27.20 8.34
N TRP E 86 -37.01 -27.31 7.60
CA TRP E 86 -37.03 -26.78 6.24
C TRP E 86 -36.98 -25.27 6.28
N LEU E 87 -36.17 -24.68 5.41
CA LEU E 87 -36.08 -23.24 5.31
C LEU E 87 -36.25 -22.80 3.86
N PRO E 88 -36.87 -21.66 3.62
CA PRO E 88 -36.82 -21.07 2.28
C PRO E 88 -35.44 -20.48 2.02
N ASP E 89 -34.82 -20.88 0.92
CA ASP E 89 -33.42 -20.54 0.66
C ASP E 89 -33.29 -19.08 0.22
N VAL E 90 -33.73 -18.19 1.10
CA VAL E 90 -33.65 -16.76 0.84
C VAL E 90 -32.20 -16.31 0.97
N VAL E 91 -31.63 -15.82 -0.14
CA VAL E 91 -30.22 -15.45 -0.19
C VAL E 91 -30.08 -14.07 -0.82
N LEU E 92 -28.97 -13.42 -0.51
CA LEU E 92 -28.60 -12.18 -1.17
C LEU E 92 -27.95 -12.51 -2.51
N GLU E 93 -28.55 -12.03 -3.59
CA GLU E 93 -28.06 -12.39 -4.93
C GLU E 93 -26.87 -11.54 -5.36
N ASN E 94 -26.96 -10.23 -5.16
CA ASN E 94 -25.92 -9.32 -5.65
C ASN E 94 -24.80 -9.17 -4.62
N ASN E 95 -24.22 -10.31 -4.25
CA ASN E 95 -23.09 -10.33 -3.33
C ASN E 95 -21.78 -10.32 -4.11
N VAL E 96 -20.81 -9.54 -3.63
CA VAL E 96 -19.51 -9.48 -4.29
C VAL E 96 -18.75 -10.77 -4.07
N ASP E 97 -18.73 -11.27 -2.83
CA ASP E 97 -18.08 -12.53 -2.52
C ASP E 97 -19.07 -13.67 -2.75
N GLY E 98 -18.71 -14.87 -2.30
CA GLY E 98 -19.57 -16.02 -2.51
C GLY E 98 -20.49 -16.28 -1.34
N GLN E 99 -20.68 -15.27 -0.50
CA GLN E 99 -21.46 -15.42 0.73
C GLN E 99 -22.92 -15.13 0.41
N PHE E 100 -23.68 -16.19 0.13
CA PHE E 100 -25.11 -16.08 -0.11
C PHE E 100 -25.93 -16.19 1.16
N GLU E 101 -25.48 -16.97 2.14
CA GLU E 101 -26.29 -17.32 3.29
C GLU E 101 -26.13 -16.30 4.40
N VAL E 102 -26.90 -16.48 5.47
CA VAL E 102 -26.82 -15.64 6.65
C VAL E 102 -25.56 -16.00 7.41
N ALA E 103 -25.19 -15.17 8.39
CA ALA E 103 -23.95 -15.40 9.14
C ALA E 103 -24.16 -16.34 10.31
N TYR E 104 -25.21 -16.11 11.10
CA TYR E 104 -25.50 -16.92 12.28
C TYR E 104 -26.85 -17.59 12.10
N TYR E 105 -26.88 -18.91 12.28
CA TYR E 105 -28.11 -19.68 12.10
C TYR E 105 -28.84 -19.75 13.43
N ALA E 106 -29.69 -18.77 13.69
CA ALA E 106 -30.42 -18.71 14.94
C ALA E 106 -31.51 -19.77 14.99
N ASN E 107 -32.00 -20.03 16.20
CA ASN E 107 -33.17 -20.90 16.35
C ASN E 107 -34.38 -20.25 15.71
N VAL E 108 -35.28 -21.09 15.21
CA VAL E 108 -36.54 -20.63 14.63
C VAL E 108 -37.60 -20.67 15.71
N LEU E 109 -38.34 -19.57 15.86
CA LEU E 109 -39.49 -19.55 16.76
C LEU E 109 -40.69 -20.19 16.07
N VAL E 110 -41.22 -21.24 16.67
CA VAL E 110 -42.33 -22.01 16.09
C VAL E 110 -43.52 -21.85 17.02
N TYR E 111 -44.62 -21.35 16.47
CA TYR E 111 -45.86 -21.17 17.23
C TYR E 111 -46.80 -22.34 16.99
N ASN E 112 -47.74 -22.53 17.91
CA ASN E 112 -48.57 -23.73 17.89
C ASN E 112 -49.45 -23.80 16.65
N ASP E 113 -49.64 -22.70 15.94
CA ASP E 113 -50.46 -22.70 14.73
C ASP E 113 -49.64 -23.01 13.48
N GLY E 114 -48.36 -23.34 13.62
CA GLY E 114 -47.48 -23.57 12.50
C GLY E 114 -46.72 -22.35 12.03
N SER E 115 -47.03 -21.17 12.53
CA SER E 115 -46.30 -19.98 12.14
C SER E 115 -44.86 -20.08 12.61
N MET E 116 -43.93 -19.68 11.75
CA MET E 116 -42.51 -19.80 12.03
C MET E 116 -41.85 -18.45 11.80
N TYR E 117 -41.05 -18.02 12.75
CA TYR E 117 -40.48 -16.67 12.77
C TYR E 117 -38.97 -16.81 12.92
N TRP E 118 -38.23 -16.52 11.86
CA TRP E 118 -36.78 -16.65 11.85
C TRP E 118 -36.13 -15.28 11.70
N LEU E 119 -35.19 -14.96 12.58
CA LEU E 119 -34.52 -13.66 12.60
C LEU E 119 -33.01 -13.85 12.68
N PRO E 120 -32.39 -14.36 11.62
CA PRO E 120 -30.94 -14.53 11.63
C PRO E 120 -30.25 -13.21 11.31
N PRO E 121 -29.20 -12.86 12.04
CA PRO E 121 -28.40 -11.70 11.65
C PRO E 121 -27.41 -12.07 10.55
N ALA E 122 -27.00 -11.06 9.80
CA ALA E 122 -26.14 -11.29 8.66
C ALA E 122 -25.22 -10.11 8.43
N ILE E 123 -24.03 -10.39 7.92
CA ILE E 123 -23.12 -9.40 7.39
C ILE E 123 -23.05 -9.61 5.89
N TYR E 124 -23.50 -8.62 5.13
CA TYR E 124 -23.64 -8.73 3.69
C TYR E 124 -22.72 -7.74 2.99
N ARG E 125 -22.11 -8.19 1.90
CA ARG E 125 -21.32 -7.32 1.02
C ARG E 125 -21.95 -7.37 -0.35
N SER E 126 -22.71 -6.34 -0.69
CA SER E 126 -23.48 -6.31 -1.93
C SER E 126 -22.83 -5.38 -2.93
N THR E 127 -23.06 -5.65 -4.21
CA THR E 127 -22.53 -4.80 -5.27
C THR E 127 -23.29 -3.49 -5.31
N CYS E 128 -22.56 -2.38 -5.26
CA CYS E 128 -23.13 -1.05 -5.44
C CYS E 128 -22.29 -0.31 -6.49
N PRO E 129 -22.70 -0.33 -7.75
CA PRO E 129 -21.99 0.48 -8.75
C PRO E 129 -21.98 1.94 -8.36
N ILE E 130 -20.84 2.60 -8.55
CA ILE E 130 -20.59 3.92 -8.02
C ILE E 130 -20.76 4.92 -9.15
N ALA E 131 -21.59 5.94 -8.91
CA ALA E 131 -21.70 7.08 -9.82
C ALA E 131 -20.64 8.10 -9.44
N VAL E 132 -19.58 8.18 -10.24
CA VAL E 132 -18.41 8.97 -9.88
C VAL E 132 -18.48 10.40 -10.38
N THR E 133 -19.54 10.78 -11.09
CA THR E 133 -19.55 12.07 -11.77
C THR E 133 -19.30 13.21 -10.80
N TYR E 134 -19.93 13.17 -9.62
CA TYR E 134 -19.87 14.26 -8.68
C TYR E 134 -18.99 13.96 -7.46
N PHE E 135 -18.19 12.90 -7.53
CA PHE E 135 -17.33 12.57 -6.41
C PHE E 135 -16.41 13.74 -6.10
N PRO E 136 -16.24 14.11 -4.83
CA PRO E 136 -16.82 13.53 -3.61
C PRO E 136 -18.15 14.13 -3.19
N PHE E 137 -18.76 14.97 -4.02
CA PHE E 137 -20.07 15.55 -3.71
C PHE E 137 -21.19 14.71 -4.30
N ASP E 138 -21.17 13.41 -4.03
CA ASP E 138 -22.03 12.46 -4.70
C ASP E 138 -22.93 11.74 -3.70
N TRP E 139 -23.99 11.16 -4.23
CA TRP E 139 -24.87 10.27 -3.50
C TRP E 139 -24.99 8.97 -4.28
N GLN E 140 -25.04 7.85 -3.56
CA GLN E 140 -25.11 6.55 -4.19
C GLN E 140 -26.48 5.93 -3.95
N ASN E 141 -26.84 5.00 -4.82
CA ASN E 141 -28.14 4.33 -4.81
C ASN E 141 -27.87 2.83 -4.81
N CYS E 142 -27.66 2.28 -3.62
CA CYS E 142 -27.33 0.86 -3.46
C CYS E 142 -28.58 0.05 -3.17
N SER E 143 -28.59 -1.19 -3.63
CA SER E 143 -29.72 -2.08 -3.49
C SER E 143 -29.28 -3.43 -2.94
N LEU E 144 -30.12 -4.04 -2.14
CA LEU E 144 -29.95 -5.41 -1.66
C LEU E 144 -31.04 -6.25 -2.29
N VAL E 145 -30.65 -7.19 -3.16
CA VAL E 145 -31.61 -8.01 -3.88
C VAL E 145 -31.69 -9.38 -3.20
N PHE E 146 -32.88 -9.72 -2.74
CA PHE E 146 -33.15 -10.97 -2.05
C PHE E 146 -34.08 -11.83 -2.89
N ARG E 147 -33.75 -13.10 -3.03
CA ARG E 147 -34.62 -14.03 -3.71
C ARG E 147 -34.26 -15.45 -3.26
N SER E 148 -35.17 -16.37 -3.54
CA SER E 148 -34.96 -17.77 -3.20
C SER E 148 -34.13 -18.43 -4.28
N GLN E 149 -32.99 -19.01 -3.92
CA GLN E 149 -32.14 -19.67 -4.89
C GLN E 149 -32.55 -21.10 -5.18
N THR E 150 -33.59 -21.61 -4.51
CA THR E 150 -34.08 -22.96 -4.75
C THR E 150 -35.43 -23.00 -5.44
N TYR E 151 -36.43 -22.30 -4.90
CA TYR E 151 -37.81 -22.46 -5.32
C TYR E 151 -38.25 -21.30 -6.18
N ASN E 152 -39.14 -21.59 -7.12
CA ASN E 152 -39.64 -20.61 -8.07
C ASN E 152 -41.00 -20.10 -7.63
N ALA E 153 -41.62 -19.27 -8.48
CA ALA E 153 -42.87 -18.62 -8.10
C ALA E 153 -44.03 -19.59 -8.01
N HIS E 154 -43.89 -20.80 -8.55
CA HIS E 154 -44.93 -21.80 -8.39
C HIS E 154 -44.86 -22.51 -7.04
N GLU E 155 -43.76 -22.35 -6.31
CA GLU E 155 -43.54 -23.02 -5.05
C GLU E 155 -43.55 -22.09 -3.85
N VAL E 156 -42.94 -20.91 -3.94
CA VAL E 156 -42.96 -19.93 -2.87
C VAL E 156 -43.43 -18.60 -3.44
N ASN E 157 -43.92 -17.75 -2.55
CA ASN E 157 -44.42 -16.42 -2.92
C ASN E 157 -43.77 -15.41 -2.00
N LEU E 158 -42.72 -14.73 -2.48
CA LEU E 158 -42.02 -13.75 -1.66
C LEU E 158 -42.86 -12.48 -1.56
N GLN E 159 -43.01 -11.98 -0.34
CA GLN E 159 -43.81 -10.80 -0.07
C GLN E 159 -43.11 -9.96 0.97
N LEU E 160 -43.51 -8.70 1.08
CA LEU E 160 -43.03 -7.84 2.14
C LEU E 160 -43.87 -8.05 3.39
N SER E 161 -43.22 -8.05 4.54
CA SER E 161 -43.94 -8.27 5.79
C SER E 161 -44.97 -7.17 6.01
N ALA E 162 -46.11 -7.54 6.55
CA ALA E 162 -47.18 -6.60 6.88
C ALA E 162 -47.40 -6.56 8.38
N GLU E 163 -47.37 -5.36 8.95
CA GLU E 163 -47.61 -5.15 10.37
C GLU E 163 -48.90 -4.37 10.56
N GLU E 164 -49.77 -4.87 11.44
CA GLU E 164 -51.09 -4.29 11.68
C GLU E 164 -51.79 -3.94 10.37
N GLY E 165 -51.69 -4.80 9.37
CA GLY E 165 -52.40 -4.62 8.13
C GLY E 165 -51.78 -3.67 7.14
N GLU E 166 -50.64 -3.07 7.45
CA GLU E 166 -49.96 -2.14 6.56
C GLU E 166 -48.64 -2.77 6.12
N ALA E 167 -48.42 -2.82 4.80
CA ALA E 167 -47.19 -3.36 4.28
C ALA E 167 -46.00 -2.54 4.72
N VAL E 168 -44.93 -3.21 5.18
CA VAL E 168 -43.71 -2.55 5.60
C VAL E 168 -42.82 -2.43 4.36
N GLU E 169 -43.01 -1.35 3.61
CA GLU E 169 -42.29 -1.13 2.36
C GLU E 169 -41.05 -0.27 2.56
N TRP E 170 -40.19 -0.65 3.50
CA TRP E 170 -38.98 0.13 3.76
C TRP E 170 -38.08 -0.67 4.70
N ILE E 171 -36.79 -0.36 4.64
CA ILE E 171 -35.85 -0.92 5.59
C ILE E 171 -36.14 -0.35 6.97
N HIS E 172 -36.27 -1.22 7.95
CA HIS E 172 -36.54 -0.77 9.31
C HIS E 172 -35.25 -0.33 9.97
N ILE E 173 -35.26 0.86 10.56
CA ILE E 173 -34.11 1.38 11.30
C ILE E 173 -34.61 1.83 12.66
N ASP E 174 -34.08 1.24 13.71
CA ASP E 174 -34.47 1.62 15.07
C ASP E 174 -33.86 2.97 15.39
N PRO E 175 -34.65 3.99 15.72
CA PRO E 175 -34.08 5.34 15.83
C PRO E 175 -33.00 5.47 16.89
N GLU E 176 -33.08 4.75 18.01
CA GLU E 176 -32.17 4.99 19.11
C GLU E 176 -30.83 4.28 18.90
N ASP E 177 -30.86 2.97 18.68
CA ASP E 177 -29.62 2.19 18.63
C ASP E 177 -28.83 2.40 17.34
N PHE E 178 -29.48 2.83 16.26
CA PHE E 178 -28.77 2.99 15.00
C PHE E 178 -27.75 4.11 15.11
N THR E 179 -26.55 3.84 14.59
CA THR E 179 -25.43 4.77 14.65
C THR E 179 -25.10 5.25 13.24
N GLU E 180 -24.98 6.57 13.09
CA GLU E 180 -24.64 7.13 11.79
C GLU E 180 -23.29 6.62 11.32
N ASN E 181 -23.17 6.44 10.00
CA ASN E 181 -21.96 5.83 9.45
C ASN E 181 -20.72 6.67 9.74
N GLY E 182 -20.84 7.98 9.61
CA GLY E 182 -19.73 8.88 9.77
C GLY E 182 -19.20 9.44 8.45
N GLU E 183 -19.39 8.70 7.36
CA GLU E 183 -19.12 9.20 6.02
C GLU E 183 -20.35 9.26 5.14
N TRP E 184 -21.43 8.54 5.49
CA TRP E 184 -22.62 8.46 4.67
C TRP E 184 -23.84 8.72 5.53
N THR E 185 -24.84 9.39 4.97
CA THR E 185 -26.12 9.60 5.63
C THR E 185 -27.22 9.00 4.75
N ILE E 186 -28.18 8.34 5.39
CA ILE E 186 -29.25 7.66 4.67
C ILE E 186 -30.40 8.63 4.47
N ARG E 187 -30.77 8.85 3.21
CA ARG E 187 -31.87 9.74 2.86
C ARG E 187 -33.17 9.00 2.56
N HIS E 188 -33.10 7.93 1.77
CA HIS E 188 -34.26 7.11 1.46
C HIS E 188 -33.92 5.65 1.67
N ARG E 189 -34.96 4.86 1.97
CA ARG E 189 -34.76 3.44 2.21
C ARG E 189 -35.98 2.63 1.81
N PRO E 190 -36.45 2.73 0.57
CA PRO E 190 -37.64 2.00 0.16
C PRO E 190 -37.36 0.53 -0.07
N ALA E 191 -38.43 -0.26 -0.07
CA ALA E 191 -38.37 -1.67 -0.41
C ALA E 191 -39.55 -2.01 -1.31
N LYS E 192 -39.31 -2.86 -2.29
CA LYS E 192 -40.39 -3.26 -3.19
C LYS E 192 -40.12 -4.64 -3.74
N LYS E 193 -41.19 -5.29 -4.21
CA LYS E 193 -41.08 -6.58 -4.87
C LYS E 193 -40.96 -6.37 -6.36
N ASN E 194 -39.97 -7.00 -6.97
CA ASN E 194 -39.65 -6.81 -8.37
C ASN E 194 -39.83 -8.12 -9.14
N TYR E 195 -40.08 -7.98 -10.44
CA TYR E 195 -40.24 -9.12 -11.33
C TYR E 195 -39.32 -8.96 -12.53
N ASN E 196 -38.74 -10.07 -12.97
CA ASN E 196 -37.96 -10.13 -14.19
C ASN E 196 -38.88 -10.71 -15.27
N TRP E 197 -39.48 -9.83 -16.06
CA TRP E 197 -40.47 -10.26 -17.05
C TRP E 197 -39.85 -11.02 -18.21
N GLN E 198 -38.53 -11.00 -18.34
CA GLN E 198 -37.87 -11.82 -19.36
C GLN E 198 -37.97 -13.30 -19.05
N LEU E 199 -38.27 -13.67 -17.81
CA LEU E 199 -38.38 -15.05 -17.39
C LEU E 199 -39.84 -15.41 -17.12
N THR E 200 -40.10 -16.70 -16.99
CA THR E 200 -41.40 -17.20 -16.61
C THR E 200 -41.43 -17.47 -15.11
N LYS E 201 -42.58 -17.90 -14.61
CA LYS E 201 -42.74 -18.14 -13.18
C LYS E 201 -41.85 -19.26 -12.68
N ASP E 202 -41.06 -19.88 -13.54
CA ASP E 202 -40.02 -20.81 -13.14
C ASP E 202 -38.70 -20.05 -12.98
N ASP E 203 -37.60 -20.79 -12.89
CA ASP E 203 -36.22 -20.30 -12.90
C ASP E 203 -35.79 -19.69 -11.57
N THR E 204 -36.67 -19.54 -10.59
CA THR E 204 -36.30 -19.07 -9.26
C THR E 204 -35.81 -17.62 -9.25
N ASP E 205 -35.66 -17.02 -10.42
CA ASP E 205 -35.23 -15.62 -10.52
C ASP E 205 -36.36 -14.71 -10.98
N PHE E 206 -37.56 -15.25 -11.16
CA PHE E 206 -38.67 -14.43 -11.63
C PHE E 206 -39.01 -13.34 -10.63
N GLN E 207 -39.06 -13.68 -9.35
CA GLN E 207 -39.46 -12.75 -8.29
C GLN E 207 -38.28 -12.43 -7.38
N GLU E 208 -38.32 -11.25 -6.77
CA GLU E 208 -37.30 -10.86 -5.82
C GLU E 208 -37.81 -9.70 -4.98
N ILE E 209 -37.19 -9.51 -3.83
CA ILE E 209 -37.44 -8.37 -2.95
C ILE E 209 -36.19 -7.53 -2.93
N ILE E 210 -36.32 -6.25 -3.27
CA ILE E 210 -35.19 -5.33 -3.35
C ILE E 210 -35.34 -4.28 -2.27
N PHE E 211 -34.30 -4.12 -1.45
CA PHE E 211 -34.23 -3.05 -0.46
C PHE E 211 -33.21 -2.03 -0.94
N PHE E 212 -33.61 -0.78 -1.04
CA PHE E 212 -32.76 0.28 -1.56
C PHE E 212 -32.22 1.15 -0.43
N LEU E 213 -30.96 1.54 -0.56
CA LEU E 213 -30.33 2.49 0.36
C LEU E 213 -29.79 3.64 -0.48
N ILE E 214 -30.50 4.77 -0.48
CA ILE E 214 -30.03 5.99 -1.12
C ILE E 214 -29.30 6.81 -0.07
N ILE E 215 -27.97 6.84 -0.17
CA ILE E 215 -27.11 7.43 0.85
C ILE E 215 -26.35 8.59 0.24
N GLN E 216 -26.19 9.66 1.02
CA GLN E 216 -25.45 10.85 0.61
C GLN E 216 -24.14 10.93 1.38
N ARG E 217 -23.05 11.18 0.67
CA ARG E 217 -21.76 11.34 1.33
C ARG E 217 -21.69 12.65 2.10
N LYS E 218 -20.85 12.68 3.11
CA LYS E 218 -20.54 13.90 3.86
C LYS E 218 -19.12 14.31 3.50
N PRO E 219 -18.91 15.28 2.62
CA PRO E 219 -17.56 15.52 2.09
C PRO E 219 -16.71 16.44 2.96
N LEU E 220 -16.76 16.26 4.27
CA LEU E 220 -15.97 17.11 5.15
C LEU E 220 -14.50 16.73 5.11
N PHE E 221 -14.22 15.43 5.15
CA PHE E 221 -12.83 14.99 5.11
C PHE E 221 -12.15 15.42 3.82
N TYR E 222 -12.82 15.21 2.68
CA TYR E 222 -12.22 15.60 1.41
C TYR E 222 -12.08 17.11 1.32
N ILE E 223 -13.07 17.86 1.81
CA ILE E 223 -12.99 19.31 1.74
C ILE E 223 -11.78 19.81 2.53
N ILE E 224 -11.58 19.26 3.72
CA ILE E 224 -10.54 19.79 4.59
C ILE E 224 -9.17 19.28 4.19
N ASN E 225 -9.07 18.08 3.60
CA ASN E 225 -7.76 17.49 3.34
C ASN E 225 -7.26 17.64 1.92
N ILE E 226 -8.14 17.82 0.93
CA ILE E 226 -7.71 17.85 -0.46
C ILE E 226 -8.21 19.13 -1.14
N ILE E 227 -9.50 19.40 -1.05
CA ILE E 227 -10.08 20.49 -1.82
C ILE E 227 -9.48 21.83 -1.40
N ALA E 228 -9.63 22.17 -0.12
CA ALA E 228 -9.17 23.50 0.32
C ALA E 228 -7.68 23.68 0.14
N PRO E 229 -6.81 22.77 0.56
CA PRO E 229 -5.39 22.95 0.26
C PRO E 229 -5.10 23.06 -1.21
N CYS E 230 -5.77 22.25 -2.04
CA CYS E 230 -5.55 22.32 -3.48
C CYS E 230 -5.96 23.66 -4.04
N VAL E 231 -7.13 24.18 -3.62
CA VAL E 231 -7.57 25.47 -4.13
C VAL E 231 -6.63 26.58 -3.70
N LEU E 232 -6.23 26.58 -2.42
CA LEU E 232 -5.33 27.62 -1.95
C LEU E 232 -4.00 27.58 -2.68
N ILE E 233 -3.45 26.39 -2.88
CA ILE E 233 -2.17 26.29 -3.57
C ILE E 233 -2.31 26.70 -5.03
N SER E 234 -3.41 26.31 -5.68
CA SER E 234 -3.59 26.64 -7.08
C SER E 234 -3.82 28.13 -7.30
N SER E 235 -4.47 28.81 -6.36
CA SER E 235 -4.70 30.24 -6.53
C SER E 235 -3.41 31.03 -6.53
N LEU E 236 -2.30 30.44 -6.07
CA LEU E 236 -1.04 31.16 -6.01
C LEU E 236 -0.49 31.51 -7.38
N VAL E 237 -1.00 30.90 -8.45
CA VAL E 237 -0.43 31.15 -9.77
C VAL E 237 -0.72 32.55 -10.25
N VAL E 238 -1.72 33.22 -9.69
CA VAL E 238 -1.99 34.60 -10.09
C VAL E 238 -1.00 35.58 -9.49
N LEU E 239 -0.18 35.14 -8.54
CA LEU E 239 0.80 36.04 -7.94
C LEU E 239 2.01 36.28 -8.84
N VAL E 240 2.24 35.42 -9.84
CA VAL E 240 3.43 35.56 -10.66
C VAL E 240 3.45 36.89 -11.39
N TYR E 241 2.29 37.51 -11.57
CA TYR E 241 2.20 38.74 -12.35
C TYR E 241 2.67 39.96 -11.59
N PHE E 242 2.90 39.86 -10.29
CA PHE E 242 3.44 40.97 -9.50
C PHE E 242 4.91 40.79 -9.18
N LEU E 243 5.53 39.79 -9.69
CA LEU E 243 6.96 39.63 -9.47
C LEU E 243 7.73 40.31 -10.59
N PRO E 244 8.90 40.87 -10.31
CA PRO E 244 9.67 41.53 -11.36
C PRO E 244 10.14 40.54 -12.42
N ALA E 245 10.25 41.04 -13.65
CA ALA E 245 10.63 40.20 -14.79
C ALA E 245 12.12 40.38 -15.08
N GLN E 246 12.94 39.91 -14.13
CA GLN E 246 14.38 39.82 -14.36
C GLN E 246 14.93 38.73 -13.44
N ALA E 247 16.23 38.50 -13.54
CA ALA E 247 16.88 37.53 -12.66
C ALA E 247 16.63 37.92 -11.21
N GLY E 248 16.23 36.93 -10.40
CA GLY E 248 15.85 37.18 -9.04
C GLY E 248 14.37 37.41 -8.82
N GLY E 249 13.60 37.58 -9.88
CA GLY E 249 12.15 37.71 -9.72
C GLY E 249 11.50 36.39 -9.36
N GLN E 250 11.94 35.30 -9.97
CA GLN E 250 11.47 33.95 -9.64
C GLN E 250 10.03 33.73 -10.08
N LYS E 251 9.66 34.24 -11.26
CA LYS E 251 8.36 33.90 -11.83
C LYS E 251 8.26 32.40 -12.12
N CYS E 252 9.23 31.87 -12.87
CA CYS E 252 9.17 30.47 -13.27
C CYS E 252 9.24 29.56 -12.05
N THR E 253 10.09 29.91 -11.08
CA THR E 253 10.16 29.12 -9.86
C THR E 253 8.78 28.95 -9.23
N LEU E 254 8.08 30.06 -9.01
CA LEU E 254 6.78 30.00 -8.35
C LEU E 254 5.78 29.20 -9.18
N SER E 255 5.66 29.51 -10.46
CA SER E 255 4.64 28.87 -11.27
C SER E 255 4.89 27.36 -11.39
N ILE E 256 6.12 26.98 -11.69
CA ILE E 256 6.43 25.56 -11.86
C ILE E 256 6.33 24.83 -10.53
N SER E 257 6.64 25.50 -9.41
CA SER E 257 6.47 24.85 -8.12
C SER E 257 5.01 24.59 -7.83
N VAL E 258 4.13 25.54 -8.18
CA VAL E 258 2.70 25.28 -7.99
C VAL E 258 2.25 24.12 -8.86
N LEU E 259 2.77 24.04 -10.09
CA LEU E 259 2.42 22.90 -10.94
C LEU E 259 2.90 21.59 -10.33
N LEU E 260 4.10 21.58 -9.76
CA LEU E 260 4.62 20.37 -9.11
C LEU E 260 3.76 19.97 -7.92
N ALA E 261 3.32 20.95 -7.13
CA ALA E 261 2.43 20.66 -6.02
C ALA E 261 1.12 20.07 -6.52
N GLN E 262 0.60 20.58 -7.63
CA GLN E 262 -0.61 20.01 -8.20
C GLN E 262 -0.38 18.58 -8.67
N THR E 263 0.81 18.29 -9.18
CA THR E 263 1.14 16.90 -9.51
C THR E 263 1.11 16.01 -8.27
N ILE E 264 1.66 16.50 -7.16
CA ILE E 264 1.59 15.75 -5.91
C ILE E 264 0.14 15.51 -5.53
N PHE E 265 -0.71 16.52 -5.68
CA PHE E 265 -2.12 16.33 -5.36
C PHE E 265 -2.77 15.33 -6.29
N LEU E 266 -2.34 15.28 -7.55
CA LEU E 266 -2.85 14.26 -8.47
C LEU E 266 -2.50 12.87 -7.97
N PHE E 267 -1.26 12.67 -7.53
CA PHE E 267 -0.89 11.39 -6.95
C PHE E 267 -1.73 11.08 -5.72
N LEU E 268 -1.97 12.08 -4.88
CA LEU E 268 -2.75 11.87 -3.67
C LEU E 268 -4.19 11.46 -4.01
N ILE E 269 -4.78 12.07 -5.02
CA ILE E 269 -6.16 11.75 -5.36
C ILE E 269 -6.26 10.44 -6.13
N ALA E 270 -5.20 10.01 -6.80
CA ALA E 270 -5.24 8.74 -7.51
C ALA E 270 -5.58 7.58 -6.59
N GLN E 271 -5.30 7.71 -5.29
CA GLN E 271 -5.50 6.62 -4.35
C GLN E 271 -6.91 6.57 -3.77
N LYS E 272 -7.78 7.52 -4.09
CA LYS E 272 -9.12 7.56 -3.52
C LYS E 272 -10.23 7.31 -4.54
N VAL E 273 -10.07 7.76 -5.77
CA VAL E 273 -11.15 7.69 -6.76
C VAL E 273 -11.34 6.23 -7.19
N PRO E 274 -12.57 5.81 -7.48
CA PRO E 274 -12.78 4.46 -8.01
C PRO E 274 -12.17 4.31 -9.40
N GLU E 275 -11.81 3.08 -9.74
CA GLU E 275 -11.09 2.80 -10.98
C GLU E 275 -11.99 2.67 -12.19
N THR E 276 -13.30 2.79 -12.04
CA THR E 276 -14.17 2.71 -13.20
C THR E 276 -13.90 3.89 -14.13
N SER E 277 -14.19 3.70 -15.41
CA SER E 277 -13.83 4.65 -16.45
C SER E 277 -15.05 5.03 -17.29
N LEU E 278 -16.18 5.23 -16.63
CA LEU E 278 -17.38 5.73 -17.31
C LEU E 278 -17.55 7.23 -17.21
N ASN E 279 -17.07 7.83 -16.13
CA ASN E 279 -17.12 9.28 -15.97
C ASN E 279 -15.86 9.75 -15.27
N VAL E 280 -15.51 11.01 -15.50
CA VAL E 280 -14.40 11.65 -14.80
C VAL E 280 -14.95 12.26 -13.51
N PRO E 281 -14.39 11.97 -12.35
CA PRO E 281 -14.90 12.56 -11.12
C PRO E 281 -14.72 14.07 -11.10
N LEU E 282 -15.59 14.73 -10.34
CA LEU E 282 -15.54 16.19 -10.27
C LEU E 282 -14.19 16.68 -9.79
N ILE E 283 -13.61 16.02 -8.79
CA ILE E 283 -12.32 16.44 -8.27
C ILE E 283 -11.25 16.28 -9.34
N GLY E 284 -11.30 15.18 -10.09
CA GLY E 284 -10.37 15.01 -11.19
C GLY E 284 -10.53 16.08 -12.25
N LYS E 285 -11.77 16.46 -12.54
CA LYS E 285 -12.01 17.55 -13.46
C LYS E 285 -11.33 18.83 -12.97
N TYR E 286 -11.48 19.13 -11.68
CA TYR E 286 -10.90 20.35 -11.14
C TYR E 286 -9.38 20.31 -11.20
N LEU E 287 -8.78 19.17 -10.86
CA LEU E 287 -7.33 19.06 -10.97
C LEU E 287 -6.85 19.25 -12.39
N ILE E 288 -7.53 18.65 -13.37
CA ILE E 288 -7.13 18.83 -14.75
C ILE E 288 -7.24 20.30 -15.14
N PHE E 289 -8.32 20.97 -14.71
CA PHE E 289 -8.50 22.37 -15.05
C PHE E 289 -7.39 23.23 -14.48
N VAL E 290 -7.06 23.04 -13.20
CA VAL E 290 -6.03 23.87 -12.57
C VAL E 290 -4.66 23.57 -13.17
N MET E 291 -4.39 22.30 -13.48
CA MET E 291 -3.11 21.96 -14.11
C MET E 291 -2.98 22.63 -15.47
N PHE E 292 -4.06 22.64 -16.26
CA PHE E 292 -4.01 23.30 -17.56
C PHE E 292 -3.83 24.80 -17.39
N VAL E 293 -4.51 25.40 -16.43
CA VAL E 293 -4.36 26.84 -16.20
C VAL E 293 -2.94 27.16 -15.74
N SER E 294 -2.36 26.32 -14.88
CA SER E 294 -0.99 26.53 -14.44
C SER E 294 -0.02 26.40 -15.61
N MET E 295 -0.27 25.46 -16.52
CA MET E 295 0.57 25.36 -17.71
C MET E 295 0.48 26.64 -18.51
N LEU E 296 -0.74 27.17 -18.69
CA LEU E 296 -0.90 28.41 -19.44
C LEU E 296 -0.17 29.55 -18.75
N ILE E 297 -0.23 29.61 -17.42
CA ILE E 297 0.43 30.70 -16.71
C ILE E 297 1.94 30.56 -16.79
N VAL E 298 2.46 29.33 -16.79
CA VAL E 298 3.91 29.15 -17.00
C VAL E 298 4.29 29.64 -18.38
N MET E 299 3.49 29.30 -19.39
CA MET E 299 3.75 29.79 -20.74
C MET E 299 3.74 31.31 -20.79
N ASN E 300 2.78 31.93 -20.11
CA ASN E 300 2.69 33.38 -20.12
C ASN E 300 3.85 34.02 -19.37
N CYS E 301 4.29 33.42 -18.27
CA CYS E 301 5.47 33.92 -17.58
C CYS E 301 6.70 33.84 -18.45
N VAL E 302 6.86 32.74 -19.18
CA VAL E 302 8.01 32.60 -20.08
C VAL E 302 7.95 33.68 -21.16
N ILE E 303 6.77 33.92 -21.72
CA ILE E 303 6.64 34.93 -22.77
C ILE E 303 6.96 36.30 -22.21
N VAL E 304 6.47 36.61 -21.01
CA VAL E 304 6.74 37.91 -20.40
C VAL E 304 8.23 38.08 -20.13
N LEU E 305 8.88 37.04 -19.61
CA LEU E 305 10.31 37.15 -19.36
C LEU E 305 11.06 37.36 -20.66
N ASN E 306 10.64 36.68 -21.73
CA ASN E 306 11.29 36.89 -23.02
C ASN E 306 11.11 38.32 -23.50
N VAL E 307 9.92 38.87 -23.33
CA VAL E 307 9.67 40.23 -23.81
C VAL E 307 10.45 41.24 -22.98
N SER E 308 10.47 41.07 -21.66
CA SER E 308 11.05 42.08 -20.79
C SER E 308 12.58 42.11 -20.85
N LEU E 309 13.22 41.03 -21.24
CA LEU E 309 14.68 40.97 -21.28
C LEU E 309 15.23 41.16 -22.68
N ARG E 310 14.46 41.76 -23.58
CA ARG E 310 14.94 42.01 -24.93
C ARG E 310 15.90 43.18 -24.94
N THR E 311 16.78 43.20 -25.93
CA THR E 311 17.86 44.15 -26.04
C THR E 311 17.91 44.70 -27.45
N PRO E 312 18.36 45.96 -27.63
CA PRO E 312 18.40 46.54 -28.98
C PRO E 312 19.15 45.68 -29.98
N ASN E 313 20.01 44.79 -29.48
CA ASN E 313 20.90 44.01 -30.30
C ASN E 313 20.27 42.71 -30.79
N THR E 314 19.54 42.01 -29.93
CA THR E 314 18.84 40.82 -30.38
C THR E 314 17.54 41.15 -31.11
N HIS E 315 16.81 42.17 -30.66
CA HIS E 315 15.51 42.50 -31.23
C HIS E 315 15.39 44.00 -31.45
N SER E 316 14.53 44.37 -32.39
CA SER E 316 14.25 45.75 -32.74
C SER E 316 12.83 46.12 -32.28
N LEU E 317 12.72 47.20 -31.53
CA LEU E 317 11.45 47.68 -30.99
C LEU E 317 10.78 48.59 -32.01
N SER E 318 9.99 48.00 -32.89
CA SER E 318 9.30 48.79 -33.91
C SER E 318 8.28 49.72 -33.27
N GLU E 319 8.14 50.92 -33.83
CA GLU E 319 7.25 51.92 -33.27
C GLU E 319 5.79 51.48 -33.27
N LYS E 320 5.42 50.53 -34.13
CA LYS E 320 4.05 50.02 -34.11
C LYS E 320 3.74 49.37 -32.76
N ILE E 321 4.66 48.55 -32.25
CA ILE E 321 4.44 47.90 -30.96
C ILE E 321 4.45 48.94 -29.85
N LYS E 322 5.32 49.93 -29.95
CA LYS E 322 5.36 50.98 -28.94
C LYS E 322 4.01 51.70 -28.87
N HIS E 323 3.45 52.06 -30.02
CA HIS E 323 2.15 52.71 -30.00
C HIS E 323 1.08 51.77 -29.46
N LEU E 324 1.10 50.52 -29.89
CA LEU E 324 0.06 49.57 -29.51
C LEU E 324 0.02 49.39 -28.00
N PHE E 325 1.18 49.29 -27.36
CA PHE E 325 1.23 48.94 -25.95
C PHE E 325 1.30 50.16 -25.04
N LEU E 326 2.21 51.09 -25.30
CA LEU E 326 2.29 52.30 -24.50
C LEU E 326 1.21 53.34 -24.86
N GLY E 327 0.27 53.02 -25.75
CA GLY E 327 -0.81 53.91 -26.07
C GLY E 327 -2.14 53.41 -25.57
N PHE E 328 -2.89 52.75 -26.46
CA PHE E 328 -4.23 52.29 -26.14
C PHE E 328 -4.25 51.52 -24.83
N LEU E 329 -3.33 50.57 -24.66
CA LEU E 329 -3.23 49.82 -23.42
C LEU E 329 -2.35 50.56 -22.42
N ALA E 410 49.55 72.37 -29.02
CA ALA E 410 50.41 71.22 -28.81
C ALA E 410 49.63 69.92 -29.01
N PRO E 411 50.32 68.86 -29.45
CA PRO E 411 49.61 67.59 -29.70
C PRO E 411 48.94 67.01 -28.47
N GLU E 412 49.50 67.25 -27.28
CA GLU E 412 48.90 66.73 -26.06
C GLU E 412 47.49 67.25 -25.86
N ILE E 413 47.28 68.54 -26.13
CA ILE E 413 45.94 69.12 -26.00
C ILE E 413 44.98 68.43 -26.95
N LYS E 414 45.41 68.21 -28.20
CA LYS E 414 44.56 67.57 -29.17
C LYS E 414 44.18 66.16 -28.72
N SER E 415 45.15 65.40 -28.22
CA SER E 415 44.87 64.05 -27.76
C SER E 415 43.90 64.08 -26.58
N CYS E 416 44.09 65.02 -25.64
CA CYS E 416 43.22 65.10 -24.48
C CYS E 416 41.78 65.41 -24.90
N VAL E 417 41.61 66.36 -25.82
CA VAL E 417 40.25 66.70 -26.23
C VAL E 417 39.62 65.55 -27.00
N GLU E 418 40.41 64.83 -27.81
CA GLU E 418 39.87 63.66 -28.49
C GLU E 418 39.41 62.61 -27.49
N ALA E 419 40.20 62.38 -26.44
CA ALA E 419 39.82 61.40 -25.43
C ALA E 419 38.53 61.81 -24.74
N CYS E 420 38.40 63.10 -24.39
CA CYS E 420 37.19 63.56 -23.72
C CYS E 420 35.98 63.39 -24.63
N ASN E 421 36.12 63.73 -25.91
CA ASN E 421 35.00 63.57 -26.83
C ASN E 421 34.59 62.11 -26.96
N PHE E 422 35.56 61.21 -27.06
CA PHE E 422 35.21 59.80 -27.16
C PHE E 422 34.52 59.30 -25.90
N ILE E 423 34.97 59.77 -24.74
CA ILE E 423 34.34 59.36 -23.49
C ILE E 423 32.87 59.80 -23.46
N ALA E 424 32.62 61.06 -23.83
CA ALA E 424 31.24 61.54 -23.87
C ALA E 424 30.39 60.72 -24.84
N LYS E 425 30.94 60.42 -26.02
CA LYS E 425 30.16 59.68 -27.00
C LYS E 425 29.82 58.28 -26.50
N SER E 426 30.78 57.59 -25.90
CA SER E 426 30.52 56.24 -25.38
C SER E 426 29.47 56.26 -24.28
N THR E 427 29.56 57.24 -23.37
CA THR E 427 28.55 57.33 -22.32
C THR E 427 27.17 57.55 -22.91
N LYS E 428 27.07 58.44 -23.90
CA LYS E 428 25.78 58.68 -24.56
C LYS E 428 25.21 57.39 -25.13
N GLU E 429 26.03 56.64 -25.87
CA GLU E 429 25.52 55.42 -26.50
C GLU E 429 25.03 54.43 -25.45
N GLN E 430 25.81 54.23 -24.38
CA GLN E 430 25.38 53.29 -23.35
C GLN E 430 24.05 53.71 -22.74
N ASN E 431 23.90 55.01 -22.46
CA ASN E 431 22.64 55.47 -21.87
C ASN E 431 21.46 55.21 -22.80
N ASP E 432 21.66 55.42 -24.10
CA ASP E 432 20.57 55.18 -25.05
C ASP E 432 20.16 53.70 -25.05
N SER E 433 21.15 52.81 -25.07
CA SER E 433 20.82 51.38 -25.02
C SER E 433 20.01 51.07 -23.76
N GLY E 434 20.44 51.62 -22.62
CA GLY E 434 19.67 51.43 -21.40
C GLY E 434 18.23 51.85 -21.57
N SER E 435 18.03 53.04 -22.16
CA SER E 435 16.67 53.56 -22.33
C SER E 435 15.80 52.58 -23.11
N GLU E 436 16.33 52.03 -24.20
CA GLU E 436 15.56 51.04 -24.95
C GLU E 436 15.22 49.83 -24.11
N ASN E 437 16.16 49.38 -23.28
CA ASN E 437 15.87 48.25 -22.40
C ASN E 437 14.70 48.57 -21.48
N GLU E 438 14.70 49.79 -20.91
CA GLU E 438 13.60 50.17 -20.03
C GLU E 438 12.26 50.23 -20.76
N ASN E 439 12.28 50.62 -22.03
CA ASN E 439 11.05 50.58 -22.82
C ASN E 439 10.50 49.15 -22.89
N TRP E 440 11.39 48.19 -23.17
CA TRP E 440 10.95 46.80 -23.22
C TRP E 440 10.39 46.36 -21.88
N VAL E 441 11.02 46.79 -20.78
CA VAL E 441 10.54 46.42 -19.45
C VAL E 441 9.12 46.94 -19.23
N LEU E 442 8.86 48.18 -19.64
CA LEU E 442 7.50 48.72 -19.48
C LEU E 442 6.49 47.92 -20.28
N ILE E 443 6.84 47.52 -21.50
CA ILE E 443 5.93 46.70 -22.28
C ILE E 443 5.62 45.41 -21.53
N GLY E 444 6.65 44.78 -20.97
CA GLY E 444 6.43 43.58 -20.18
C GLY E 444 5.47 43.80 -19.03
N LYS E 445 5.61 44.93 -18.34
CA LYS E 445 4.73 45.21 -17.20
C LYS E 445 3.28 45.35 -17.64
N VAL E 446 3.05 46.02 -18.78
CA VAL E 446 1.68 46.15 -19.28
C VAL E 446 1.09 44.78 -19.57
N ILE E 447 1.88 43.92 -20.23
CA ILE E 447 1.39 42.58 -20.52
C ILE E 447 1.05 41.84 -19.22
N ASP E 448 1.90 42.02 -18.20
CA ASP E 448 1.62 41.39 -16.91
C ASP E 448 0.27 41.81 -16.37
N LYS E 449 -0.01 43.11 -16.38
CA LYS E 449 -1.29 43.57 -15.83
C LYS E 449 -2.47 42.95 -16.57
N ALA E 450 -2.44 43.02 -17.91
CA ALA E 450 -3.56 42.49 -18.68
C ALA E 450 -3.75 41.00 -18.41
N CYS E 451 -2.67 40.23 -18.50
CA CYS E 451 -2.78 38.79 -18.32
C CYS E 451 -3.17 38.45 -16.89
N PHE E 452 -2.78 39.26 -15.90
CA PHE E 452 -3.21 39.01 -14.54
C PHE E 452 -4.72 39.09 -14.43
N TRP E 453 -5.30 40.14 -15.00
CA TRP E 453 -6.76 40.25 -14.91
C TRP E 453 -7.44 39.07 -15.59
N ILE E 454 -6.95 38.70 -16.78
CA ILE E 454 -7.55 37.58 -17.49
C ILE E 454 -7.46 36.31 -16.65
N ALA E 455 -6.28 36.04 -16.09
CA ALA E 455 -6.06 34.79 -15.38
C ALA E 455 -6.85 34.75 -14.07
N LEU E 456 -6.95 35.86 -13.36
CA LEU E 456 -7.75 35.90 -12.15
C LEU E 456 -9.19 35.57 -12.47
N LEU E 457 -9.75 36.22 -13.50
CA LEU E 457 -11.14 35.93 -13.85
C LEU E 457 -11.30 34.46 -14.23
N LEU E 458 -10.41 33.93 -15.06
CA LEU E 458 -10.53 32.55 -15.50
C LEU E 458 -10.50 31.59 -14.33
N PHE E 459 -9.50 31.73 -13.45
CA PHE E 459 -9.36 30.81 -12.33
C PHE E 459 -10.57 30.90 -11.40
N SER E 460 -10.98 32.12 -11.05
CA SER E 460 -12.11 32.28 -10.14
C SER E 460 -13.36 31.66 -10.72
N ILE E 461 -13.67 31.96 -11.98
CA ILE E 461 -14.89 31.45 -12.59
C ILE E 461 -14.85 29.93 -12.65
N GLY E 462 -13.73 29.37 -13.07
CA GLY E 462 -13.64 27.93 -13.19
C GLY E 462 -13.82 27.24 -11.85
N THR E 463 -13.12 27.72 -10.82
CA THR E 463 -13.23 27.11 -9.51
C THR E 463 -14.66 27.22 -8.98
N LEU E 464 -15.25 28.41 -9.11
CA LEU E 464 -16.60 28.61 -8.60
C LEU E 464 -17.59 27.69 -9.31
N ALA E 465 -17.50 27.60 -10.64
CA ALA E 465 -18.43 26.75 -11.37
C ALA E 465 -18.24 25.29 -11.00
N ILE E 466 -17.00 24.81 -10.97
CA ILE E 466 -16.77 23.40 -10.72
C ILE E 466 -17.24 23.00 -9.33
N PHE E 467 -16.96 23.83 -8.33
CA PHE E 467 -17.33 23.47 -6.96
C PHE E 467 -18.71 23.98 -6.57
N LEU E 468 -19.42 24.64 -7.48
CA LEU E 468 -20.84 24.91 -7.29
C LEU E 468 -21.72 23.89 -7.97
N THR E 469 -21.22 23.22 -9.02
CA THR E 469 -21.94 22.10 -9.60
C THR E 469 -22.13 20.99 -8.57
N GLY E 470 -21.08 20.70 -7.80
CA GLY E 470 -21.20 19.68 -6.77
C GLY E 470 -22.15 20.07 -5.65
N HIS E 471 -22.17 21.34 -5.28
CA HIS E 471 -23.01 21.79 -4.17
C HIS E 471 -24.49 21.68 -4.49
N PHE E 472 -24.86 21.76 -5.77
CA PHE E 472 -26.25 21.64 -6.18
C PHE E 472 -26.64 20.22 -6.54
N ASN E 473 -25.73 19.26 -6.41
CA ASN E 473 -26.02 17.86 -6.71
C ASN E 473 -26.79 17.27 -5.55
N GLN E 474 -28.10 17.41 -5.59
CA GLN E 474 -28.99 17.02 -4.51
C GLN E 474 -29.63 15.66 -4.78
N VAL E 475 -29.85 14.91 -3.70
CA VAL E 475 -30.59 13.64 -3.81
C VAL E 475 -32.03 13.92 -4.21
N PRO E 476 -32.63 13.12 -5.08
CA PRO E 476 -34.02 13.38 -5.48
C PRO E 476 -34.95 13.39 -4.29
N GLU E 477 -35.99 14.21 -4.38
CA GLU E 477 -36.94 14.33 -3.29
C GLU E 477 -37.69 13.03 -3.03
N PHE E 478 -37.94 12.24 -4.07
CA PHE E 478 -38.70 11.00 -3.93
C PHE E 478 -37.81 9.79 -4.16
N PRO E 479 -38.05 8.68 -3.43
CA PRO E 479 -37.24 7.48 -3.65
C PRO E 479 -37.30 6.95 -5.07
N PHE E 480 -38.47 7.03 -5.71
CA PHE E 480 -38.65 6.63 -7.10
C PHE E 480 -39.19 7.83 -7.88
N PRO E 481 -38.47 8.33 -8.89
CA PRO E 481 -38.87 9.59 -9.53
C PRO E 481 -40.36 9.77 -9.78
N GLY E 482 -40.98 8.87 -10.53
CA GLY E 482 -42.37 9.03 -10.87
C GLY E 482 -43.36 8.55 -9.82
N ASP E 483 -42.88 8.06 -8.69
CA ASP E 483 -43.76 7.56 -7.63
C ASP E 483 -44.05 8.67 -6.62
N PRO E 484 -45.31 9.01 -6.36
CA PRO E 484 -45.58 10.07 -5.38
C PRO E 484 -45.31 9.65 -3.94
N ARG E 485 -45.39 8.35 -3.64
CA ARG E 485 -45.27 7.90 -2.26
C ARG E 485 -43.86 8.11 -1.72
N LYS E 486 -43.77 8.35 -0.42
CA LYS E 486 -42.48 8.61 0.22
C LYS E 486 -41.82 7.36 0.79
N TYR E 487 -42.57 6.27 0.98
CA TYR E 487 -42.00 5.02 1.49
C TYR E 487 -41.33 5.22 2.84
N VAL E 488 -42.04 5.81 3.78
CA VAL E 488 -41.53 5.97 5.14
C VAL E 488 -42.60 5.58 6.13
N PRO E 489 -42.24 5.10 7.33
CA PRO E 489 -43.24 4.70 8.33
C PRO E 489 -44.04 5.88 8.86
#